data_5BVT
# 
_entry.id   5BVT 
# 
_audit_conform.dict_name       mmcif_pdbx.dic 
_audit_conform.dict_version    5.387 
_audit_conform.dict_location   http://mmcif.pdb.org/dictionaries/ascii/mmcif_pdbx.dic 
# 
loop_
_database_2.database_id 
_database_2.database_code 
_database_2.pdbx_database_accession 
_database_2.pdbx_DOI 
PDB   5BVT         pdb_00005bvt 10.2210/pdb5bvt/pdb 
WWPDB D_1000210620 ?            ?                   
# 
loop_
_pdbx_audit_revision_history.ordinal 
_pdbx_audit_revision_history.data_content_type 
_pdbx_audit_revision_history.major_revision 
_pdbx_audit_revision_history.minor_revision 
_pdbx_audit_revision_history.revision_date 
1 'Structure model' 1 0 2015-08-05 
2 'Structure model' 1 1 2015-09-16 
3 'Structure model' 1 2 2024-03-20 
# 
_pdbx_audit_revision_details.ordinal             1 
_pdbx_audit_revision_details.revision_ordinal    1 
_pdbx_audit_revision_details.data_content_type   'Structure model' 
_pdbx_audit_revision_details.provider            repository 
_pdbx_audit_revision_details.type                'Initial release' 
_pdbx_audit_revision_details.description         ? 
_pdbx_audit_revision_details.details             ? 
# 
loop_
_pdbx_audit_revision_group.ordinal 
_pdbx_audit_revision_group.revision_ordinal 
_pdbx_audit_revision_group.data_content_type 
_pdbx_audit_revision_group.group 
1 2 'Structure model' 'Database references'  
2 3 'Structure model' 'Data collection'      
3 3 'Structure model' 'Database references'  
4 3 'Structure model' 'Derived calculations' 
# 
loop_
_pdbx_audit_revision_category.ordinal 
_pdbx_audit_revision_category.revision_ordinal 
_pdbx_audit_revision_category.data_content_type 
_pdbx_audit_revision_category.category 
1 3 'Structure model' chem_comp_atom        
2 3 'Structure model' chem_comp_bond        
3 3 'Structure model' citation              
4 3 'Structure model' database_2            
5 3 'Structure model' pdbx_struct_oper_list 
# 
loop_
_pdbx_audit_revision_item.ordinal 
_pdbx_audit_revision_item.revision_ordinal 
_pdbx_audit_revision_item.data_content_type 
_pdbx_audit_revision_item.item 
1 3 'Structure model' '_citation.journal_id_CSD'                  
2 3 'Structure model' '_database_2.pdbx_DOI'                      
3 3 'Structure model' '_database_2.pdbx_database_accession'       
4 3 'Structure model' '_pdbx_struct_oper_list.symmetry_operation' 
# 
_pdbx_database_status.status_code                     REL 
_pdbx_database_status.status_code_sf                  REL 
_pdbx_database_status.status_code_mr                  ? 
_pdbx_database_status.entry_id                        5BVT 
_pdbx_database_status.recvd_initial_deposition_date   2015-06-05 
_pdbx_database_status.SG_entry                        N 
_pdbx_database_status.deposit_site                    RCSB 
_pdbx_database_status.process_site                    PDBJ 
_pdbx_database_status.status_code_cs                  ? 
_pdbx_database_status.methods_development_category    ? 
_pdbx_database_status.pdb_format_compatible           Y 
_pdbx_database_status.status_code_nmr_data            ? 
# 
loop_
_pdbx_database_related.db_name 
_pdbx_database_related.details 
_pdbx_database_related.db_id 
_pdbx_database_related.content_type 
PDB . 5BVQ unspecified 
PDB . 5BVS unspecified 
# 
loop_
_audit_author.name 
_audit_author.pdbx_ordinal 
'Lee, J.H.' 1 
'Lee, C.W.' 2 
'Do, H.'    3 
# 
_citation.abstract                  ? 
_citation.abstract_id_CAS           ? 
_citation.book_id_ISBN              ? 
_citation.book_publisher            ? 
_citation.book_publisher_city       ? 
_citation.book_title                ? 
_citation.coordinate_linkage        ? 
_citation.country                   US 
_citation.database_id_Medline       ? 
_citation.details                   ? 
_citation.id                        primary 
_citation.journal_abbrev            Biochem.Biophys.Res.Commun. 
_citation.journal_id_ASTM           BBRCA9 
_citation.journal_id_CSD            0146 
_citation.journal_id_ISSN           1090-2104 
_citation.journal_full              ? 
_citation.journal_issue             ? 
_citation.journal_volume            465 
_citation.language                  ? 
_citation.page_first                12 
_citation.page_last                 18 
_citation.title                     
'Structural basis for the ligand-binding specificity of fatty acid-binding proteins (pFABP4 and pFABP5) in gentoo penguin' 
_citation.year                      2015 
_citation.database_id_CSD           ? 
_citation.pdbx_database_id_DOI      10.1016/j.bbrc.2015.07.087 
_citation.pdbx_database_id_PubMed   26206084 
_citation.unpublished_flag          ? 
# 
loop_
_citation_author.citation_id 
_citation_author.name 
_citation_author.ordinal 
_citation_author.identifier_ORCID 
primary 'Lee, C.W.'   1  ? 
primary 'Kim, J.E.'   2  ? 
primary 'Do, H.'      3  ? 
primary 'Kim, R.O.'   4  ? 
primary 'Lee, S.G.'   5  ? 
primary 'Park, H.H.'  6  ? 
primary 'Chang, J.H.' 7  ? 
primary 'Yim, J.H.'   8  ? 
primary 'Park, H.'    9  ? 
primary 'Kim, I.C.'   10 ? 
primary 'Lee, J.H.'   11 ? 
# 
loop_
_entity.id 
_entity.type 
_entity.src_method 
_entity.pdbx_description 
_entity.formula_weight 
_entity.pdbx_number_of_molecules 
_entity.pdbx_ec 
_entity.pdbx_mutation 
_entity.pdbx_fragment 
_entity.details 
1 polymer     man 'Epidermal fatty acid-binding protein' 15127.494 1  ? ? ? ? 
2 non-polymer syn 'PALMITOLEIC ACID'                     254.408   1  ? ? ? ? 
3 water       nat water                                  18.015    56 ? ? ? ? 
# 
_entity_poly.entity_id                      1 
_entity_poly.type                           'polypeptide(L)' 
_entity_poly.nstd_linkage                   no 
_entity_poly.nstd_monomer                   no 
_entity_poly.pdbx_seq_one_letter_code       
;MAIDAFLGKWCLISSEGFDEYMKELGVGMAMRKMGSMAKPDVYIIKDGDTITVKTESTFKTSQFSFKLGEKFEENTLDGR
KTQTLVSLKDDGSLIQEQEWDGKKTIITRKLVDGQLVVECDMNGIKCVRVYQKA
;
_entity_poly.pdbx_seq_one_letter_code_can   
;MAIDAFLGKWCLISSEGFDEYMKELGVGMAMRKMGSMAKPDVYIIKDGDTITVKTESTFKTSQFSFKLGEKFEENTLDGR
KTQTLVSLKDDGSLIQEQEWDGKKTIITRKLVDGQLVVECDMNGIKCVRVYQKA
;
_entity_poly.pdbx_strand_id                 A 
_entity_poly.pdbx_target_identifier         ? 
# 
loop_
_pdbx_entity_nonpoly.entity_id 
_pdbx_entity_nonpoly.name 
_pdbx_entity_nonpoly.comp_id 
2 'PALMITOLEIC ACID' PAM 
3 water              HOH 
# 
loop_
_entity_poly_seq.entity_id 
_entity_poly_seq.num 
_entity_poly_seq.mon_id 
_entity_poly_seq.hetero 
1 1   MET n 
1 2   ALA n 
1 3   ILE n 
1 4   ASP n 
1 5   ALA n 
1 6   PHE n 
1 7   LEU n 
1 8   GLY n 
1 9   LYS n 
1 10  TRP n 
1 11  CYS n 
1 12  LEU n 
1 13  ILE n 
1 14  SER n 
1 15  SER n 
1 16  GLU n 
1 17  GLY n 
1 18  PHE n 
1 19  ASP n 
1 20  GLU n 
1 21  TYR n 
1 22  MET n 
1 23  LYS n 
1 24  GLU n 
1 25  LEU n 
1 26  GLY n 
1 27  VAL n 
1 28  GLY n 
1 29  MET n 
1 30  ALA n 
1 31  MET n 
1 32  ARG n 
1 33  LYS n 
1 34  MET n 
1 35  GLY n 
1 36  SER n 
1 37  MET n 
1 38  ALA n 
1 39  LYS n 
1 40  PRO n 
1 41  ASP n 
1 42  VAL n 
1 43  TYR n 
1 44  ILE n 
1 45  ILE n 
1 46  LYS n 
1 47  ASP n 
1 48  GLY n 
1 49  ASP n 
1 50  THR n 
1 51  ILE n 
1 52  THR n 
1 53  VAL n 
1 54  LYS n 
1 55  THR n 
1 56  GLU n 
1 57  SER n 
1 58  THR n 
1 59  PHE n 
1 60  LYS n 
1 61  THR n 
1 62  SER n 
1 63  GLN n 
1 64  PHE n 
1 65  SER n 
1 66  PHE n 
1 67  LYS n 
1 68  LEU n 
1 69  GLY n 
1 70  GLU n 
1 71  LYS n 
1 72  PHE n 
1 73  GLU n 
1 74  GLU n 
1 75  ASN n 
1 76  THR n 
1 77  LEU n 
1 78  ASP n 
1 79  GLY n 
1 80  ARG n 
1 81  LYS n 
1 82  THR n 
1 83  GLN n 
1 84  THR n 
1 85  LEU n 
1 86  VAL n 
1 87  SER n 
1 88  LEU n 
1 89  LYS n 
1 90  ASP n 
1 91  ASP n 
1 92  GLY n 
1 93  SER n 
1 94  LEU n 
1 95  ILE n 
1 96  GLN n 
1 97  GLU n 
1 98  GLN n 
1 99  GLU n 
1 100 TRP n 
1 101 ASP n 
1 102 GLY n 
1 103 LYS n 
1 104 LYS n 
1 105 THR n 
1 106 ILE n 
1 107 ILE n 
1 108 THR n 
1 109 ARG n 
1 110 LYS n 
1 111 LEU n 
1 112 VAL n 
1 113 ASP n 
1 114 GLY n 
1 115 GLN n 
1 116 LEU n 
1 117 VAL n 
1 118 VAL n 
1 119 GLU n 
1 120 CYS n 
1 121 ASP n 
1 122 MET n 
1 123 ASN n 
1 124 GLY n 
1 125 ILE n 
1 126 LYS n 
1 127 CYS n 
1 128 VAL n 
1 129 ARG n 
1 130 VAL n 
1 131 TYR n 
1 132 GLN n 
1 133 LYS n 
1 134 ALA n 
# 
_entity_src_gen.entity_id                          1 
_entity_src_gen.pdbx_src_id                        1 
_entity_src_gen.pdbx_alt_source_flag               sample 
_entity_src_gen.pdbx_seq_type                      'Biological sequence' 
_entity_src_gen.pdbx_beg_seq_num                   1 
_entity_src_gen.pdbx_end_seq_num                   134 
_entity_src_gen.gene_src_common_name               ? 
_entity_src_gen.gene_src_genus                     ? 
_entity_src_gen.pdbx_gene_src_gene                 ? 
_entity_src_gen.gene_src_species                   ? 
_entity_src_gen.gene_src_strain                    ? 
_entity_src_gen.gene_src_tissue                    ? 
_entity_src_gen.gene_src_tissue_fraction           ? 
_entity_src_gen.gene_src_details                   ? 
_entity_src_gen.pdbx_gene_src_fragment             ? 
_entity_src_gen.pdbx_gene_src_scientific_name      'Pygoscelis papua' 
_entity_src_gen.pdbx_gene_src_ncbi_taxonomy_id     30457 
_entity_src_gen.pdbx_gene_src_variant              ? 
_entity_src_gen.pdbx_gene_src_cell_line            ? 
_entity_src_gen.pdbx_gene_src_atcc                 ? 
_entity_src_gen.pdbx_gene_src_organ                ? 
_entity_src_gen.pdbx_gene_src_organelle            ? 
_entity_src_gen.pdbx_gene_src_cell                 ? 
_entity_src_gen.pdbx_gene_src_cellular_location    ? 
_entity_src_gen.host_org_common_name               ? 
_entity_src_gen.pdbx_host_org_scientific_name      'Escherichia coli' 
_entity_src_gen.pdbx_host_org_ncbi_taxonomy_id     562 
_entity_src_gen.host_org_genus                     ? 
_entity_src_gen.pdbx_host_org_gene                 ? 
_entity_src_gen.pdbx_host_org_organ                ? 
_entity_src_gen.host_org_species                   ? 
_entity_src_gen.pdbx_host_org_tissue               ? 
_entity_src_gen.pdbx_host_org_tissue_fraction      ? 
_entity_src_gen.pdbx_host_org_strain               ? 
_entity_src_gen.pdbx_host_org_variant              ? 
_entity_src_gen.pdbx_host_org_cell_line            ? 
_entity_src_gen.pdbx_host_org_atcc                 ? 
_entity_src_gen.pdbx_host_org_culture_collection   ? 
_entity_src_gen.pdbx_host_org_cell                 ? 
_entity_src_gen.pdbx_host_org_organelle            ? 
_entity_src_gen.pdbx_host_org_cellular_location    ? 
_entity_src_gen.pdbx_host_org_vector_type          Plasmid 
_entity_src_gen.pdbx_host_org_vector               ? 
_entity_src_gen.host_org_details                   ? 
_entity_src_gen.expression_system_id               ? 
_entity_src_gen.plasmid_name                       ? 
_entity_src_gen.plasmid_details                    ? 
_entity_src_gen.pdbx_description                   ? 
# 
loop_
_chem_comp.id 
_chem_comp.type 
_chem_comp.mon_nstd_flag 
_chem_comp.name 
_chem_comp.pdbx_synonyms 
_chem_comp.formula 
_chem_comp.formula_weight 
ALA 'L-peptide linking' y ALANINE            ? 'C3 H7 N O2'     89.093  
ARG 'L-peptide linking' y ARGININE           ? 'C6 H15 N4 O2 1' 175.209 
ASN 'L-peptide linking' y ASPARAGINE         ? 'C4 H8 N2 O3'    132.118 
ASP 'L-peptide linking' y 'ASPARTIC ACID'    ? 'C4 H7 N O4'     133.103 
CYS 'L-peptide linking' y CYSTEINE           ? 'C3 H7 N O2 S'   121.158 
GLN 'L-peptide linking' y GLUTAMINE          ? 'C5 H10 N2 O3'   146.144 
GLU 'L-peptide linking' y 'GLUTAMIC ACID'    ? 'C5 H9 N O4'     147.129 
GLY 'peptide linking'   y GLYCINE            ? 'C2 H5 N O2'     75.067  
HOH non-polymer         . WATER              ? 'H2 O'           18.015  
ILE 'L-peptide linking' y ISOLEUCINE         ? 'C6 H13 N O2'    131.173 
LEU 'L-peptide linking' y LEUCINE            ? 'C6 H13 N O2'    131.173 
LYS 'L-peptide linking' y LYSINE             ? 'C6 H15 N2 O2 1' 147.195 
MET 'L-peptide linking' y METHIONINE         ? 'C5 H11 N O2 S'  149.211 
PAM non-polymer         . 'PALMITOLEIC ACID' ? 'C16 H30 O2'     254.408 
PHE 'L-peptide linking' y PHENYLALANINE      ? 'C9 H11 N O2'    165.189 
PRO 'L-peptide linking' y PROLINE            ? 'C5 H9 N O2'     115.130 
SER 'L-peptide linking' y SERINE             ? 'C3 H7 N O3'     105.093 
THR 'L-peptide linking' y THREONINE          ? 'C4 H9 N O3'     119.119 
TRP 'L-peptide linking' y TRYPTOPHAN         ? 'C11 H12 N2 O2'  204.225 
TYR 'L-peptide linking' y TYROSINE           ? 'C9 H11 N O3'    181.189 
VAL 'L-peptide linking' y VALINE             ? 'C5 H11 N O2'    117.146 
# 
loop_
_pdbx_poly_seq_scheme.asym_id 
_pdbx_poly_seq_scheme.entity_id 
_pdbx_poly_seq_scheme.seq_id 
_pdbx_poly_seq_scheme.mon_id 
_pdbx_poly_seq_scheme.ndb_seq_num 
_pdbx_poly_seq_scheme.pdb_seq_num 
_pdbx_poly_seq_scheme.auth_seq_num 
_pdbx_poly_seq_scheme.pdb_mon_id 
_pdbx_poly_seq_scheme.auth_mon_id 
_pdbx_poly_seq_scheme.pdb_strand_id 
_pdbx_poly_seq_scheme.pdb_ins_code 
_pdbx_poly_seq_scheme.hetero 
A 1 1   MET 1   2   2   MET MET A . n 
A 1 2   ALA 2   3   3   ALA ALA A . n 
A 1 3   ILE 3   4   4   ILE ILE A . n 
A 1 4   ASP 4   5   5   ASP ASP A . n 
A 1 5   ALA 5   6   6   ALA ALA A . n 
A 1 6   PHE 6   7   7   PHE PHE A . n 
A 1 7   LEU 7   8   8   LEU LEU A . n 
A 1 8   GLY 8   9   9   GLY GLY A . n 
A 1 9   LYS 9   10  10  LYS LYS A . n 
A 1 10  TRP 10  11  11  TRP TRP A . n 
A 1 11  CYS 11  12  12  CYS CYS A . n 
A 1 12  LEU 12  13  13  LEU LEU A . n 
A 1 13  ILE 13  14  14  ILE ILE A . n 
A 1 14  SER 14  15  15  SER SER A . n 
A 1 15  SER 15  16  16  SER SER A . n 
A 1 16  GLU 16  17  17  GLU GLU A . n 
A 1 17  GLY 17  18  18  GLY GLY A . n 
A 1 18  PHE 18  19  19  PHE PHE A . n 
A 1 19  ASP 19  20  20  ASP ASP A . n 
A 1 20  GLU 20  21  21  GLU GLU A . n 
A 1 21  TYR 21  22  22  TYR TYR A . n 
A 1 22  MET 22  23  23  MET MET A . n 
A 1 23  LYS 23  24  24  LYS LYS A . n 
A 1 24  GLU 24  25  25  GLU GLU A . n 
A 1 25  LEU 25  26  26  LEU LEU A . n 
A 1 26  GLY 26  27  27  GLY GLY A . n 
A 1 27  VAL 27  28  28  VAL VAL A . n 
A 1 28  GLY 28  29  29  GLY GLY A . n 
A 1 29  MET 29  30  30  MET MET A . n 
A 1 30  ALA 30  31  31  ALA ALA A . n 
A 1 31  MET 31  32  32  MET MET A . n 
A 1 32  ARG 32  33  33  ARG ARG A . n 
A 1 33  LYS 33  34  34  LYS LYS A . n 
A 1 34  MET 34  35  35  MET MET A . n 
A 1 35  GLY 35  36  36  GLY GLY A . n 
A 1 36  SER 36  37  37  SER SER A . n 
A 1 37  MET 37  38  38  MET MET A . n 
A 1 38  ALA 38  39  39  ALA ALA A . n 
A 1 39  LYS 39  40  40  LYS LYS A . n 
A 1 40  PRO 40  41  41  PRO PRO A . n 
A 1 41  ASP 41  42  42  ASP ASP A . n 
A 1 42  VAL 42  43  43  VAL VAL A . n 
A 1 43  TYR 43  44  44  TYR TYR A . n 
A 1 44  ILE 44  45  45  ILE ILE A . n 
A 1 45  ILE 45  46  46  ILE ILE A . n 
A 1 46  LYS 46  47  47  LYS LYS A . n 
A 1 47  ASP 47  48  48  ASP ASP A . n 
A 1 48  GLY 48  49  49  GLY GLY A . n 
A 1 49  ASP 49  50  50  ASP ASP A . n 
A 1 50  THR 50  51  51  THR THR A . n 
A 1 51  ILE 51  52  52  ILE ILE A . n 
A 1 52  THR 52  53  53  THR THR A . n 
A 1 53  VAL 53  54  54  VAL VAL A . n 
A 1 54  LYS 54  55  55  LYS LYS A . n 
A 1 55  THR 55  56  56  THR THR A . n 
A 1 56  GLU 56  57  57  GLU GLU A . n 
A 1 57  SER 57  58  58  SER SER A . n 
A 1 58  THR 58  59  59  THR THR A . n 
A 1 59  PHE 59  60  60  PHE PHE A . n 
A 1 60  LYS 60  61  61  LYS LYS A . n 
A 1 61  THR 61  62  62  THR THR A . n 
A 1 62  SER 62  63  63  SER SER A . n 
A 1 63  GLN 63  64  64  GLN GLN A . n 
A 1 64  PHE 64  65  65  PHE PHE A . n 
A 1 65  SER 65  66  66  SER SER A . n 
A 1 66  PHE 66  67  67  PHE PHE A . n 
A 1 67  LYS 67  68  68  LYS LYS A . n 
A 1 68  LEU 68  69  69  LEU LEU A . n 
A 1 69  GLY 69  70  70  GLY GLY A . n 
A 1 70  GLU 70  71  71  GLU GLU A . n 
A 1 71  LYS 71  72  72  LYS LYS A . n 
A 1 72  PHE 72  73  73  PHE PHE A . n 
A 1 73  GLU 73  74  74  GLU GLU A . n 
A 1 74  GLU 74  75  75  GLU GLU A . n 
A 1 75  ASN 75  76  76  ASN ASN A . n 
A 1 76  THR 76  77  77  THR THR A . n 
A 1 77  LEU 77  78  78  LEU LEU A . n 
A 1 78  ASP 78  79  79  ASP ASP A . n 
A 1 79  GLY 79  80  80  GLY GLY A . n 
A 1 80  ARG 80  81  81  ARG ARG A . n 
A 1 81  LYS 81  82  82  LYS LYS A . n 
A 1 82  THR 82  83  83  THR THR A . n 
A 1 83  GLN 83  84  84  GLN GLN A . n 
A 1 84  THR 84  85  85  THR THR A . n 
A 1 85  LEU 85  86  86  LEU LEU A . n 
A 1 86  VAL 86  87  87  VAL VAL A . n 
A 1 87  SER 87  88  88  SER SER A . n 
A 1 88  LEU 88  89  89  LEU LEU A . n 
A 1 89  LYS 89  90  90  LYS LYS A . n 
A 1 90  ASP 90  91  91  ASP ASP A . n 
A 1 91  ASP 91  92  92  ASP ASP A . n 
A 1 92  GLY 92  93  93  GLY GLY A . n 
A 1 93  SER 93  94  94  SER SER A . n 
A 1 94  LEU 94  95  95  LEU LEU A . n 
A 1 95  ILE 95  96  96  ILE ILE A . n 
A 1 96  GLN 96  97  97  GLN GLN A . n 
A 1 97  GLU 97  98  98  GLU GLU A . n 
A 1 98  GLN 98  99  99  GLN GLN A . n 
A 1 99  GLU 99  100 100 GLU GLU A . n 
A 1 100 TRP 100 101 101 TRP TRP A . n 
A 1 101 ASP 101 102 102 ASP ASP A . n 
A 1 102 GLY 102 103 103 GLY GLY A . n 
A 1 103 LYS 103 104 104 LYS LYS A . n 
A 1 104 LYS 104 105 105 LYS LYS A . n 
A 1 105 THR 105 106 106 THR THR A . n 
A 1 106 ILE 106 107 107 ILE ILE A . n 
A 1 107 ILE 107 108 108 ILE ILE A . n 
A 1 108 THR 108 109 109 THR THR A . n 
A 1 109 ARG 109 110 110 ARG ARG A . n 
A 1 110 LYS 110 111 111 LYS LYS A . n 
A 1 111 LEU 111 112 112 LEU LEU A . n 
A 1 112 VAL 112 113 113 VAL VAL A . n 
A 1 113 ASP 113 114 114 ASP ASP A . n 
A 1 114 GLY 114 115 115 GLY GLY A . n 
A 1 115 GLN 115 116 116 GLN GLN A . n 
A 1 116 LEU 116 117 117 LEU LEU A . n 
A 1 117 VAL 117 118 118 VAL VAL A . n 
A 1 118 VAL 118 119 119 VAL VAL A . n 
A 1 119 GLU 119 120 120 GLU GLU A . n 
A 1 120 CYS 120 121 121 CYS CYS A . n 
A 1 121 ASP 121 122 122 ASP ASP A . n 
A 1 122 MET 122 123 123 MET MET A . n 
A 1 123 ASN 123 124 124 ASN ASN A . n 
A 1 124 GLY 124 125 125 GLY GLY A . n 
A 1 125 ILE 125 126 126 ILE ILE A . n 
A 1 126 LYS 126 127 127 LYS LYS A . n 
A 1 127 CYS 127 128 128 CYS CYS A . n 
A 1 128 VAL 128 129 129 VAL VAL A . n 
A 1 129 ARG 129 130 130 ARG ARG A . n 
A 1 130 VAL 130 131 131 VAL VAL A . n 
A 1 131 TYR 131 132 132 TYR TYR A . n 
A 1 132 GLN 132 133 133 GLN GLN A . n 
A 1 133 LYS 133 134 134 LYS LYS A . n 
A 1 134 ALA 134 135 135 ALA ALA A . n 
# 
loop_
_pdbx_nonpoly_scheme.asym_id 
_pdbx_nonpoly_scheme.entity_id 
_pdbx_nonpoly_scheme.mon_id 
_pdbx_nonpoly_scheme.ndb_seq_num 
_pdbx_nonpoly_scheme.pdb_seq_num 
_pdbx_nonpoly_scheme.auth_seq_num 
_pdbx_nonpoly_scheme.pdb_mon_id 
_pdbx_nonpoly_scheme.auth_mon_id 
_pdbx_nonpoly_scheme.pdb_strand_id 
_pdbx_nonpoly_scheme.pdb_ins_code 
B 2 PAM 1  201 2  PAM PAM A . 
C 3 HOH 1  301 89 HOH HOH A . 
C 3 HOH 2  302 6  HOH HOH A . 
C 3 HOH 3  303 80 HOH HOH A . 
C 3 HOH 4  304 75 HOH HOH A . 
C 3 HOH 5  305 72 HOH HOH A . 
C 3 HOH 6  306 82 HOH HOH A . 
C 3 HOH 7  307 69 HOH HOH A . 
C 3 HOH 8  308 47 HOH HOH A . 
C 3 HOH 9  309 11 HOH HOH A . 
C 3 HOH 10 310 8  HOH HOH A . 
C 3 HOH 11 311 34 HOH HOH A . 
C 3 HOH 12 312 31 HOH HOH A . 
C 3 HOH 13 313 68 HOH HOH A . 
C 3 HOH 14 314 83 HOH HOH A . 
C 3 HOH 15 315 15 HOH HOH A . 
C 3 HOH 16 316 87 HOH HOH A . 
C 3 HOH 17 317 12 HOH HOH A . 
C 3 HOH 18 318 32 HOH HOH A . 
C 3 HOH 19 319 86 HOH HOH A . 
C 3 HOH 20 320 76 HOH HOH A . 
C 3 HOH 21 321 13 HOH HOH A . 
C 3 HOH 22 322 73 HOH HOH A . 
C 3 HOH 23 323 88 HOH HOH A . 
C 3 HOH 24 324 33 HOH HOH A . 
C 3 HOH 25 325 4  HOH HOH A . 
C 3 HOH 26 326 28 HOH HOH A . 
C 3 HOH 27 327 1  HOH HOH A . 
C 3 HOH 28 328 81 HOH HOH A . 
C 3 HOH 29 329 48 HOH HOH A . 
C 3 HOH 30 330 2  HOH HOH A . 
C 3 HOH 31 331 92 HOH HOH A . 
C 3 HOH 32 332 26 HOH HOH A . 
C 3 HOH 33 333 84 HOH HOH A . 
C 3 HOH 34 334 14 HOH HOH A . 
C 3 HOH 35 335 74 HOH HOH A . 
C 3 HOH 36 336 79 HOH HOH A . 
C 3 HOH 37 337 70 HOH HOH A . 
C 3 HOH 38 338 30 HOH HOH A . 
C 3 HOH 39 339 85 HOH HOH A . 
C 3 HOH 40 340 16 HOH HOH A . 
C 3 HOH 41 341 5  HOH HOH A . 
C 3 HOH 42 342 18 HOH HOH A . 
C 3 HOH 43 343 54 HOH HOH A . 
C 3 HOH 44 344 71 HOH HOH A . 
C 3 HOH 45 345 19 HOH HOH A . 
C 3 HOH 46 346 93 HOH HOH A . 
C 3 HOH 47 347 21 HOH HOH A . 
C 3 HOH 48 348 7  HOH HOH A . 
C 3 HOH 49 349 9  HOH HOH A . 
C 3 HOH 50 350 78 HOH HOH A . 
C 3 HOH 51 351 61 HOH HOH A . 
C 3 HOH 52 352 90 HOH HOH A . 
C 3 HOH 53 353 17 HOH HOH A . 
C 3 HOH 54 354 91 HOH HOH A . 
C 3 HOH 55 355 77 HOH HOH A . 
C 3 HOH 56 356 67 HOH HOH A . 
# 
loop_
_software.citation_id 
_software.classification 
_software.compiler_name 
_software.compiler_version 
_software.contact_author 
_software.contact_author_email 
_software.date 
_software.description 
_software.dependencies 
_software.hardware 
_software.language 
_software.location 
_software.mods 
_software.name 
_software.os 
_software.os_version 
_software.type 
_software.version 
_software.pdbx_ordinal 
? refinement        ? ? ? ? ? ? ? ? ? ? ? REFMAC   ? ? ? 5.8.0049 1 
? 'data processing' ? ? ? ? ? ? ? ? ? ? ? HKL-2000 ? ? ? .        2 
? 'model building'  ? ? ? ? ? ? ? ? ? ? ? Coot     ? ? ? .        3 
# 
_cell.angle_alpha                  90.00 
_cell.angle_alpha_esd              ? 
_cell.angle_beta                   113.01 
_cell.angle_beta_esd               ? 
_cell.angle_gamma                  90.00 
_cell.angle_gamma_esd              ? 
_cell.entry_id                     5BVT 
_cell.details                      ? 
_cell.formula_units_Z              ? 
_cell.length_a                     29.497 
_cell.length_a_esd                 ? 
_cell.length_b                     60.250 
_cell.length_b_esd                 ? 
_cell.length_c                     35.732 
_cell.length_c_esd                 ? 
_cell.volume                       ? 
_cell.volume_esd                   ? 
_cell.Z_PDB                        2 
_cell.reciprocal_angle_alpha       ? 
_cell.reciprocal_angle_beta        ? 
_cell.reciprocal_angle_gamma       ? 
_cell.reciprocal_angle_alpha_esd   ? 
_cell.reciprocal_angle_beta_esd    ? 
_cell.reciprocal_angle_gamma_esd   ? 
_cell.reciprocal_length_a          ? 
_cell.reciprocal_length_b          ? 
_cell.reciprocal_length_c          ? 
_cell.reciprocal_length_a_esd      ? 
_cell.reciprocal_length_b_esd      ? 
_cell.reciprocal_length_c_esd      ? 
_cell.pdbx_unique_axis             ? 
# 
_symmetry.entry_id                         5BVT 
_symmetry.cell_setting                     ? 
_symmetry.Int_Tables_number                4 
_symmetry.space_group_name_Hall            ? 
_symmetry.space_group_name_H-M             'P 1 21 1' 
_symmetry.pdbx_full_space_group_name_H-M   ? 
# 
_exptl.absorpt_coefficient_mu     ? 
_exptl.absorpt_correction_T_max   ? 
_exptl.absorpt_correction_T_min   ? 
_exptl.absorpt_correction_type    ? 
_exptl.absorpt_process_details    ? 
_exptl.entry_id                   5BVT 
_exptl.crystals_number            1 
_exptl.details                    ? 
_exptl.method                     'X-RAY DIFFRACTION' 
_exptl.method_details             ? 
# 
_exptl_crystal.colour                      ? 
_exptl_crystal.density_diffrn              ? 
_exptl_crystal.density_Matthews            1.93 
_exptl_crystal.density_method              ? 
_exptl_crystal.density_percent_sol         36.33 
_exptl_crystal.description                 ? 
_exptl_crystal.F_000                       ? 
_exptl_crystal.id                          1 
_exptl_crystal.preparation                 ? 
_exptl_crystal.size_max                    ? 
_exptl_crystal.size_mid                    ? 
_exptl_crystal.size_min                    ? 
_exptl_crystal.size_rad                    ? 
_exptl_crystal.colour_lustre               ? 
_exptl_crystal.colour_modifier             ? 
_exptl_crystal.colour_primary              ? 
_exptl_crystal.density_meas                ? 
_exptl_crystal.density_meas_esd            ? 
_exptl_crystal.density_meas_gt             ? 
_exptl_crystal.density_meas_lt             ? 
_exptl_crystal.density_meas_temp           ? 
_exptl_crystal.density_meas_temp_esd       ? 
_exptl_crystal.density_meas_temp_gt        ? 
_exptl_crystal.density_meas_temp_lt        ? 
_exptl_crystal.pdbx_crystal_image_url      ? 
_exptl_crystal.pdbx_crystal_image_format   ? 
_exptl_crystal.pdbx_mosaicity              ? 
_exptl_crystal.pdbx_mosaicity_esd          ? 
# 
_exptl_crystal_grow.apparatus       ? 
_exptl_crystal_grow.atmosphere      ? 
_exptl_crystal_grow.crystal_id      1 
_exptl_crystal_grow.details         ? 
_exptl_crystal_grow.method          'VAPOR DIFFUSION, HANGING DROP' 
_exptl_crystal_grow.method_ref      ? 
_exptl_crystal_grow.pH              ? 
_exptl_crystal_grow.pressure        ? 
_exptl_crystal_grow.pressure_esd    ? 
_exptl_crystal_grow.seeding         ? 
_exptl_crystal_grow.seeding_ref     ? 
_exptl_crystal_grow.temp            293 
_exptl_crystal_grow.temp_details    ? 
_exptl_crystal_grow.temp_esd        ? 
_exptl_crystal_grow.time            ? 
_exptl_crystal_grow.pdbx_details    '0.2 M magnesium chloride, 0.1 M Tris (pH 8.5), 30% (w/v) PEG 4000' 
_exptl_crystal_grow.pdbx_pH_range   ? 
# 
_diffrn.ambient_environment    ? 
_diffrn.ambient_temp           100 
_diffrn.ambient_temp_details   ? 
_diffrn.ambient_temp_esd       ? 
_diffrn.crystal_id             1 
_diffrn.crystal_support        ? 
_diffrn.crystal_treatment      ? 
_diffrn.details                ? 
_diffrn.id                     1 
_diffrn.ambient_pressure       ? 
_diffrn.ambient_pressure_esd   ? 
_diffrn.ambient_pressure_gt    ? 
_diffrn.ambient_pressure_lt    ? 
_diffrn.ambient_temp_gt        ? 
_diffrn.ambient_temp_lt        ? 
# 
_diffrn_detector.details                      ? 
_diffrn_detector.detector                     CCD 
_diffrn_detector.diffrn_id                    1 
_diffrn_detector.type                         'ADSC QUANTUM 315r' 
_diffrn_detector.area_resol_mean              ? 
_diffrn_detector.dtime                        ? 
_diffrn_detector.pdbx_frames_total            ? 
_diffrn_detector.pdbx_collection_time_total   ? 
_diffrn_detector.pdbx_collection_date         2014-12-06 
# 
_diffrn_radiation.collimation                      ? 
_diffrn_radiation.diffrn_id                        1 
_diffrn_radiation.filter_edge                      ? 
_diffrn_radiation.inhomogeneity                    ? 
_diffrn_radiation.monochromator                    ? 
_diffrn_radiation.polarisn_norm                    ? 
_diffrn_radiation.polarisn_ratio                   ? 
_diffrn_radiation.probe                            ? 
_diffrn_radiation.type                             ? 
_diffrn_radiation.xray_symbol                      ? 
_diffrn_radiation.wavelength_id                    1 
_diffrn_radiation.pdbx_monochromatic_or_laue_m_l   M 
_diffrn_radiation.pdbx_wavelength_list             ? 
_diffrn_radiation.pdbx_wavelength                  ? 
_diffrn_radiation.pdbx_diffrn_protocol             'SINGLE WAVELENGTH' 
_diffrn_radiation.pdbx_analyzer                    ? 
_diffrn_radiation.pdbx_scattering_type             x-ray 
# 
_diffrn_radiation_wavelength.id           1 
_diffrn_radiation_wavelength.wavelength   0.9793 
_diffrn_radiation_wavelength.wt           1.0 
# 
_diffrn_source.current                     ? 
_diffrn_source.details                     ? 
_diffrn_source.diffrn_id                   1 
_diffrn_source.power                       ? 
_diffrn_source.size                        ? 
_diffrn_source.source                      SYNCHROTRON 
_diffrn_source.target                      ? 
_diffrn_source.type                        'PAL/PLS BEAMLINE 7A (6B, 6C1)' 
_diffrn_source.voltage                     ? 
_diffrn_source.take-off_angle              ? 
_diffrn_source.pdbx_wavelength_list        0.9793 
_diffrn_source.pdbx_wavelength             ? 
_diffrn_source.pdbx_synchrotron_beamline   '7A (6B, 6C1)' 
_diffrn_source.pdbx_synchrotron_site       PAL/PLS 
# 
_reflns.B_iso_Wilson_estimate            ? 
_reflns.entry_id                         5BVT 
_reflns.data_reduction_details           ? 
_reflns.data_reduction_method            ? 
_reflns.d_resolution_high                2.30 
_reflns.d_resolution_low                 50.0 
_reflns.details                          ? 
_reflns.limit_h_max                      ? 
_reflns.limit_h_min                      ? 
_reflns.limit_k_max                      ? 
_reflns.limit_k_min                      ? 
_reflns.limit_l_max                      ? 
_reflns.limit_l_min                      ? 
_reflns.number_all                       ? 
_reflns.number_obs                       4997 
_reflns.observed_criterion               ? 
_reflns.observed_criterion_F_max         ? 
_reflns.observed_criterion_F_min         ? 
_reflns.observed_criterion_I_max         ? 
_reflns.observed_criterion_I_min         ? 
_reflns.observed_criterion_sigma_F       ? 
_reflns.observed_criterion_sigma_I       ? 
_reflns.percent_possible_obs             97.6 
_reflns.R_free_details                   ? 
_reflns.Rmerge_F_all                     ? 
_reflns.Rmerge_F_obs                     ? 
_reflns.Friedel_coverage                 ? 
_reflns.number_gt                        ? 
_reflns.threshold_expression             ? 
_reflns.pdbx_redundancy                  7.5 
_reflns.pdbx_Rmerge_I_obs                ? 
_reflns.pdbx_Rmerge_I_all                ? 
_reflns.pdbx_Rsym_value                  ? 
_reflns.pdbx_netI_over_av_sigmaI         ? 
_reflns.pdbx_netI_over_sigmaI            61.3 
_reflns.pdbx_res_netI_over_av_sigmaI_2   ? 
_reflns.pdbx_res_netI_over_sigmaI_2      ? 
_reflns.pdbx_chi_squared                 ? 
_reflns.pdbx_scaling_rejects             ? 
_reflns.pdbx_d_res_high_opt              ? 
_reflns.pdbx_d_res_low_opt               ? 
_reflns.pdbx_d_res_opt_method            ? 
_reflns.phase_calculation_details        ? 
_reflns.pdbx_Rrim_I_all                  ? 
_reflns.pdbx_Rpim_I_all                  ? 
_reflns.pdbx_d_opt                       ? 
_reflns.pdbx_number_measured_all         ? 
_reflns.pdbx_diffrn_id                   1 
_reflns.pdbx_ordinal                     1 
_reflns.pdbx_CC_half                     ? 
_reflns.pdbx_R_split                     ? 
# 
_refine.aniso_B[1][1]                            0.01 
_refine.aniso_B[1][2]                            -0.00 
_refine.aniso_B[1][3]                            0.04 
_refine.aniso_B[2][2]                            -0.03 
_refine.aniso_B[2][3]                            -0.00 
_refine.aniso_B[3][3]                            -0.02 
_refine.B_iso_max                                ? 
_refine.B_iso_mean                               32.062 
_refine.B_iso_min                                ? 
_refine.correlation_coeff_Fo_to_Fc               0.954 
_refine.correlation_coeff_Fo_to_Fc_free          0.873 
_refine.details                                  'HYDROGENS HAVE BEEN ADDED IN THE RIDING POSITIONS' 
_refine.diff_density_max                         ? 
_refine.diff_density_max_esd                     ? 
_refine.diff_density_min                         ? 
_refine.diff_density_min_esd                     ? 
_refine.diff_density_rms                         ? 
_refine.diff_density_rms_esd                     ? 
_refine.entry_id                                 5BVT 
_refine.pdbx_refine_id                           'X-RAY DIFFRACTION' 
_refine.ls_abs_structure_details                 ? 
_refine.ls_abs_structure_Flack                   ? 
_refine.ls_abs_structure_Flack_esd               ? 
_refine.ls_abs_structure_Rogers                  ? 
_refine.ls_abs_structure_Rogers_esd              ? 
_refine.ls_d_res_high                            2.31 
_refine.ls_d_res_low                             32.89 
_refine.ls_extinction_coef                       ? 
_refine.ls_extinction_coef_esd                   ? 
_refine.ls_extinction_expression                 ? 
_refine.ls_extinction_method                     ? 
_refine.ls_goodness_of_fit_all                   ? 
_refine.ls_goodness_of_fit_all_esd               ? 
_refine.ls_goodness_of_fit_obs                   ? 
_refine.ls_goodness_of_fit_obs_esd               ? 
_refine.ls_hydrogen_treatment                    ? 
_refine.ls_matrix_type                           ? 
_refine.ls_number_constraints                    ? 
_refine.ls_number_parameters                     ? 
_refine.ls_number_reflns_all                     ? 
_refine.ls_number_reflns_obs                     4753 
_refine.ls_number_reflns_R_free                  231 
_refine.ls_number_reflns_R_work                  ? 
_refine.ls_number_restraints                     ? 
_refine.ls_percent_reflns_obs                    97.34 
_refine.ls_percent_reflns_R_free                 4.6 
_refine.ls_R_factor_all                          ? 
_refine.ls_R_factor_obs                          0.17500 
_refine.ls_R_factor_R_free                       0.26912 
_refine.ls_R_factor_R_free_error                 ? 
_refine.ls_R_factor_R_free_error_details         ? 
_refine.ls_R_factor_R_work                       0.17038 
_refine.ls_R_Fsqd_factor_obs                     ? 
_refine.ls_R_I_factor_obs                        ? 
_refine.ls_redundancy_reflns_all                 ? 
_refine.ls_redundancy_reflns_obs                 ? 
_refine.ls_restrained_S_all                      ? 
_refine.ls_restrained_S_obs                      ? 
_refine.ls_shift_over_esd_max                    ? 
_refine.ls_shift_over_esd_mean                   ? 
_refine.ls_structure_factor_coef                 ? 
_refine.ls_weighting_details                     ? 
_refine.ls_weighting_scheme                      ? 
_refine.ls_wR_factor_all                         ? 
_refine.ls_wR_factor_obs                         ? 
_refine.ls_wR_factor_R_free                      ? 
_refine.ls_wR_factor_R_work                      ? 
_refine.occupancy_max                            ? 
_refine.occupancy_min                            ? 
_refine.solvent_model_details                    MASK 
_refine.solvent_model_param_bsol                 ? 
_refine.solvent_model_param_ksol                 ? 
_refine.ls_R_factor_gt                           ? 
_refine.ls_goodness_of_fit_gt                    ? 
_refine.ls_goodness_of_fit_ref                   ? 
_refine.ls_shift_over_su_max                     ? 
_refine.ls_shift_over_su_max_lt                  ? 
_refine.ls_shift_over_su_mean                    ? 
_refine.ls_shift_over_su_mean_lt                 ? 
_refine.pdbx_ls_sigma_I                          ? 
_refine.pdbx_ls_sigma_F                          ? 
_refine.pdbx_ls_sigma_Fsqd                       ? 
_refine.pdbx_data_cutoff_high_absF               ? 
_refine.pdbx_data_cutoff_high_rms_absF           ? 
_refine.pdbx_data_cutoff_low_absF                ? 
_refine.pdbx_isotropic_thermal_model             ? 
_refine.pdbx_ls_cross_valid_method               THROUGHOUT 
_refine.pdbx_method_to_determine_struct          ? 
_refine.pdbx_starting_model                      ? 
_refine.pdbx_stereochemistry_target_values       'MAXIMUM LIKELIHOOD' 
_refine.pdbx_R_Free_selection_details            RANDOM 
_refine.pdbx_stereochem_target_val_spec_case     ? 
_refine.pdbx_overall_ESU_R                       0.865 
_refine.pdbx_overall_ESU_R_Free                  0.310 
_refine.pdbx_solvent_vdw_probe_radii             1.20 
_refine.pdbx_solvent_ion_probe_radii             0.80 
_refine.pdbx_solvent_shrinkage_radii             0.80 
_refine.pdbx_real_space_R                        ? 
_refine.pdbx_density_correlation                 ? 
_refine.pdbx_pd_number_of_powder_patterns        ? 
_refine.pdbx_pd_number_of_points                 ? 
_refine.pdbx_pd_meas_number_of_points            ? 
_refine.pdbx_pd_proc_ls_prof_R_factor            ? 
_refine.pdbx_pd_proc_ls_prof_wR_factor           ? 
_refine.pdbx_pd_Marquardt_correlation_coeff      ? 
_refine.pdbx_pd_Fsqrd_R_factor                   ? 
_refine.pdbx_pd_ls_matrix_band_width             ? 
_refine.pdbx_overall_phase_error                 ? 
_refine.pdbx_overall_SU_R_free_Cruickshank_DPI   ? 
_refine.pdbx_overall_SU_R_free_Blow_DPI          ? 
_refine.pdbx_overall_SU_R_Blow_DPI               ? 
_refine.pdbx_TLS_residual_ADP_flag               ? 
_refine.pdbx_diffrn_id                           1 
_refine.overall_SU_B                             9.157 
_refine.overall_SU_ML                            0.222 
_refine.overall_SU_R_Cruickshank_DPI             ? 
_refine.overall_SU_R_free                        ? 
_refine.overall_FOM_free_R_set                   ? 
_refine.overall_FOM_work_R_set                   ? 
_refine.pdbx_average_fsc_overall                 ? 
_refine.pdbx_average_fsc_work                    ? 
_refine.pdbx_average_fsc_free                    ? 
# 
_refine_hist.pdbx_refine_id                   'X-RAY DIFFRACTION' 
_refine_hist.cycle_id                         1 
_refine_hist.pdbx_number_atoms_protein        1053 
_refine_hist.pdbx_number_atoms_nucleic_acid   0 
_refine_hist.pdbx_number_atoms_ligand         18 
_refine_hist.number_atoms_solvent             56 
_refine_hist.number_atoms_total               1127 
_refine_hist.d_res_high                       2.31 
_refine_hist.d_res_low                        32.89 
# 
loop_
_refine_ls_restr.pdbx_refine_id 
_refine_ls_restr.criterion 
_refine_ls_restr.dev_ideal 
_refine_ls_restr.dev_ideal_target 
_refine_ls_restr.number 
_refine_ls_restr.rejects 
_refine_ls_restr.type 
_refine_ls_restr.weight 
_refine_ls_restr.pdbx_restraint_function 
'X-RAY DIFFRACTION' ? 0.012  0.020  1083 ? r_bond_refined_d             ? ? 
'X-RAY DIFFRACTION' ? 0.001  0.020  1078 ? r_bond_other_d               ? ? 
'X-RAY DIFFRACTION' ? 1.623  1.986  1441 ? r_angle_refined_deg          ? ? 
'X-RAY DIFFRACTION' ? 0.738  3.000  2503 ? r_angle_other_deg            ? ? 
'X-RAY DIFFRACTION' ? 6.527  5.000  133  ? r_dihedral_angle_1_deg       ? ? 
'X-RAY DIFFRACTION' ? 41.269 25.682 44   ? r_dihedral_angle_2_deg       ? ? 
'X-RAY DIFFRACTION' ? 17.644 15.000 221  ? r_dihedral_angle_3_deg       ? ? 
'X-RAY DIFFRACTION' ? 21.527 15.000 4    ? r_dihedral_angle_4_deg       ? ? 
'X-RAY DIFFRACTION' ? 0.086  0.200  160  ? r_chiral_restr               ? ? 
'X-RAY DIFFRACTION' ? 0.006  0.020  1178 ? r_gen_planes_refined         ? ? 
'X-RAY DIFFRACTION' ? 0.001  0.020  220  ? r_gen_planes_other           ? ? 
'X-RAY DIFFRACTION' ? ?      ?      ?    ? r_nbd_refined                ? ? 
'X-RAY DIFFRACTION' ? ?      ?      ?    ? r_nbd_other                  ? ? 
'X-RAY DIFFRACTION' ? ?      ?      ?    ? r_nbtor_refined              ? ? 
'X-RAY DIFFRACTION' ? ?      ?      ?    ? r_nbtor_other                ? ? 
'X-RAY DIFFRACTION' ? ?      ?      ?    ? r_xyhbond_nbd_refined        ? ? 
'X-RAY DIFFRACTION' ? ?      ?      ?    ? r_xyhbond_nbd_other          ? ? 
'X-RAY DIFFRACTION' ? ?      ?      ?    ? r_metal_ion_refined          ? ? 
'X-RAY DIFFRACTION' ? ?      ?      ?    ? r_metal_ion_other            ? ? 
'X-RAY DIFFRACTION' ? ?      ?      ?    ? r_symmetry_vdw_refined       ? ? 
'X-RAY DIFFRACTION' ? ?      ?      ?    ? r_symmetry_vdw_other         ? ? 
'X-RAY DIFFRACTION' ? ?      ?      ?    ? r_symmetry_hbond_refined     ? ? 
'X-RAY DIFFRACTION' ? ?      ?      ?    ? r_symmetry_hbond_other       ? ? 
'X-RAY DIFFRACTION' ? ?      ?      ?    ? r_symmetry_metal_ion_refined ? ? 
'X-RAY DIFFRACTION' ? ?      ?      ?    ? r_symmetry_metal_ion_other   ? ? 
'X-RAY DIFFRACTION' ? 2.073  2.952  535  ? r_mcbond_it                  ? ? 
'X-RAY DIFFRACTION' ? 2.071  2.949  534  ? r_mcbond_other               ? ? 
'X-RAY DIFFRACTION' ? 3.322  4.418  667  ? r_mcangle_it                 ? ? 
'X-RAY DIFFRACTION' ? 3.320  4.421  668  ? r_mcangle_other              ? ? 
'X-RAY DIFFRACTION' ? 2.847  3.329  548  ? r_scbond_it                  ? ? 
'X-RAY DIFFRACTION' ? 2.845  3.332  549  ? r_scbond_other               ? ? 
'X-RAY DIFFRACTION' ? ?      ?      ?    ? r_scangle_it                 ? ? 
'X-RAY DIFFRACTION' ? 4.703  4.809  775  ? r_scangle_other              ? ? 
'X-RAY DIFFRACTION' ? 6.585  23.123 1184 ? r_long_range_B_refined       ? ? 
'X-RAY DIFFRACTION' ? 6.578  23.132 1179 ? r_long_range_B_other         ? ? 
'X-RAY DIFFRACTION' ? ?      ?      ?    ? r_rigid_bond_restr           ? ? 
'X-RAY DIFFRACTION' ? ?      ?      ?    ? r_sphericity_free            ? ? 
'X-RAY DIFFRACTION' ? ?      ?      ?    ? r_sphericity_bonded          ? ? 
# 
_refine_ls_shell.pdbx_refine_id                   'X-RAY DIFFRACTION' 
_refine_ls_shell.d_res_high                       2.309 
_refine_ls_shell.d_res_low                        2.368 
_refine_ls_shell.number_reflns_all                ? 
_refine_ls_shell.number_reflns_obs                ? 
_refine_ls_shell.number_reflns_R_free             15 
_refine_ls_shell.number_reflns_R_work             323 
_refine_ls_shell.percent_reflns_obs               91.60 
_refine_ls_shell.percent_reflns_R_free            ? 
_refine_ls_shell.R_factor_all                     ? 
_refine_ls_shell.R_factor_obs                     ? 
_refine_ls_shell.R_factor_R_free                  0.329 
_refine_ls_shell.R_factor_R_free_error            ? 
_refine_ls_shell.R_factor_R_work                  0.230 
_refine_ls_shell.redundancy_reflns_all            ? 
_refine_ls_shell.redundancy_reflns_obs            ? 
_refine_ls_shell.wR_factor_all                    ? 
_refine_ls_shell.wR_factor_obs                    ? 
_refine_ls_shell.wR_factor_R_free                 ? 
_refine_ls_shell.wR_factor_R_work                 ? 
_refine_ls_shell.pdbx_total_number_of_bins_used   20 
_refine_ls_shell.pdbx_phase_error                 ? 
_refine_ls_shell.pdbx_fsc_work                    ? 
_refine_ls_shell.pdbx_fsc_free                    ? 
# 
_struct.entry_id                     5BVT 
_struct.title                        'Palmitate-bound pFABP5' 
_struct.pdbx_model_details           ? 
_struct.pdbx_formula_weight          ? 
_struct.pdbx_formula_weight_method   ? 
_struct.pdbx_model_type_details      ? 
_struct.pdbx_CASP_flag               ? 
# 
_struct_keywords.entry_id        5BVT 
_struct_keywords.text            
'Fatty acid-binding protein, beta-barrel protein, Gentoo penguin (Pygoscelis papua), LIPID BINDING PROTEIN' 
_struct_keywords.pdbx_keywords   'LIPID BINDING PROTEIN' 
# 
loop_
_struct_asym.id 
_struct_asym.pdbx_blank_PDB_chainid_flag 
_struct_asym.pdbx_modified 
_struct_asym.entity_id 
_struct_asym.details 
A N N 1 ? 
B N N 2 ? 
C N N 3 ? 
# 
_struct_ref.id                         1 
_struct_ref.db_name                    PDB 
_struct_ref.db_code                    5BVT 
_struct_ref.pdbx_db_accession          5BVT 
_struct_ref.pdbx_db_isoform            ? 
_struct_ref.entity_id                  1 
_struct_ref.pdbx_seq_one_letter_code   ? 
_struct_ref.pdbx_align_begin           1 
# 
_struct_ref_seq.align_id                      1 
_struct_ref_seq.ref_id                        1 
_struct_ref_seq.pdbx_PDB_id_code              5BVT 
_struct_ref_seq.pdbx_strand_id                A 
_struct_ref_seq.seq_align_beg                 1 
_struct_ref_seq.pdbx_seq_align_beg_ins_code   ? 
_struct_ref_seq.seq_align_end                 134 
_struct_ref_seq.pdbx_seq_align_end_ins_code   ? 
_struct_ref_seq.pdbx_db_accession             5BVT 
_struct_ref_seq.db_align_beg                  2 
_struct_ref_seq.pdbx_db_align_beg_ins_code    ? 
_struct_ref_seq.db_align_end                  135 
_struct_ref_seq.pdbx_db_align_end_ins_code    ? 
_struct_ref_seq.pdbx_auth_seq_align_beg       2 
_struct_ref_seq.pdbx_auth_seq_align_end       135 
# 
_pdbx_struct_assembly.id                   1 
_pdbx_struct_assembly.details              author_defined_assembly 
_pdbx_struct_assembly.method_details       ? 
_pdbx_struct_assembly.oligomeric_details   monomeric 
_pdbx_struct_assembly.oligomeric_count     1 
# 
loop_
_pdbx_struct_assembly_prop.biol_id 
_pdbx_struct_assembly_prop.type 
_pdbx_struct_assembly_prop.value 
_pdbx_struct_assembly_prop.details 
1 'ABSA (A^2)' 740  ? 
1 MORE         3    ? 
1 'SSA (A^2)'  6890 ? 
# 
_pdbx_struct_assembly_gen.assembly_id       1 
_pdbx_struct_assembly_gen.oper_expression   1 
_pdbx_struct_assembly_gen.asym_id_list      A,B,C 
# 
_pdbx_struct_oper_list.id                   1 
_pdbx_struct_oper_list.type                 'identity operation' 
_pdbx_struct_oper_list.name                 1_555 
_pdbx_struct_oper_list.symmetry_operation   x,y,z 
_pdbx_struct_oper_list.matrix[1][1]         1.0000000000 
_pdbx_struct_oper_list.matrix[1][2]         0.0000000000 
_pdbx_struct_oper_list.matrix[1][3]         0.0000000000 
_pdbx_struct_oper_list.vector[1]            0.0000000000 
_pdbx_struct_oper_list.matrix[2][1]         0.0000000000 
_pdbx_struct_oper_list.matrix[2][2]         1.0000000000 
_pdbx_struct_oper_list.matrix[2][3]         0.0000000000 
_pdbx_struct_oper_list.vector[2]            0.0000000000 
_pdbx_struct_oper_list.matrix[3][1]         0.0000000000 
_pdbx_struct_oper_list.matrix[3][2]         0.0000000000 
_pdbx_struct_oper_list.matrix[3][3]         1.0000000000 
_pdbx_struct_oper_list.vector[3]            0.0000000000 
# 
loop_
_struct_conf.conf_type_id 
_struct_conf.id 
_struct_conf.pdbx_PDB_helix_id 
_struct_conf.beg_label_comp_id 
_struct_conf.beg_label_asym_id 
_struct_conf.beg_label_seq_id 
_struct_conf.pdbx_beg_PDB_ins_code 
_struct_conf.end_label_comp_id 
_struct_conf.end_label_asym_id 
_struct_conf.end_label_seq_id 
_struct_conf.pdbx_end_PDB_ins_code 
_struct_conf.beg_auth_comp_id 
_struct_conf.beg_auth_asym_id 
_struct_conf.beg_auth_seq_id 
_struct_conf.end_auth_comp_id 
_struct_conf.end_auth_asym_id 
_struct_conf.end_auth_seq_id 
_struct_conf.pdbx_PDB_helix_class 
_struct_conf.details 
_struct_conf.pdbx_PDB_helix_length 
HELX_P HELX_P1 AA1 MET A 1  ? LEU A 7  ? MET A 2  LEU A 8  5 ? 7  
HELX_P HELX_P2 AA2 GLY A 17 ? LEU A 25 ? GLY A 18 LEU A 26 1 ? 9  
HELX_P HELX_P3 AA3 GLY A 28 ? ALA A 38 ? GLY A 29 ALA A 39 1 ? 11 
# 
_struct_conf_type.id          HELX_P 
_struct_conf_type.criteria    ? 
_struct_conf_type.reference   ? 
# 
_struct_mon_prot_cis.pdbx_id                1 
_struct_mon_prot_cis.label_comp_id          ASP 
_struct_mon_prot_cis.label_seq_id           91 
_struct_mon_prot_cis.label_asym_id          A 
_struct_mon_prot_cis.label_alt_id           . 
_struct_mon_prot_cis.pdbx_PDB_ins_code      ? 
_struct_mon_prot_cis.auth_comp_id           ASP 
_struct_mon_prot_cis.auth_seq_id            92 
_struct_mon_prot_cis.auth_asym_id           A 
_struct_mon_prot_cis.pdbx_label_comp_id_2   GLY 
_struct_mon_prot_cis.pdbx_label_seq_id_2    92 
_struct_mon_prot_cis.pdbx_label_asym_id_2   A 
_struct_mon_prot_cis.pdbx_PDB_ins_code_2    ? 
_struct_mon_prot_cis.pdbx_auth_comp_id_2    GLY 
_struct_mon_prot_cis.pdbx_auth_seq_id_2     93 
_struct_mon_prot_cis.pdbx_auth_asym_id_2    A 
_struct_mon_prot_cis.pdbx_PDB_model_num     1 
_struct_mon_prot_cis.pdbx_omega_angle       -10.42 
# 
_struct_sheet.id               AA1 
_struct_sheet.type             ? 
_struct_sheet.number_strands   10 
_struct_sheet.details          ? 
# 
loop_
_struct_sheet_order.sheet_id 
_struct_sheet_order.range_id_1 
_struct_sheet_order.range_id_2 
_struct_sheet_order.offset 
_struct_sheet_order.sense 
AA1 1 2  ? anti-parallel 
AA1 2 3  ? anti-parallel 
AA1 3 4  ? anti-parallel 
AA1 4 5  ? anti-parallel 
AA1 5 6  ? anti-parallel 
AA1 6 7  ? anti-parallel 
AA1 7 8  ? anti-parallel 
AA1 8 9  ? anti-parallel 
AA1 9 10 ? anti-parallel 
# 
loop_
_struct_sheet_range.sheet_id 
_struct_sheet_range.id 
_struct_sheet_range.beg_label_comp_id 
_struct_sheet_range.beg_label_asym_id 
_struct_sheet_range.beg_label_seq_id 
_struct_sheet_range.pdbx_beg_PDB_ins_code 
_struct_sheet_range.end_label_comp_id 
_struct_sheet_range.end_label_asym_id 
_struct_sheet_range.end_label_seq_id 
_struct_sheet_range.pdbx_end_PDB_ins_code 
_struct_sheet_range.beg_auth_comp_id 
_struct_sheet_range.beg_auth_asym_id 
_struct_sheet_range.beg_auth_seq_id 
_struct_sheet_range.end_auth_comp_id 
_struct_sheet_range.end_auth_asym_id 
_struct_sheet_range.end_auth_seq_id 
AA1 1  SER A 62  ? PHE A 66  ? SER A 63  PHE A 67  
AA1 2  THR A 50  ? GLU A 56  ? THR A 51  GLU A 57  
AA1 3  ASP A 41  ? ASP A 47  ? ASP A 42  ASP A 48  
AA1 4  GLY A 8   ? GLU A 16  ? GLY A 9   GLU A 17  
AA1 5  ILE A 125 ? LYS A 133 ? ILE A 126 LYS A 134 
AA1 6  GLN A 115 ? MET A 122 ? GLN A 116 MET A 123 
AA1 7  LYS A 103 ? VAL A 112 ? LYS A 104 VAL A 113 
AA1 8  LEU A 94  ? TRP A 100 ? LEU A 95  TRP A 101 
AA1 9  LYS A 81  ? LEU A 88  ? LYS A 82  LEU A 89  
AA1 10 PHE A 72  ? ASN A 75  ? PHE A 73  ASN A 76  
# 
loop_
_pdbx_struct_sheet_hbond.sheet_id 
_pdbx_struct_sheet_hbond.range_id_1 
_pdbx_struct_sheet_hbond.range_id_2 
_pdbx_struct_sheet_hbond.range_1_label_atom_id 
_pdbx_struct_sheet_hbond.range_1_label_comp_id 
_pdbx_struct_sheet_hbond.range_1_label_asym_id 
_pdbx_struct_sheet_hbond.range_1_label_seq_id 
_pdbx_struct_sheet_hbond.range_1_PDB_ins_code 
_pdbx_struct_sheet_hbond.range_1_auth_atom_id 
_pdbx_struct_sheet_hbond.range_1_auth_comp_id 
_pdbx_struct_sheet_hbond.range_1_auth_asym_id 
_pdbx_struct_sheet_hbond.range_1_auth_seq_id 
_pdbx_struct_sheet_hbond.range_2_label_atom_id 
_pdbx_struct_sheet_hbond.range_2_label_comp_id 
_pdbx_struct_sheet_hbond.range_2_label_asym_id 
_pdbx_struct_sheet_hbond.range_2_label_seq_id 
_pdbx_struct_sheet_hbond.range_2_PDB_ins_code 
_pdbx_struct_sheet_hbond.range_2_auth_atom_id 
_pdbx_struct_sheet_hbond.range_2_auth_comp_id 
_pdbx_struct_sheet_hbond.range_2_auth_asym_id 
_pdbx_struct_sheet_hbond.range_2_auth_seq_id 
AA1 1 2  O PHE A 66  ? O PHE A 67  N ILE A 51  ? N ILE A 52  
AA1 2 3  O LYS A 54  ? O LYS A 55  N TYR A 43  ? N TYR A 44  
AA1 3 4  O ILE A 44  ? O ILE A 45  N GLY A 8   ? N GLY A 9   
AA1 4 5  N CYS A 11  ? N CYS A 12  O GLN A 132 ? O GLN A 133 
AA1 5 6  O ARG A 129 ? O ARG A 130 N VAL A 118 ? N VAL A 119 
AA1 6 7  O GLU A 119 ? O GLU A 120 N THR A 108 ? N THR A 109 
AA1 7 8  O LYS A 103 ? O LYS A 104 N TRP A 100 ? N TRP A 101 
AA1 8 9  O GLU A 97  ? O GLU A 98  N LEU A 85  ? N LEU A 86  
AA1 9 10 O THR A 84  ? O THR A 85  N PHE A 72  ? N PHE A 73  
# 
_struct_site.id                   AC1 
_struct_site.pdbx_evidence_code   Software 
_struct_site.pdbx_auth_asym_id    A 
_struct_site.pdbx_auth_comp_id    PAM 
_struct_site.pdbx_auth_seq_id     201 
_struct_site.pdbx_auth_ins_code   ? 
_struct_site.pdbx_num_residues    8 
_struct_site.details              'binding site for residue PAM A 201' 
# 
loop_
_struct_site_gen.id 
_struct_site_gen.site_id 
_struct_site_gen.pdbx_num_res 
_struct_site_gen.label_comp_id 
_struct_site_gen.label_asym_id 
_struct_site_gen.label_seq_id 
_struct_site_gen.pdbx_auth_ins_code 
_struct_site_gen.auth_comp_id 
_struct_site_gen.auth_asym_id 
_struct_site_gen.auth_seq_id 
_struct_site_gen.label_atom_id 
_struct_site_gen.label_alt_id 
_struct_site_gen.symmetry 
_struct_site_gen.details 
1 AC1 8 LEU A 25 ? LEU A 26  . ? 1_555 ? 
2 AC1 8 MET A 31 ? MET A 32  . ? 1_555 ? 
3 AC1 8 GLY A 35 ? GLY A 36  . ? 1_555 ? 
4 AC1 8 ALA A 38 ? ALA A 39  . ? 1_555 ? 
5 AC1 8 LEU A 77 ? LEU A 78  . ? 1_555 ? 
6 AC1 8 ASP A 78 ? ASP A 79  . ? 1_555 ? 
7 AC1 8 HOH C .  ? HOH A 307 . ? 1_555 ? 
8 AC1 8 HOH C .  ? HOH A 313 . ? 1_555 ? 
# 
_pdbx_validate_torsion.id              1 
_pdbx_validate_torsion.PDB_model_num   1 
_pdbx_validate_torsion.auth_comp_id    ASP 
_pdbx_validate_torsion.auth_asym_id    A 
_pdbx_validate_torsion.auth_seq_id     92 
_pdbx_validate_torsion.PDB_ins_code    ? 
_pdbx_validate_torsion.label_alt_id    ? 
_pdbx_validate_torsion.phi             -29.93 
_pdbx_validate_torsion.psi             -52.67 
# 
_pdbx_entry_details.compound_details         ? 
_pdbx_entry_details.entry_id                 5BVT 
_pdbx_entry_details.nonpolymer_details       ? 
_pdbx_entry_details.sequence_details         'A SEQUENCE DATABASE REFERENCE FOR THIS PROTEIN DOES NOT CURRENTLY EXIST.' 
_pdbx_entry_details.source_details           ? 
_pdbx_entry_details.has_ligand_of_interest   ? 
# 
loop_
_chem_comp_atom.comp_id 
_chem_comp_atom.atom_id 
_chem_comp_atom.type_symbol 
_chem_comp_atom.pdbx_aromatic_flag 
_chem_comp_atom.pdbx_stereo_config 
_chem_comp_atom.pdbx_ordinal 
ALA N    N N N 1   
ALA CA   C N S 2   
ALA C    C N N 3   
ALA O    O N N 4   
ALA CB   C N N 5   
ALA OXT  O N N 6   
ALA H    H N N 7   
ALA H2   H N N 8   
ALA HA   H N N 9   
ALA HB1  H N N 10  
ALA HB2  H N N 11  
ALA HB3  H N N 12  
ALA HXT  H N N 13  
ARG N    N N N 14  
ARG CA   C N S 15  
ARG C    C N N 16  
ARG O    O N N 17  
ARG CB   C N N 18  
ARG CG   C N N 19  
ARG CD   C N N 20  
ARG NE   N N N 21  
ARG CZ   C N N 22  
ARG NH1  N N N 23  
ARG NH2  N N N 24  
ARG OXT  O N N 25  
ARG H    H N N 26  
ARG H2   H N N 27  
ARG HA   H N N 28  
ARG HB2  H N N 29  
ARG HB3  H N N 30  
ARG HG2  H N N 31  
ARG HG3  H N N 32  
ARG HD2  H N N 33  
ARG HD3  H N N 34  
ARG HE   H N N 35  
ARG HH11 H N N 36  
ARG HH12 H N N 37  
ARG HH21 H N N 38  
ARG HH22 H N N 39  
ARG HXT  H N N 40  
ASN N    N N N 41  
ASN CA   C N S 42  
ASN C    C N N 43  
ASN O    O N N 44  
ASN CB   C N N 45  
ASN CG   C N N 46  
ASN OD1  O N N 47  
ASN ND2  N N N 48  
ASN OXT  O N N 49  
ASN H    H N N 50  
ASN H2   H N N 51  
ASN HA   H N N 52  
ASN HB2  H N N 53  
ASN HB3  H N N 54  
ASN HD21 H N N 55  
ASN HD22 H N N 56  
ASN HXT  H N N 57  
ASP N    N N N 58  
ASP CA   C N S 59  
ASP C    C N N 60  
ASP O    O N N 61  
ASP CB   C N N 62  
ASP CG   C N N 63  
ASP OD1  O N N 64  
ASP OD2  O N N 65  
ASP OXT  O N N 66  
ASP H    H N N 67  
ASP H2   H N N 68  
ASP HA   H N N 69  
ASP HB2  H N N 70  
ASP HB3  H N N 71  
ASP HD2  H N N 72  
ASP HXT  H N N 73  
CYS N    N N N 74  
CYS CA   C N R 75  
CYS C    C N N 76  
CYS O    O N N 77  
CYS CB   C N N 78  
CYS SG   S N N 79  
CYS OXT  O N N 80  
CYS H    H N N 81  
CYS H2   H N N 82  
CYS HA   H N N 83  
CYS HB2  H N N 84  
CYS HB3  H N N 85  
CYS HG   H N N 86  
CYS HXT  H N N 87  
GLN N    N N N 88  
GLN CA   C N S 89  
GLN C    C N N 90  
GLN O    O N N 91  
GLN CB   C N N 92  
GLN CG   C N N 93  
GLN CD   C N N 94  
GLN OE1  O N N 95  
GLN NE2  N N N 96  
GLN OXT  O N N 97  
GLN H    H N N 98  
GLN H2   H N N 99  
GLN HA   H N N 100 
GLN HB2  H N N 101 
GLN HB3  H N N 102 
GLN HG2  H N N 103 
GLN HG3  H N N 104 
GLN HE21 H N N 105 
GLN HE22 H N N 106 
GLN HXT  H N N 107 
GLU N    N N N 108 
GLU CA   C N S 109 
GLU C    C N N 110 
GLU O    O N N 111 
GLU CB   C N N 112 
GLU CG   C N N 113 
GLU CD   C N N 114 
GLU OE1  O N N 115 
GLU OE2  O N N 116 
GLU OXT  O N N 117 
GLU H    H N N 118 
GLU H2   H N N 119 
GLU HA   H N N 120 
GLU HB2  H N N 121 
GLU HB3  H N N 122 
GLU HG2  H N N 123 
GLU HG3  H N N 124 
GLU HE2  H N N 125 
GLU HXT  H N N 126 
GLY N    N N N 127 
GLY CA   C N N 128 
GLY C    C N N 129 
GLY O    O N N 130 
GLY OXT  O N N 131 
GLY H    H N N 132 
GLY H2   H N N 133 
GLY HA2  H N N 134 
GLY HA3  H N N 135 
GLY HXT  H N N 136 
HOH O    O N N 137 
HOH H1   H N N 138 
HOH H2   H N N 139 
ILE N    N N N 140 
ILE CA   C N S 141 
ILE C    C N N 142 
ILE O    O N N 143 
ILE CB   C N S 144 
ILE CG1  C N N 145 
ILE CG2  C N N 146 
ILE CD1  C N N 147 
ILE OXT  O N N 148 
ILE H    H N N 149 
ILE H2   H N N 150 
ILE HA   H N N 151 
ILE HB   H N N 152 
ILE HG12 H N N 153 
ILE HG13 H N N 154 
ILE HG21 H N N 155 
ILE HG22 H N N 156 
ILE HG23 H N N 157 
ILE HD11 H N N 158 
ILE HD12 H N N 159 
ILE HD13 H N N 160 
ILE HXT  H N N 161 
LEU N    N N N 162 
LEU CA   C N S 163 
LEU C    C N N 164 
LEU O    O N N 165 
LEU CB   C N N 166 
LEU CG   C N N 167 
LEU CD1  C N N 168 
LEU CD2  C N N 169 
LEU OXT  O N N 170 
LEU H    H N N 171 
LEU H2   H N N 172 
LEU HA   H N N 173 
LEU HB2  H N N 174 
LEU HB3  H N N 175 
LEU HG   H N N 176 
LEU HD11 H N N 177 
LEU HD12 H N N 178 
LEU HD13 H N N 179 
LEU HD21 H N N 180 
LEU HD22 H N N 181 
LEU HD23 H N N 182 
LEU HXT  H N N 183 
LYS N    N N N 184 
LYS CA   C N S 185 
LYS C    C N N 186 
LYS O    O N N 187 
LYS CB   C N N 188 
LYS CG   C N N 189 
LYS CD   C N N 190 
LYS CE   C N N 191 
LYS NZ   N N N 192 
LYS OXT  O N N 193 
LYS H    H N N 194 
LYS H2   H N N 195 
LYS HA   H N N 196 
LYS HB2  H N N 197 
LYS HB3  H N N 198 
LYS HG2  H N N 199 
LYS HG3  H N N 200 
LYS HD2  H N N 201 
LYS HD3  H N N 202 
LYS HE2  H N N 203 
LYS HE3  H N N 204 
LYS HZ1  H N N 205 
LYS HZ2  H N N 206 
LYS HZ3  H N N 207 
LYS HXT  H N N 208 
MET N    N N N 209 
MET CA   C N S 210 
MET C    C N N 211 
MET O    O N N 212 
MET CB   C N N 213 
MET CG   C N N 214 
MET SD   S N N 215 
MET CE   C N N 216 
MET OXT  O N N 217 
MET H    H N N 218 
MET H2   H N N 219 
MET HA   H N N 220 
MET HB2  H N N 221 
MET HB3  H N N 222 
MET HG2  H N N 223 
MET HG3  H N N 224 
MET HE1  H N N 225 
MET HE2  H N N 226 
MET HE3  H N N 227 
MET HXT  H N N 228 
PAM C1   C N N 229 
PAM O1   O N N 230 
PAM O2   O N N 231 
PAM C2   C N N 232 
PAM C3   C N N 233 
PAM C4   C N N 234 
PAM C5   C N N 235 
PAM C6   C N N 236 
PAM C7   C N N 237 
PAM C8   C N N 238 
PAM C9   C N N 239 
PAM C10  C N N 240 
PAM C11  C N N 241 
PAM C12  C N N 242 
PAM C13  C N N 243 
PAM C14  C N N 244 
PAM C15  C N N 245 
PAM C16  C N N 246 
PAM HO1  H N N 247 
PAM H21  H N N 248 
PAM H22  H N N 249 
PAM H31  H N N 250 
PAM H32  H N N 251 
PAM H41  H N N 252 
PAM H42  H N N 253 
PAM H51  H N N 254 
PAM H52  H N N 255 
PAM H61  H N N 256 
PAM H62  H N N 257 
PAM H71  H N N 258 
PAM H72  H N N 259 
PAM H81  H N N 260 
PAM H82  H N N 261 
PAM H9   H N N 262 
PAM H10  H N N 263 
PAM H111 H N N 264 
PAM H112 H N N 265 
PAM H121 H N N 266 
PAM H122 H N N 267 
PAM H131 H N N 268 
PAM H132 H N N 269 
PAM H141 H N N 270 
PAM H142 H N N 271 
PAM H151 H N N 272 
PAM H152 H N N 273 
PAM H161 H N N 274 
PAM H162 H N N 275 
PAM H163 H N N 276 
PHE N    N N N 277 
PHE CA   C N S 278 
PHE C    C N N 279 
PHE O    O N N 280 
PHE CB   C N N 281 
PHE CG   C Y N 282 
PHE CD1  C Y N 283 
PHE CD2  C Y N 284 
PHE CE1  C Y N 285 
PHE CE2  C Y N 286 
PHE CZ   C Y N 287 
PHE OXT  O N N 288 
PHE H    H N N 289 
PHE H2   H N N 290 
PHE HA   H N N 291 
PHE HB2  H N N 292 
PHE HB3  H N N 293 
PHE HD1  H N N 294 
PHE HD2  H N N 295 
PHE HE1  H N N 296 
PHE HE2  H N N 297 
PHE HZ   H N N 298 
PHE HXT  H N N 299 
PRO N    N N N 300 
PRO CA   C N S 301 
PRO C    C N N 302 
PRO O    O N N 303 
PRO CB   C N N 304 
PRO CG   C N N 305 
PRO CD   C N N 306 
PRO OXT  O N N 307 
PRO H    H N N 308 
PRO HA   H N N 309 
PRO HB2  H N N 310 
PRO HB3  H N N 311 
PRO HG2  H N N 312 
PRO HG3  H N N 313 
PRO HD2  H N N 314 
PRO HD3  H N N 315 
PRO HXT  H N N 316 
SER N    N N N 317 
SER CA   C N S 318 
SER C    C N N 319 
SER O    O N N 320 
SER CB   C N N 321 
SER OG   O N N 322 
SER OXT  O N N 323 
SER H    H N N 324 
SER H2   H N N 325 
SER HA   H N N 326 
SER HB2  H N N 327 
SER HB3  H N N 328 
SER HG   H N N 329 
SER HXT  H N N 330 
THR N    N N N 331 
THR CA   C N S 332 
THR C    C N N 333 
THR O    O N N 334 
THR CB   C N R 335 
THR OG1  O N N 336 
THR CG2  C N N 337 
THR OXT  O N N 338 
THR H    H N N 339 
THR H2   H N N 340 
THR HA   H N N 341 
THR HB   H N N 342 
THR HG1  H N N 343 
THR HG21 H N N 344 
THR HG22 H N N 345 
THR HG23 H N N 346 
THR HXT  H N N 347 
TRP N    N N N 348 
TRP CA   C N S 349 
TRP C    C N N 350 
TRP O    O N N 351 
TRP CB   C N N 352 
TRP CG   C Y N 353 
TRP CD1  C Y N 354 
TRP CD2  C Y N 355 
TRP NE1  N Y N 356 
TRP CE2  C Y N 357 
TRP CE3  C Y N 358 
TRP CZ2  C Y N 359 
TRP CZ3  C Y N 360 
TRP CH2  C Y N 361 
TRP OXT  O N N 362 
TRP H    H N N 363 
TRP H2   H N N 364 
TRP HA   H N N 365 
TRP HB2  H N N 366 
TRP HB3  H N N 367 
TRP HD1  H N N 368 
TRP HE1  H N N 369 
TRP HE3  H N N 370 
TRP HZ2  H N N 371 
TRP HZ3  H N N 372 
TRP HH2  H N N 373 
TRP HXT  H N N 374 
TYR N    N N N 375 
TYR CA   C N S 376 
TYR C    C N N 377 
TYR O    O N N 378 
TYR CB   C N N 379 
TYR CG   C Y N 380 
TYR CD1  C Y N 381 
TYR CD2  C Y N 382 
TYR CE1  C Y N 383 
TYR CE2  C Y N 384 
TYR CZ   C Y N 385 
TYR OH   O N N 386 
TYR OXT  O N N 387 
TYR H    H N N 388 
TYR H2   H N N 389 
TYR HA   H N N 390 
TYR HB2  H N N 391 
TYR HB3  H N N 392 
TYR HD1  H N N 393 
TYR HD2  H N N 394 
TYR HE1  H N N 395 
TYR HE2  H N N 396 
TYR HH   H N N 397 
TYR HXT  H N N 398 
VAL N    N N N 399 
VAL CA   C N S 400 
VAL C    C N N 401 
VAL O    O N N 402 
VAL CB   C N N 403 
VAL CG1  C N N 404 
VAL CG2  C N N 405 
VAL OXT  O N N 406 
VAL H    H N N 407 
VAL H2   H N N 408 
VAL HA   H N N 409 
VAL HB   H N N 410 
VAL HG11 H N N 411 
VAL HG12 H N N 412 
VAL HG13 H N N 413 
VAL HG21 H N N 414 
VAL HG22 H N N 415 
VAL HG23 H N N 416 
VAL HXT  H N N 417 
# 
loop_
_chem_comp_bond.comp_id 
_chem_comp_bond.atom_id_1 
_chem_comp_bond.atom_id_2 
_chem_comp_bond.value_order 
_chem_comp_bond.pdbx_aromatic_flag 
_chem_comp_bond.pdbx_stereo_config 
_chem_comp_bond.pdbx_ordinal 
ALA N   CA   sing N N 1   
ALA N   H    sing N N 2   
ALA N   H2   sing N N 3   
ALA CA  C    sing N N 4   
ALA CA  CB   sing N N 5   
ALA CA  HA   sing N N 6   
ALA C   O    doub N N 7   
ALA C   OXT  sing N N 8   
ALA CB  HB1  sing N N 9   
ALA CB  HB2  sing N N 10  
ALA CB  HB3  sing N N 11  
ALA OXT HXT  sing N N 12  
ARG N   CA   sing N N 13  
ARG N   H    sing N N 14  
ARG N   H2   sing N N 15  
ARG CA  C    sing N N 16  
ARG CA  CB   sing N N 17  
ARG CA  HA   sing N N 18  
ARG C   O    doub N N 19  
ARG C   OXT  sing N N 20  
ARG CB  CG   sing N N 21  
ARG CB  HB2  sing N N 22  
ARG CB  HB3  sing N N 23  
ARG CG  CD   sing N N 24  
ARG CG  HG2  sing N N 25  
ARG CG  HG3  sing N N 26  
ARG CD  NE   sing N N 27  
ARG CD  HD2  sing N N 28  
ARG CD  HD3  sing N N 29  
ARG NE  CZ   sing N N 30  
ARG NE  HE   sing N N 31  
ARG CZ  NH1  sing N N 32  
ARG CZ  NH2  doub N N 33  
ARG NH1 HH11 sing N N 34  
ARG NH1 HH12 sing N N 35  
ARG NH2 HH21 sing N N 36  
ARG NH2 HH22 sing N N 37  
ARG OXT HXT  sing N N 38  
ASN N   CA   sing N N 39  
ASN N   H    sing N N 40  
ASN N   H2   sing N N 41  
ASN CA  C    sing N N 42  
ASN CA  CB   sing N N 43  
ASN CA  HA   sing N N 44  
ASN C   O    doub N N 45  
ASN C   OXT  sing N N 46  
ASN CB  CG   sing N N 47  
ASN CB  HB2  sing N N 48  
ASN CB  HB3  sing N N 49  
ASN CG  OD1  doub N N 50  
ASN CG  ND2  sing N N 51  
ASN ND2 HD21 sing N N 52  
ASN ND2 HD22 sing N N 53  
ASN OXT HXT  sing N N 54  
ASP N   CA   sing N N 55  
ASP N   H    sing N N 56  
ASP N   H2   sing N N 57  
ASP CA  C    sing N N 58  
ASP CA  CB   sing N N 59  
ASP CA  HA   sing N N 60  
ASP C   O    doub N N 61  
ASP C   OXT  sing N N 62  
ASP CB  CG   sing N N 63  
ASP CB  HB2  sing N N 64  
ASP CB  HB3  sing N N 65  
ASP CG  OD1  doub N N 66  
ASP CG  OD2  sing N N 67  
ASP OD2 HD2  sing N N 68  
ASP OXT HXT  sing N N 69  
CYS N   CA   sing N N 70  
CYS N   H    sing N N 71  
CYS N   H2   sing N N 72  
CYS CA  C    sing N N 73  
CYS CA  CB   sing N N 74  
CYS CA  HA   sing N N 75  
CYS C   O    doub N N 76  
CYS C   OXT  sing N N 77  
CYS CB  SG   sing N N 78  
CYS CB  HB2  sing N N 79  
CYS CB  HB3  sing N N 80  
CYS SG  HG   sing N N 81  
CYS OXT HXT  sing N N 82  
GLN N   CA   sing N N 83  
GLN N   H    sing N N 84  
GLN N   H2   sing N N 85  
GLN CA  C    sing N N 86  
GLN CA  CB   sing N N 87  
GLN CA  HA   sing N N 88  
GLN C   O    doub N N 89  
GLN C   OXT  sing N N 90  
GLN CB  CG   sing N N 91  
GLN CB  HB2  sing N N 92  
GLN CB  HB3  sing N N 93  
GLN CG  CD   sing N N 94  
GLN CG  HG2  sing N N 95  
GLN CG  HG3  sing N N 96  
GLN CD  OE1  doub N N 97  
GLN CD  NE2  sing N N 98  
GLN NE2 HE21 sing N N 99  
GLN NE2 HE22 sing N N 100 
GLN OXT HXT  sing N N 101 
GLU N   CA   sing N N 102 
GLU N   H    sing N N 103 
GLU N   H2   sing N N 104 
GLU CA  C    sing N N 105 
GLU CA  CB   sing N N 106 
GLU CA  HA   sing N N 107 
GLU C   O    doub N N 108 
GLU C   OXT  sing N N 109 
GLU CB  CG   sing N N 110 
GLU CB  HB2  sing N N 111 
GLU CB  HB3  sing N N 112 
GLU CG  CD   sing N N 113 
GLU CG  HG2  sing N N 114 
GLU CG  HG3  sing N N 115 
GLU CD  OE1  doub N N 116 
GLU CD  OE2  sing N N 117 
GLU OE2 HE2  sing N N 118 
GLU OXT HXT  sing N N 119 
GLY N   CA   sing N N 120 
GLY N   H    sing N N 121 
GLY N   H2   sing N N 122 
GLY CA  C    sing N N 123 
GLY CA  HA2  sing N N 124 
GLY CA  HA3  sing N N 125 
GLY C   O    doub N N 126 
GLY C   OXT  sing N N 127 
GLY OXT HXT  sing N N 128 
HOH O   H1   sing N N 129 
HOH O   H2   sing N N 130 
ILE N   CA   sing N N 131 
ILE N   H    sing N N 132 
ILE N   H2   sing N N 133 
ILE CA  C    sing N N 134 
ILE CA  CB   sing N N 135 
ILE CA  HA   sing N N 136 
ILE C   O    doub N N 137 
ILE C   OXT  sing N N 138 
ILE CB  CG1  sing N N 139 
ILE CB  CG2  sing N N 140 
ILE CB  HB   sing N N 141 
ILE CG1 CD1  sing N N 142 
ILE CG1 HG12 sing N N 143 
ILE CG1 HG13 sing N N 144 
ILE CG2 HG21 sing N N 145 
ILE CG2 HG22 sing N N 146 
ILE CG2 HG23 sing N N 147 
ILE CD1 HD11 sing N N 148 
ILE CD1 HD12 sing N N 149 
ILE CD1 HD13 sing N N 150 
ILE OXT HXT  sing N N 151 
LEU N   CA   sing N N 152 
LEU N   H    sing N N 153 
LEU N   H2   sing N N 154 
LEU CA  C    sing N N 155 
LEU CA  CB   sing N N 156 
LEU CA  HA   sing N N 157 
LEU C   O    doub N N 158 
LEU C   OXT  sing N N 159 
LEU CB  CG   sing N N 160 
LEU CB  HB2  sing N N 161 
LEU CB  HB3  sing N N 162 
LEU CG  CD1  sing N N 163 
LEU CG  CD2  sing N N 164 
LEU CG  HG   sing N N 165 
LEU CD1 HD11 sing N N 166 
LEU CD1 HD12 sing N N 167 
LEU CD1 HD13 sing N N 168 
LEU CD2 HD21 sing N N 169 
LEU CD2 HD22 sing N N 170 
LEU CD2 HD23 sing N N 171 
LEU OXT HXT  sing N N 172 
LYS N   CA   sing N N 173 
LYS N   H    sing N N 174 
LYS N   H2   sing N N 175 
LYS CA  C    sing N N 176 
LYS CA  CB   sing N N 177 
LYS CA  HA   sing N N 178 
LYS C   O    doub N N 179 
LYS C   OXT  sing N N 180 
LYS CB  CG   sing N N 181 
LYS CB  HB2  sing N N 182 
LYS CB  HB3  sing N N 183 
LYS CG  CD   sing N N 184 
LYS CG  HG2  sing N N 185 
LYS CG  HG3  sing N N 186 
LYS CD  CE   sing N N 187 
LYS CD  HD2  sing N N 188 
LYS CD  HD3  sing N N 189 
LYS CE  NZ   sing N N 190 
LYS CE  HE2  sing N N 191 
LYS CE  HE3  sing N N 192 
LYS NZ  HZ1  sing N N 193 
LYS NZ  HZ2  sing N N 194 
LYS NZ  HZ3  sing N N 195 
LYS OXT HXT  sing N N 196 
MET N   CA   sing N N 197 
MET N   H    sing N N 198 
MET N   H2   sing N N 199 
MET CA  C    sing N N 200 
MET CA  CB   sing N N 201 
MET CA  HA   sing N N 202 
MET C   O    doub N N 203 
MET C   OXT  sing N N 204 
MET CB  CG   sing N N 205 
MET CB  HB2  sing N N 206 
MET CB  HB3  sing N N 207 
MET CG  SD   sing N N 208 
MET CG  HG2  sing N N 209 
MET CG  HG3  sing N N 210 
MET SD  CE   sing N N 211 
MET CE  HE1  sing N N 212 
MET CE  HE2  sing N N 213 
MET CE  HE3  sing N N 214 
MET OXT HXT  sing N N 215 
PAM C1  O1   sing N N 216 
PAM C1  O2   doub N N 217 
PAM C1  C2   sing N N 218 
PAM O1  HO1  sing N N 219 
PAM C2  C3   sing N N 220 
PAM C2  H21  sing N N 221 
PAM C2  H22  sing N N 222 
PAM C3  C4   sing N N 223 
PAM C3  H31  sing N N 224 
PAM C3  H32  sing N N 225 
PAM C4  C5   sing N N 226 
PAM C4  H41  sing N N 227 
PAM C4  H42  sing N N 228 
PAM C5  C6   sing N N 229 
PAM C5  H51  sing N N 230 
PAM C5  H52  sing N N 231 
PAM C6  C7   sing N N 232 
PAM C6  H61  sing N N 233 
PAM C6  H62  sing N N 234 
PAM C7  C8   sing N N 235 
PAM C7  H71  sing N N 236 
PAM C7  H72  sing N N 237 
PAM C8  C9   sing N N 238 
PAM C8  H81  sing N N 239 
PAM C8  H82  sing N N 240 
PAM C9  C10  doub N Z 241 
PAM C9  H9   sing N N 242 
PAM C10 C11  sing N N 243 
PAM C10 H10  sing N N 244 
PAM C11 C12  sing N N 245 
PAM C11 H111 sing N N 246 
PAM C11 H112 sing N N 247 
PAM C12 C13  sing N N 248 
PAM C12 H121 sing N N 249 
PAM C12 H122 sing N N 250 
PAM C13 C14  sing N N 251 
PAM C13 H131 sing N N 252 
PAM C13 H132 sing N N 253 
PAM C14 C15  sing N N 254 
PAM C14 H141 sing N N 255 
PAM C14 H142 sing N N 256 
PAM C15 C16  sing N N 257 
PAM C15 H151 sing N N 258 
PAM C15 H152 sing N N 259 
PAM C16 H161 sing N N 260 
PAM C16 H162 sing N N 261 
PAM C16 H163 sing N N 262 
PHE N   CA   sing N N 263 
PHE N   H    sing N N 264 
PHE N   H2   sing N N 265 
PHE CA  C    sing N N 266 
PHE CA  CB   sing N N 267 
PHE CA  HA   sing N N 268 
PHE C   O    doub N N 269 
PHE C   OXT  sing N N 270 
PHE CB  CG   sing N N 271 
PHE CB  HB2  sing N N 272 
PHE CB  HB3  sing N N 273 
PHE CG  CD1  doub Y N 274 
PHE CG  CD2  sing Y N 275 
PHE CD1 CE1  sing Y N 276 
PHE CD1 HD1  sing N N 277 
PHE CD2 CE2  doub Y N 278 
PHE CD2 HD2  sing N N 279 
PHE CE1 CZ   doub Y N 280 
PHE CE1 HE1  sing N N 281 
PHE CE2 CZ   sing Y N 282 
PHE CE2 HE2  sing N N 283 
PHE CZ  HZ   sing N N 284 
PHE OXT HXT  sing N N 285 
PRO N   CA   sing N N 286 
PRO N   CD   sing N N 287 
PRO N   H    sing N N 288 
PRO CA  C    sing N N 289 
PRO CA  CB   sing N N 290 
PRO CA  HA   sing N N 291 
PRO C   O    doub N N 292 
PRO C   OXT  sing N N 293 
PRO CB  CG   sing N N 294 
PRO CB  HB2  sing N N 295 
PRO CB  HB3  sing N N 296 
PRO CG  CD   sing N N 297 
PRO CG  HG2  sing N N 298 
PRO CG  HG3  sing N N 299 
PRO CD  HD2  sing N N 300 
PRO CD  HD3  sing N N 301 
PRO OXT HXT  sing N N 302 
SER N   CA   sing N N 303 
SER N   H    sing N N 304 
SER N   H2   sing N N 305 
SER CA  C    sing N N 306 
SER CA  CB   sing N N 307 
SER CA  HA   sing N N 308 
SER C   O    doub N N 309 
SER C   OXT  sing N N 310 
SER CB  OG   sing N N 311 
SER CB  HB2  sing N N 312 
SER CB  HB3  sing N N 313 
SER OG  HG   sing N N 314 
SER OXT HXT  sing N N 315 
THR N   CA   sing N N 316 
THR N   H    sing N N 317 
THR N   H2   sing N N 318 
THR CA  C    sing N N 319 
THR CA  CB   sing N N 320 
THR CA  HA   sing N N 321 
THR C   O    doub N N 322 
THR C   OXT  sing N N 323 
THR CB  OG1  sing N N 324 
THR CB  CG2  sing N N 325 
THR CB  HB   sing N N 326 
THR OG1 HG1  sing N N 327 
THR CG2 HG21 sing N N 328 
THR CG2 HG22 sing N N 329 
THR CG2 HG23 sing N N 330 
THR OXT HXT  sing N N 331 
TRP N   CA   sing N N 332 
TRP N   H    sing N N 333 
TRP N   H2   sing N N 334 
TRP CA  C    sing N N 335 
TRP CA  CB   sing N N 336 
TRP CA  HA   sing N N 337 
TRP C   O    doub N N 338 
TRP C   OXT  sing N N 339 
TRP CB  CG   sing N N 340 
TRP CB  HB2  sing N N 341 
TRP CB  HB3  sing N N 342 
TRP CG  CD1  doub Y N 343 
TRP CG  CD2  sing Y N 344 
TRP CD1 NE1  sing Y N 345 
TRP CD1 HD1  sing N N 346 
TRP CD2 CE2  doub Y N 347 
TRP CD2 CE3  sing Y N 348 
TRP NE1 CE2  sing Y N 349 
TRP NE1 HE1  sing N N 350 
TRP CE2 CZ2  sing Y N 351 
TRP CE3 CZ3  doub Y N 352 
TRP CE3 HE3  sing N N 353 
TRP CZ2 CH2  doub Y N 354 
TRP CZ2 HZ2  sing N N 355 
TRP CZ3 CH2  sing Y N 356 
TRP CZ3 HZ3  sing N N 357 
TRP CH2 HH2  sing N N 358 
TRP OXT HXT  sing N N 359 
TYR N   CA   sing N N 360 
TYR N   H    sing N N 361 
TYR N   H2   sing N N 362 
TYR CA  C    sing N N 363 
TYR CA  CB   sing N N 364 
TYR CA  HA   sing N N 365 
TYR C   O    doub N N 366 
TYR C   OXT  sing N N 367 
TYR CB  CG   sing N N 368 
TYR CB  HB2  sing N N 369 
TYR CB  HB3  sing N N 370 
TYR CG  CD1  doub Y N 371 
TYR CG  CD2  sing Y N 372 
TYR CD1 CE1  sing Y N 373 
TYR CD1 HD1  sing N N 374 
TYR CD2 CE2  doub Y N 375 
TYR CD2 HD2  sing N N 376 
TYR CE1 CZ   doub Y N 377 
TYR CE1 HE1  sing N N 378 
TYR CE2 CZ   sing Y N 379 
TYR CE2 HE2  sing N N 380 
TYR CZ  OH   sing N N 381 
TYR OH  HH   sing N N 382 
TYR OXT HXT  sing N N 383 
VAL N   CA   sing N N 384 
VAL N   H    sing N N 385 
VAL N   H2   sing N N 386 
VAL CA  C    sing N N 387 
VAL CA  CB   sing N N 388 
VAL CA  HA   sing N N 389 
VAL C   O    doub N N 390 
VAL C   OXT  sing N N 391 
VAL CB  CG1  sing N N 392 
VAL CB  CG2  sing N N 393 
VAL CB  HB   sing N N 394 
VAL CG1 HG11 sing N N 395 
VAL CG1 HG12 sing N N 396 
VAL CG1 HG13 sing N N 397 
VAL CG2 HG21 sing N N 398 
VAL CG2 HG22 sing N N 399 
VAL CG2 HG23 sing N N 400 
VAL OXT HXT  sing N N 401 
# 
_atom_sites.entry_id                    5BVT 
_atom_sites.fract_transf_matrix[1][1]   -0.00279607 
_atom_sites.fract_transf_matrix[1][2]   0.00866156 
_atom_sites.fract_transf_matrix[1][3]   0.03569044 
_atom_sites.fract_transf_matrix[2][1]   -0.00831511 
_atom_sites.fract_transf_matrix[2][2]   0.01379691 
_atom_sites.fract_transf_matrix[2][3]   -0.00399974 
_atom_sites.fract_transf_matrix[3][1]   -0.02502955 
_atom_sites.fract_transf_matrix[3][2]   -0.01130223 
_atom_sites.fract_transf_matrix[3][3]   0.01304780 
_atom_sites.fract_transf_vector[1]      -0.151810 
_atom_sites.fract_transf_vector[2]      0.004936 
_atom_sites.fract_transf_vector[3]      0.171617 
# 
loop_
_atom_type.symbol 
C 
N 
O 
S 
# 
loop_
_atom_site.group_PDB 
_atom_site.id 
_atom_site.type_symbol 
_atom_site.label_atom_id 
_atom_site.label_alt_id 
_atom_site.label_comp_id 
_atom_site.label_asym_id 
_atom_site.label_entity_id 
_atom_site.label_seq_id 
_atom_site.pdbx_PDB_ins_code 
_atom_site.Cartn_x 
_atom_site.Cartn_y 
_atom_site.Cartn_z 
_atom_site.occupancy 
_atom_site.B_iso_or_equiv 
_atom_site.pdbx_formal_charge 
_atom_site.auth_seq_id 
_atom_site.auth_comp_id 
_atom_site.auth_asym_id 
_atom_site.auth_atom_id 
_atom_site.pdbx_PDB_model_num 
ATOM   1    N N   . MET A 1 1   ? -3.972  -9.715  17.472  1.00 65.51 ? 2   MET A N   1 
ATOM   2    C CA  . MET A 1 1   ? -4.974  -10.121 16.446  1.00 66.23 ? 2   MET A CA  1 
ATOM   3    C C   . MET A 1 1   ? -4.280  -10.402 15.102  1.00 59.13 ? 2   MET A C   1 
ATOM   4    O O   . MET A 1 1   ? -3.086  -10.706 15.069  1.00 59.71 ? 2   MET A O   1 
ATOM   5    C CB  . MET A 1 1   ? -6.103  -9.069  16.333  1.00 73.17 ? 2   MET A CB  1 
ATOM   6    C CG  . MET A 1 1   ? -5.700  -7.718  15.748  1.00 77.49 ? 2   MET A CG  1 
ATOM   7    S SD  . MET A 1 1   ? -6.730  -6.360  16.367  1.00 90.32 ? 2   MET A SD  1 
ATOM   8    C CE  . MET A 1 1   ? -6.111  -6.193  18.051  1.00 85.96 ? 2   MET A CE  1 
ATOM   9    N N   . ALA A 1 2   ? -5.016  -10.310 13.998  1.00 50.08 ? 3   ALA A N   1 
ATOM   10   C CA  . ALA A 1 2   ? -4.519  -10.774 12.715  1.00 47.45 ? 3   ALA A CA  1 
ATOM   11   C C   . ALA A 1 2   ? -3.349  -9.958  12.154  1.00 41.93 ? 3   ALA A C   1 
ATOM   12   O O   . ALA A 1 2   ? -2.652  -10.422 11.245  1.00 43.35 ? 3   ALA A O   1 
ATOM   13   C CB  . ALA A 1 2   ? -5.664  -10.818 11.707  1.00 49.36 ? 3   ALA A CB  1 
ATOM   14   N N   . ILE A 1 3   ? -3.130  -8.760  12.685  1.00 36.66 ? 4   ILE A N   1 
ATOM   15   C CA  . ILE A 1 3   ? -2.097  -7.872  12.162  1.00 36.69 ? 4   ILE A CA  1 
ATOM   16   C C   . ILE A 1 3   ? -0.692  -8.504  12.243  1.00 35.66 ? 4   ILE A C   1 
ATOM   17   O O   . ILE A 1 3   ? 0.140   -8.305  11.357  1.00 31.46 ? 4   ILE A O   1 
ATOM   18   C CB  . ILE A 1 3   ? -2.162  -6.471  12.836  1.00 37.50 ? 4   ILE A CB  1 
ATOM   19   C CG1 . ILE A 1 3   ? -1.387  -5.431  12.017  1.00 39.66 ? 4   ILE A CG1 1 
ATOM   20   C CG2 . ILE A 1 3   ? -1.647  -6.515  14.255  1.00 38.92 ? 4   ILE A CG2 1 
ATOM   21   C CD1 . ILE A 1 3   ? -2.103  -4.962  10.764  1.00 38.61 ? 4   ILE A CD1 1 
ATOM   22   N N   . ASP A 1 4   ? -0.459  -9.331  13.255  1.00 37.32 ? 5   ASP A N   1 
ATOM   23   C CA  . ASP A 1 4   ? 0.875   -9.943  13.479  1.00 40.74 ? 5   ASP A CA  1 
ATOM   24   C C   . ASP A 1 4   ? 1.377   -10.708 12.245  1.00 37.27 ? 5   ASP A C   1 
ATOM   25   O O   . ASP A 1 4   ? 2.575   -10.735 11.950  1.00 34.50 ? 5   ASP A O   1 
ATOM   26   C CB  . ASP A 1 4   ? 0.849   -10.859 14.720  1.00 45.40 ? 5   ASP A CB  1 
ATOM   27   C CG  . ASP A 1 4   ? 0.281   -10.150 15.970  1.00 51.00 ? 5   ASP A CG  1 
ATOM   28   O OD1 . ASP A 1 4   ? 0.738   -9.024  16.327  1.00 58.24 ? 5   ASP A OD1 1 
ATOM   29   O OD2 . ASP A 1 4   ? -0.647  -10.712 16.583  1.00 51.68 ? 5   ASP A OD2 1 
ATOM   30   N N   . ALA A 1 5   ? 0.440   -11.306 11.515  1.00 35.24 ? 6   ALA A N   1 
ATOM   31   C CA  . ALA A 1 5   ? 0.726   -12.018 10.258  1.00 33.05 ? 6   ALA A CA  1 
ATOM   32   C C   . ALA A 1 5   ? 1.403   -11.134 9.185   1.00 29.47 ? 6   ALA A C   1 
ATOM   33   O O   . ALA A 1 5   ? 2.114   -11.614 8.305   1.00 28.00 ? 6   ALA A O   1 
ATOM   34   C CB  . ALA A 1 5   ? -0.587  -12.597 9.708   1.00 33.63 ? 6   ALA A CB  1 
ATOM   35   N N   . PHE A 1 6   ? 1.139   -9.841  9.253   1.00 28.77 ? 7   PHE A N   1 
ATOM   36   C CA  . PHE A 1 6   ? 1.682   -8.889  8.294   1.00 28.61 ? 7   PHE A CA  1 
ATOM   37   C C   . PHE A 1 6   ? 3.047   -8.385  8.642   1.00 27.54 ? 7   PHE A C   1 
ATOM   38   O O   . PHE A 1 6   ? 3.704   -7.806  7.792   1.00 29.46 ? 7   PHE A O   1 
ATOM   39   C CB  . PHE A 1 6   ? 0.751   -7.713  8.182   1.00 27.54 ? 7   PHE A CB  1 
ATOM   40   C CG  . PHE A 1 6   ? -0.561  -8.080  7.606   1.00 29.01 ? 7   PHE A CG  1 
ATOM   41   C CD1 . PHE A 1 6   ? -0.731  -8.121  6.240   1.00 29.39 ? 7   PHE A CD1 1 
ATOM   42   C CD2 . PHE A 1 6   ? -1.607  -8.427  8.419   1.00 29.85 ? 7   PHE A CD2 1 
ATOM   43   C CE1 . PHE A 1 6   ? -1.934  -8.477  5.703   1.00 29.74 ? 7   PHE A CE1 1 
ATOM   44   C CE2 . PHE A 1 6   ? -2.811  -8.768  7.886   1.00 30.50 ? 7   PHE A CE2 1 
ATOM   45   C CZ  . PHE A 1 6   ? -2.979  -8.795  6.528   1.00 29.20 ? 7   PHE A CZ  1 
ATOM   46   N N   . LEU A 1 7   ? 3.470   -8.598  9.884   1.00 28.22 ? 8   LEU A N   1 
ATOM   47   C CA  . LEU A 1 7   ? 4.621   -7.898  10.400  1.00 29.19 ? 8   LEU A CA  1 
ATOM   48   C C   . LEU A 1 7   ? 5.926   -8.421  9.767   1.00 28.08 ? 8   LEU A C   1 
ATOM   49   O O   . LEU A 1 7   ? 6.145   -9.632  9.625   1.00 29.35 ? 8   LEU A O   1 
ATOM   50   C CB  . LEU A 1 7   ? 4.649   -7.953  11.924  1.00 30.47 ? 8   LEU A CB  1 
ATOM   51   C CG  . LEU A 1 7   ? 3.420   -7.404  12.681  1.00 31.06 ? 8   LEU A CG  1 
ATOM   52   C CD1 . LEU A 1 7   ? 3.654   -7.560  14.170  1.00 30.73 ? 8   LEU A CD1 1 
ATOM   53   C CD2 . LEU A 1 7   ? 3.100   -5.949  12.402  1.00 32.82 ? 8   LEU A CD2 1 
ATOM   54   N N   . GLY A 1 8   ? 6.761   -7.496  9.316   1.00 25.41 ? 9   GLY A N   1 
ATOM   55   C CA  . GLY A 1 8   ? 8.066   -7.876  8.821   1.00 24.23 ? 9   GLY A CA  1 
ATOM   56   C C   . GLY A 1 8   ? 8.391   -7.076  7.611   1.00 22.43 ? 9   GLY A C   1 
ATOM   57   O O   . GLY A 1 8   ? 7.644   -6.169  7.254   1.00 22.12 ? 9   GLY A O   1 
ATOM   58   N N   . LYS A 1 9   ? 9.517   -7.424  6.999   1.00 21.71 ? 10  LYS A N   1 
ATOM   59   C CA  . LYS A 1 9   ? 10.008  -6.794  5.777   1.00 21.96 ? 10  LYS A CA  1 
ATOM   60   C C   . LYS A 1 9   ? 9.674   -7.685  4.567   1.00 20.76 ? 10  LYS A C   1 
ATOM   61   O O   . LYS A 1 9   ? 9.847   -8.915  4.588   1.00 18.66 ? 10  LYS A O   1 
ATOM   62   C CB  . LYS A 1 9   ? 11.522  -6.572  5.885   1.00 24.20 ? 10  LYS A CB  1 
ATOM   63   C CG  . LYS A 1 9   ? 12.191  -5.982  4.650   1.00 24.41 ? 10  LYS A CG  1 
ATOM   64   C CD  . LYS A 1 9   ? 13.684  -5.955  4.858   1.00 27.04 ? 10  LYS A CD  1 
ATOM   65   C CE  . LYS A 1 9   ? 14.461  -5.631  3.584   1.00 31.11 ? 10  LYS A CE  1 
ATOM   66   N NZ  . LYS A 1 9   ? 15.879  -5.236  3.888   1.00 32.63 ? 10  LYS A NZ  1 
ATOM   67   N N   . TRP A 1 10  ? 9.199   -7.023  3.520   1.00 20.82 ? 11  TRP A N   1 
ATOM   68   C CA  . TRP A 1 10  ? 8.593   -7.663  2.363   1.00 21.82 ? 11  TRP A CA  1 
ATOM   69   C C   . TRP A 1 10  ? 9.291   -7.119  1.122   1.00 23.11 ? 11  TRP A C   1 
ATOM   70   O O   . TRP A 1 10  ? 9.586   -5.943  1.092   1.00 19.62 ? 11  TRP A O   1 
ATOM   71   C CB  . TRP A 1 10  ? 7.121   -7.278  2.325   1.00 21.65 ? 11  TRP A CB  1 
ATOM   72   C CG  . TRP A 1 10  ? 6.323   -7.783  3.491   1.00 20.66 ? 11  TRP A CG  1 
ATOM   73   C CD1 . TRP A 1 10  ? 5.947   -7.088  4.613   1.00 20.29 ? 11  TRP A CD1 1 
ATOM   74   C CD2 . TRP A 1 10  ? 5.791   -9.112  3.635   1.00 20.18 ? 11  TRP A CD2 1 
ATOM   75   N NE1 . TRP A 1 10  ? 5.184   -7.919  5.454   1.00 20.91 ? 11  TRP A NE1 1 
ATOM   76   C CE2 . TRP A 1 10  ? 5.076   -9.155  4.868   1.00 20.16 ? 11  TRP A CE2 1 
ATOM   77   C CE3 . TRP A 1 10  ? 5.850   -10.268 2.845   1.00 19.62 ? 11  TRP A CE3 1 
ATOM   78   C CZ2 . TRP A 1 10  ? 4.426   -10.309 5.313   1.00 19.85 ? 11  TRP A CZ2 1 
ATOM   79   C CZ3 . TRP A 1 10  ? 5.192   -11.415 3.292   1.00 20.08 ? 11  TRP A CZ3 1 
ATOM   80   C CH2 . TRP A 1 10  ? 4.495   -11.420 4.522   1.00 20.01 ? 11  TRP A CH2 1 
ATOM   81   N N   . CYS A 1 11  ? 9.582   -7.975  0.133   1.00 24.40 ? 12  CYS A N   1 
ATOM   82   C CA  . CYS A 1 11  ? 10.264  -7.556  -1.094  1.00 25.97 ? 12  CYS A CA  1 
ATOM   83   C C   . CYS A 1 11  ? 9.383   -7.870  -2.291  1.00 26.14 ? 12  CYS A C   1 
ATOM   84   O O   . CYS A 1 11  ? 8.879   -9.000  -2.415  1.00 24.93 ? 12  CYS A O   1 
ATOM   85   C CB  . CYS A 1 11  ? 11.592  -8.286  -1.238  1.00 27.91 ? 12  CYS A CB  1 
ATOM   86   S SG  . CYS A 1 11  ? 12.587  -8.122  0.262   1.00 33.92 ? 12  CYS A SG  1 
ATOM   87   N N   . LEU A 1 12  ? 9.186   -6.873  -3.151  1.00 24.22 ? 13  LEU A N   1 
ATOM   88   C CA  . LEU A 1 12  ? 8.355   -7.037  -4.331  1.00 25.38 ? 13  LEU A CA  1 
ATOM   89   C C   . LEU A 1 12  ? 8.909   -8.114  -5.230  1.00 26.82 ? 13  LEU A C   1 
ATOM   90   O O   . LEU A 1 12  ? 10.084  -8.042  -5.607  1.00 28.37 ? 13  LEU A O   1 
ATOM   91   C CB  . LEU A 1 12  ? 8.316   -5.752  -5.138  1.00 25.60 ? 13  LEU A CB  1 
ATOM   92   C CG  . LEU A 1 12  ? 7.268   -5.716  -6.243  1.00 24.51 ? 13  LEU A CG  1 
ATOM   93   C CD1 . LEU A 1 12  ? 5.894   -5.661  -5.626  1.00 25.51 ? 13  LEU A CD1 1 
ATOM   94   C CD2 . LEU A 1 12  ? 7.499   -4.529  -7.139  1.00 24.16 ? 13  LEU A CD2 1 
ATOM   95   N N   . ILE A 1 13  ? 8.078   -9.110  -5.559  1.00 26.33 ? 14  ILE A N   1 
ATOM   96   C CA  . ILE A 1 13  ? 8.435   -10.139 -6.571  1.00 27.32 ? 14  ILE A CA  1 
ATOM   97   C C   . ILE A 1 13  ? 7.581   -10.120 -7.842  1.00 25.30 ? 14  ILE A C   1 
ATOM   98   O O   . ILE A 1 13  ? 7.929   -10.774 -8.805  1.00 24.87 ? 14  ILE A O   1 
ATOM   99   C CB  . ILE A 1 13  ? 8.401   -11.571 -5.989  1.00 28.30 ? 14  ILE A CB  1 
ATOM   100  C CG1 . ILE A 1 13  ? 7.039   -11.849 -5.329  1.00 28.99 ? 14  ILE A CG1 1 
ATOM   101  C CG2 . ILE A 1 13  ? 9.533   -11.744 -4.974  1.00 28.93 ? 14  ILE A CG2 1 
ATOM   102  C CD1 . ILE A 1 13  ? 6.757   -13.311 -5.069  1.00 29.83 ? 14  ILE A CD1 1 
ATOM   103  N N   . SER A 1 14  ? 6.463   -9.402  -7.850  1.00 24.94 ? 15  SER A N   1 
ATOM   104  C CA  . SER A 1 14  ? 5.668   -9.266  -9.085  1.00 24.62 ? 15  SER A CA  1 
ATOM   105  C C   . SER A 1 14  ? 4.818   -8.033  -8.979  1.00 24.01 ? 15  SER A C   1 
ATOM   106  O O   . SER A 1 14  ? 4.532   -7.593  -7.897  1.00 27.03 ? 15  SER A O   1 
ATOM   107  C CB  . SER A 1 14  ? 4.782   -10.521 -9.347  1.00 24.58 ? 15  SER A CB  1 
ATOM   108  O OG  . SER A 1 14  ? 3.686   -10.624 -8.422  1.00 24.63 ? 15  SER A OG  1 
ATOM   109  N N   . SER A 1 15  ? 4.430   -7.460  -10.109 1.00 25.15 ? 16  SER A N   1 
ATOM   110  C CA  . SER A 1 15  ? 3.567   -6.298  -10.130 1.00 24.34 ? 16  SER A CA  1 
ATOM   111  C C   . SER A 1 15  ? 2.801   -6.390  -11.418 1.00 24.89 ? 16  SER A C   1 
ATOM   112  O O   . SER A 1 15  ? 3.389   -6.697  -12.434 1.00 24.23 ? 16  SER A O   1 
ATOM   113  C CB  . SER A 1 15  ? 4.385   -5.023  -10.102 1.00 23.56 ? 16  SER A CB  1 
ATOM   114  O OG  . SER A 1 15  ? 3.522   -3.886  -10.090 1.00 24.30 ? 16  SER A OG  1 
ATOM   115  N N   . GLU A 1 16  ? 1.490   -6.191  -11.379 1.00 25.03 ? 17  GLU A N   1 
ATOM   116  C CA  . GLU A 1 16  ? 0.681   -6.289  -12.593 0.55 25.02 ? 17  GLU A CA  1 
ATOM   117  C C   . GLU A 1 16  ? -0.347  -5.174  -12.601 1.00 24.10 ? 17  GLU A C   1 
ATOM   118  O O   . GLU A 1 16  ? -1.008  -4.926  -11.600 1.00 24.39 ? 17  GLU A O   1 
ATOM   119  C CB  . GLU A 1 16  ? -0.011  -7.655  -12.682 1.00 26.00 ? 17  GLU A CB  1 
ATOM   120  C CG  . GLU A 1 16  ? 0.906   -8.887  -12.721 1.00 27.42 ? 17  GLU A CG  1 
ATOM   121  C CD  . GLU A 1 16  ? 1.963   -8.862  -13.850 1.00 31.40 ? 17  GLU A CD  1 
ATOM   122  O OE1 . GLU A 1 16  ? 1.844   -8.057  -14.812 1.00 30.67 ? 17  GLU A OE1 1 
ATOM   123  O OE2 . GLU A 1 16  ? 2.958   -9.645  -13.776 1.00 35.26 ? 17  GLU A OE2 1 
ATOM   124  N N   . GLY A 1 17  ? -0.445  -4.469  -13.717 1.00 23.85 ? 18  GLY A N   1 
ATOM   125  C CA  . GLY A 1 17  ? -1.440  -3.412  -13.900 1.00 21.74 ? 18  GLY A CA  1 
ATOM   126  C C   . GLY A 1 17  ? -1.194  -2.132  -13.157 1.00 21.52 ? 18  GLY A C   1 
ATOM   127  O O   . GLY A 1 17  ? -2.095  -1.306  -13.067 1.00 22.96 ? 18  GLY A O   1 
ATOM   128  N N   . PHE A 1 18  ? 0.028   -1.941  -12.667 1.00 22.12 ? 19  PHE A N   1 
ATOM   129  C CA  . PHE A 1 18  ? 0.400   -0.838  -11.789 1.00 21.80 ? 19  PHE A CA  1 
ATOM   130  C C   . PHE A 1 18  ? 0.518   0.470   -12.552 1.00 23.56 ? 19  PHE A C   1 
ATOM   131  O O   . PHE A 1 18  ? 0.174   1.538   -12.048 1.00 23.87 ? 19  PHE A O   1 
ATOM   132  C CB  . PHE A 1 18  ? 1.768   -1.143  -11.175 1.00 22.75 ? 19  PHE A CB  1 
ATOM   133  C CG  . PHE A 1 18  ? 2.178   -0.213  -10.033 1.00 22.88 ? 19  PHE A CG  1 
ATOM   134  C CD1 . PHE A 1 18  ? 1.314   0.065   -8.988  1.00 22.43 ? 19  PHE A CD1 1 
ATOM   135  C CD2 . PHE A 1 18  ? 3.465   0.306   -9.975  1.00 23.84 ? 19  PHE A CD2 1 
ATOM   136  C CE1 . PHE A 1 18  ? 1.707   0.875   -7.932  1.00 23.29 ? 19  PHE A CE1 1 
ATOM   137  C CE2 . PHE A 1 18  ? 3.874   1.114   -8.907  1.00 23.58 ? 19  PHE A CE2 1 
ATOM   138  C CZ  . PHE A 1 18  ? 2.988   1.420   -7.902  1.00 23.08 ? 19  PHE A CZ  1 
ATOM   139  N N   . ASP A 1 19  ? 1.042   0.407   -13.764 1.00 23.97 ? 20  ASP A N   1 
ATOM   140  C CA  . ASP A 1 19  ? 1.096   1.604   -14.606 1.00 23.75 ? 20  ASP A CA  1 
ATOM   141  C C   . ASP A 1 19  ? -0.307  2.153   -14.872 1.00 22.55 ? 20  ASP A C   1 
ATOM   142  O O   . ASP A 1 19  ? -0.537  3.363   -14.759 1.00 22.64 ? 20  ASP A O   1 
ATOM   143  C CB  . ASP A 1 19  ? 1.754   1.303   -15.939 1.00 25.12 ? 20  ASP A CB  1 
ATOM   144  C CG  . ASP A 1 19  ? 1.781   2.514   -16.835 1.00 27.02 ? 20  ASP A CG  1 
ATOM   145  O OD1 . ASP A 1 19  ? 2.346   3.522   -16.383 1.00 27.49 ? 20  ASP A OD1 1 
ATOM   146  O OD2 . ASP A 1 19  ? 1.233   2.471   -17.964 1.00 28.32 ? 20  ASP A OD2 1 
ATOM   147  N N   . GLU A 1 20  ? -1.245  1.279   -15.235 1.00 22.42 ? 21  GLU A N   1 
ATOM   148  C CA  . GLU A 1 20  ? -2.645  1.724   -15.460 1.00 23.38 ? 21  GLU A CA  1 
ATOM   149  C C   . GLU A 1 20  ? -3.261  2.283   -14.177 1.00 22.30 ? 21  GLU A C   1 
ATOM   150  O O   . GLU A 1 20  ? -3.977  3.245   -14.229 1.00 22.22 ? 21  GLU A O   1 
ATOM   151  C CB  . GLU A 1 20  ? -3.544  0.595   -16.006 1.00 23.44 ? 21  GLU A CB  1 
ATOM   152  C CG  . GLU A 1 20  ? -3.205  0.169   -17.438 1.00 24.75 ? 21  GLU A CG  1 
ATOM   153  C CD  . GLU A 1 20  ? -3.433  1.223   -18.490 0.55 24.23 ? 21  GLU A CD  1 
ATOM   154  O OE1 . GLU A 1 20  ? -4.378  2.020   -18.369 0.66 25.02 ? 21  GLU A OE1 1 
ATOM   155  O OE2 . GLU A 1 20  ? -2.662  1.234   -19.467 0.66 26.64 ? 21  GLU A OE2 1 
ATOM   156  N N   . TYR A 1 21  ? -2.953  1.684   -13.028 1.00 22.38 ? 22  TYR A N   1 
ATOM   157  C CA  . TYR A 1 21  ? -3.460  2.183   -11.738 1.00 22.26 ? 22  TYR A CA  1 
ATOM   158  C C   . TYR A 1 21  ? -2.845  3.558   -11.427 1.00 21.10 ? 22  TYR A C   1 
ATOM   159  O O   . TYR A 1 21  ? -3.555  4.467   -11.045 1.00 19.76 ? 22  TYR A O   1 
ATOM   160  C CB  . TYR A 1 21  ? -3.172  1.155   -10.632 1.00 23.63 ? 22  TYR A CB  1 
ATOM   161  C CG  . TYR A 1 21  ? -3.491  1.628   -9.221  1.00 25.01 ? 22  TYR A CG  1 
ATOM   162  C CD1 . TYR A 1 21  ? -4.799  1.665   -8.753  1.00 24.70 ? 22  TYR A CD1 1 
ATOM   163  C CD2 . TYR A 1 21  ? -2.481  1.987   -8.341  1.00 25.24 ? 22  TYR A CD2 1 
ATOM   164  C CE1 . TYR A 1 21  ? -5.088  2.096   -7.466  1.00 24.80 ? 22  TYR A CE1 1 
ATOM   165  C CE2 . TYR A 1 21  ? -2.774  2.417   -7.059  1.00 25.54 ? 22  TYR A CE2 1 
ATOM   166  C CZ  . TYR A 1 21  ? -4.082  2.474   -6.628  1.00 23.73 ? 22  TYR A CZ  1 
ATOM   167  O OH  . TYR A 1 21  ? -4.381  2.917   -5.360  1.00 22.70 ? 22  TYR A OH  1 
ATOM   168  N N   . MET A 1 22  ? -1.528  3.706   -11.626 1.00 21.48 ? 23  MET A N   1 
ATOM   169  C CA  . MET A 1 22  ? -0.838  4.988   -11.427 0.76 20.64 ? 23  MET A CA  1 
ATOM   170  C C   . MET A 1 22  ? -1.332  6.066   -12.381 1.00 22.71 ? 23  MET A C   1 
ATOM   171  O O   . MET A 1 22  ? -1.341  7.248   -12.038 1.00 22.92 ? 23  MET A O   1 
ATOM   172  C CB  . MET A 1 22  ? 0.660   4.826   -11.646 0.76 20.28 ? 23  MET A CB  1 
ATOM   173  C CG  . MET A 1 22  ? 1.417   4.139   -10.532 0.76 19.64 ? 23  MET A CG  1 
ATOM   174  S SD  . MET A 1 22  ? 3.182   4.271   -10.835 0.76 19.44 ? 23  MET A SD  1 
ATOM   175  C CE  . MET A 1 22  ? 3.478   3.258   -12.269 0.76 18.87 ? 23  MET A CE  1 
ATOM   176  N N   . LYS A 1 23  ? -1.719  5.657   -13.590 1.00 24.12 ? 24  LYS A N   1 
ATOM   177  C CA  . LYS A 1 23  ? -2.331  6.554   -14.554 1.00 25.58 ? 24  LYS A CA  1 
ATOM   178  C C   . LYS A 1 23  ? -3.642  7.109   -14.018 1.00 26.83 ? 24  LYS A C   1 
ATOM   179  O O   . LYS A 1 23  ? -3.881  8.317   -14.075 1.00 26.66 ? 24  LYS A O   1 
ATOM   180  C CB  . LYS A 1 23  ? -2.531  5.865   -15.921 1.00 26.89 ? 24  LYS A CB  1 
ATOM   181  C CG  . LYS A 1 23  ? -1.310  5.994   -16.838 1.00 29.33 ? 24  LYS A CG  1 
ATOM   182  C CD  . LYS A 1 23  ? -1.311  5.090   -18.085 1.00 29.84 ? 24  LYS A CD  1 
ATOM   183  C CE  . LYS A 1 23  ? -2.570  5.235   -18.913 1.00 33.26 ? 24  LYS A CE  1 
ATOM   184  N NZ  . LYS A 1 23  ? -2.813  4.131   -19.899 1.00 35.53 ? 24  LYS A NZ  1 
ATOM   185  N N   . GLU A 1 24  ? -4.490  6.225   -13.489 1.00 28.54 ? 25  GLU A N   1 
ATOM   186  C CA  . GLU A 1 24  ? -5.774  6.627   -12.896 1.00 28.07 ? 25  GLU A CA  1 
ATOM   187  C C   . GLU A 1 24  ? -5.585  7.557   -11.705 1.00 27.12 ? 25  GLU A C   1 
ATOM   188  O O   . GLU A 1 24  ? -6.400  8.433   -11.457 1.00 25.88 ? 25  GLU A O   1 
ATOM   189  C CB  . GLU A 1 24  ? -6.569  5.401   -12.442 1.00 29.34 ? 25  GLU A CB  1 
ATOM   190  C CG  . GLU A 1 24  ? -8.082  5.625   -12.350 1.00 30.95 ? 25  GLU A CG  1 
ATOM   191  C CD  . GLU A 1 24  ? -8.784  5.710   -13.694 1.00 32.63 ? 25  GLU A CD  1 
ATOM   192  O OE1 . GLU A 1 24  ? -8.144  5.520   -14.742 1.00 32.34 ? 25  GLU A OE1 1 
ATOM   193  O OE2 . GLU A 1 24  ? -10.009 5.956   -13.691 1.00 36.41 ? 25  GLU A OE2 1 
ATOM   194  N N   . LEU A 1 25  ? -4.525  7.356   -10.941 1.00 26.58 ? 26  LEU A N   1 
ATOM   195  C CA  . LEU A 1 25  ? -4.220  8.270   -9.840  1.00 26.71 ? 26  LEU A CA  1 
ATOM   196  C C   . LEU A 1 25  ? -3.701  9.643   -10.324 1.00 25.22 ? 26  LEU A C   1 
ATOM   197  O O   . LEU A 1 25  ? -3.614  10.557  -9.529  1.00 27.82 ? 26  LEU A O   1 
ATOM   198  C CB  . LEU A 1 25  ? -3.163  7.657   -8.902  1.00 27.59 ? 26  LEU A CB  1 
ATOM   199  C CG  . LEU A 1 25  ? -3.422  6.387   -8.096  1.00 27.20 ? 26  LEU A CG  1 
ATOM   200  C CD1 . LEU A 1 25  ? -2.137  6.062   -7.357  1.00 26.37 ? 26  LEU A CD1 1 
ATOM   201  C CD2 . LEU A 1 25  ? -4.575  6.517   -7.114  1.00 27.18 ? 26  LEU A CD2 1 
ATOM   202  N N   . GLY A 1 26  ? -3.312  9.790   -11.583 1.00 24.74 ? 27  GLY A N   1 
ATOM   203  C CA  . GLY A 1 26  ? -2.826  11.086  -12.084 1.00 25.81 ? 27  GLY A CA  1 
ATOM   204  C C   . GLY A 1 26  ? -1.309  11.265  -12.093 1.00 27.10 ? 27  GLY A C   1 
ATOM   205  O O   . GLY A 1 26  ? -0.801  12.384  -12.289 1.00 26.03 ? 27  GLY A O   1 
ATOM   206  N N   . VAL A 1 27  ? -0.583  10.155  -11.957 1.00 27.19 ? 28  VAL A N   1 
ATOM   207  C CA  . VAL A 1 27  ? 0.862   10.184  -11.886 1.00 27.73 ? 28  VAL A CA  1 
ATOM   208  C C   . VAL A 1 27  ? 1.473   10.543  -13.238 1.00 28.02 ? 28  VAL A C   1 
ATOM   209  O O   . VAL A 1 27  ? 1.099   9.981   -14.256 1.00 25.54 ? 28  VAL A O   1 
ATOM   210  C CB  . VAL A 1 27  ? 1.437   8.825   -11.431 1.00 27.21 ? 28  VAL A CB  1 
ATOM   211  C CG1 . VAL A 1 27  ? 2.961   8.881   -11.334 1.00 27.06 ? 28  VAL A CG1 1 
ATOM   212  C CG2 . VAL A 1 27  ? 0.873   8.438   -10.072 1.00 28.13 ? 28  VAL A CG2 1 
ATOM   213  N N   . GLY A 1 28  ? 2.437   11.466  -13.210 1.00 30.34 ? 29  GLY A N   1 
ATOM   214  C CA  . GLY A 1 28  ? 3.204   11.871  -14.392 1.00 31.71 ? 29  GLY A CA  1 
ATOM   215  C C   . GLY A 1 28  ? 4.053   10.737  -14.932 1.00 34.45 ? 29  GLY A C   1 
ATOM   216  O O   . GLY A 1 28  ? 4.405   9.808   -14.202 1.00 34.25 ? 29  GLY A O   1 
ATOM   217  N N   . MET A 1 29  ? 4.395   10.817  -16.214 1.00 36.95 ? 30  MET A N   1 
ATOM   218  C CA  . MET A 1 29  ? 5.077   9.716   -16.917 1.00 38.48 ? 30  MET A CA  1 
ATOM   219  C C   . MET A 1 29  ? 6.423   9.286   -16.319 1.00 35.57 ? 30  MET A C   1 
ATOM   220  O O   . MET A 1 29  ? 6.708   8.087   -16.248 1.00 37.74 ? 30  MET A O   1 
ATOM   221  C CB  . MET A 1 29  ? 5.312   10.098  -18.371 1.00 42.03 ? 30  MET A CB  1 
ATOM   222  C CG  . MET A 1 29  ? 5.793   8.970   -19.266 1.00 46.75 ? 30  MET A CG  1 
ATOM   223  S SD  . MET A 1 29  ? 6.963   9.668   -20.444 1.00 55.17 ? 30  MET A SD  1 
ATOM   224  C CE  . MET A 1 29  ? 6.270   9.041   -21.970 1.00 59.91 ? 30  MET A CE  1 
ATOM   225  N N   . ALA A 1 30  ? 7.253   10.241  -15.921 1.00 30.96 ? 31  ALA A N   1 
ATOM   226  C CA  . ALA A 1 30  ? 8.558   9.924   -15.340 1.00 29.90 ? 31  ALA A CA  1 
ATOM   227  C C   . ALA A 1 30  ? 8.369   9.146   -14.062 1.00 29.09 ? 31  ALA A C   1 
ATOM   228  O O   . ALA A 1 30  ? 8.969   8.080   -13.859 1.00 26.08 ? 31  ALA A O   1 
ATOM   229  C CB  . ALA A 1 30  ? 9.330   11.201  -15.029 1.00 29.82 ? 31  ALA A CB  1 
ATOM   230  N N   . MET A 1 31  ? 7.534   9.691   -13.189 1.00 28.27 ? 32  MET A N   1 
ATOM   231  C CA  . MET A 1 31  ? 7.247   9.048   -11.933 1.00 29.86 ? 32  MET A CA  1 
ATOM   232  C C   . MET A 1 31  ? 6.653   7.661   -12.170 1.00 29.20 ? 32  MET A C   1 
ATOM   233  O O   . MET A 1 31  ? 6.894   6.729   -11.403 1.00 28.37 ? 32  MET A O   1 
ATOM   234  C CB  . MET A 1 31  ? 6.289   9.911   -11.143 1.00 36.09 ? 32  MET A CB  1 
ATOM   235  C CG  . MET A 1 31  ? 6.156   9.472   -9.710  1.00 41.94 ? 32  MET A CG  1 
ATOM   236  S SD  . MET A 1 31  ? 5.363   10.628  -8.587  1.00 48.74 ? 32  MET A SD  1 
ATOM   237  C CE  . MET A 1 31  ? 6.600   10.679  -7.289  1.00 52.26 ? 32  MET A CE  1 
ATOM   238  N N   . ARG A 1 32  ? 5.882   7.508   -13.235 1.00 27.13 ? 33  ARG A N   1 
ATOM   239  C CA  . ARG A 1 32  ? 5.328   6.204   -13.557 1.00 29.35 ? 33  ARG A CA  1 
ATOM   240  C C   . ARG A 1 32  ? 6.398   5.238   -13.984 1.00 28.13 ? 33  ARG A C   1 
ATOM   241  O O   . ARG A 1 32  ? 6.325   4.048   -13.638 1.00 30.26 ? 33  ARG A O   1 
ATOM   242  C CB  . ARG A 1 32  ? 4.239   6.272   -14.624 1.00 29.79 ? 33  ARG A CB  1 
ATOM   243  C CG  . ARG A 1 32  ? 2.945   6.864   -14.104 1.00 31.27 ? 33  ARG A CG  1 
ATOM   244  C CD  . ARG A 1 32  ? 1.746   6.292   -14.807 1.00 34.71 ? 33  ARG A CD  1 
ATOM   245  N NE  . ARG A 1 32  ? 1.951   6.211   -16.258 1.00 37.16 ? 33  ARG A NE  1 
ATOM   246  C CZ  . ARG A 1 32  ? 1.786   7.219   -17.101 1.00 39.05 ? 33  ARG A CZ  1 
ATOM   247  N NH1 . ARG A 1 32  ? 1.448   8.431   -16.664 1.00 44.23 ? 33  ARG A NH1 1 
ATOM   248  N NH2 . ARG A 1 32  ? 1.970   7.017   -18.389 1.00 38.67 ? 33  ARG A NH2 1 
ATOM   249  N N   . LYS A 1 33  ? 7.383   5.730   -14.717 1.00 24.19 ? 34  LYS A N   1 
ATOM   250  C CA  . LYS A 1 33  ? 8.547   4.929   -15.016 1.00 24.60 ? 34  LYS A CA  1 
ATOM   251  C C   . LYS A 1 33  ? 9.290   4.502   -13.741 1.00 24.71 ? 34  LYS A C   1 
ATOM   252  O O   . LYS A 1 33  ? 9.675   3.348   -13.606 1.00 26.32 ? 34  LYS A O   1 
ATOM   253  C CB  . LYS A 1 33  ? 9.458   5.676   -16.008 1.00 26.67 ? 34  LYS A CB  1 
ATOM   254  C CG  . LYS A 1 33  ? 8.938   5.545   -17.440 1.00 28.19 ? 34  LYS A CG  1 
ATOM   255  C CD  . LYS A 1 33  ? 9.355   6.684   -18.356 0.72 30.74 ? 34  LYS A CD  1 
ATOM   256  C CE  . LYS A 1 33  ? 9.069   6.350   -19.831 0.80 31.96 ? 34  LYS A CE  1 
ATOM   257  N NZ  . LYS A 1 33  ? 7.750   5.665   -20.058 0.68 31.03 ? 34  LYS A NZ  1 
ATOM   258  N N   . MET A 1 34  ? 9.461   5.412   -12.790 1.00 23.67 ? 35  MET A N   1 
ATOM   259  C CA  . MET A 1 34  ? 10.090  5.066   -11.541 1.00 23.07 ? 35  MET A CA  1 
ATOM   260  C C   . MET A 1 34  ? 9.322   3.964   -10.837 1.00 23.95 ? 35  MET A C   1 
ATOM   261  O O   . MET A 1 34  ? 9.923   3.051   -10.301 1.00 25.33 ? 35  MET A O   1 
ATOM   262  C CB  . MET A 1 34  ? 10.144  6.261   -10.619 1.00 23.13 ? 35  MET A CB  1 
ATOM   263  C CG  . MET A 1 34  ? 10.956  7.422   -11.149 1.00 23.97 ? 35  MET A CG  1 
ATOM   264  S SD  . MET A 1 34  ? 11.106  8.583   -9.825  0.44 21.18 ? 35  MET A SD  1 
ATOM   265  C CE  . MET A 1 34  ? 11.719  9.945   -10.751 1.00 26.97 ? 35  MET A CE  1 
ATOM   266  N N   . GLY A 1 35  ? 7.998   4.069   -10.840 1.00 23.56 ? 36  GLY A N   1 
ATOM   267  C CA  . GLY A 1 35  ? 7.131   3.073   -10.246 1.00 24.47 ? 36  GLY A CA  1 
ATOM   268  C C   . GLY A 1 35  ? 7.190   1.719   -10.919 1.00 25.53 ? 36  GLY A C   1 
ATOM   269  O O   . GLY A 1 35  ? 7.114   0.705   -10.238 1.00 26.70 ? 36  GLY A O   1 
ATOM   270  N N   . SER A 1 36  ? 7.313   1.694   -12.246 1.00 26.55 ? 37  SER A N   1 
ATOM   271  C CA  . SER A 1 36  ? 7.461   0.435   -12.998 1.00 28.86 ? 37  SER A CA  1 
ATOM   272  C C   . SER A 1 36  ? 8.810   -0.265  -12.771 1.00 29.91 ? 37  SER A C   1 
ATOM   273  O O   . SER A 1 36  ? 8.886   -1.490  -12.760 1.00 33.16 ? 37  SER A O   1 
ATOM   274  C CB  . SER A 1 36  ? 7.316   0.681   -14.497 1.00 30.95 ? 37  SER A CB  1 
ATOM   275  O OG  . SER A 1 36  ? 5.963   0.726   -14.855 1.00 33.49 ? 37  SER A OG  1 
ATOM   276  N N   . MET A 1 37  ? 9.870   0.519   -12.638 1.00 28.45 ? 38  MET A N   1 
ATOM   277  C CA  . MET A 1 37  ? 11.197  -0.009  -12.390 1.00 27.92 ? 38  MET A CA  1 
ATOM   278  C C   . MET A 1 37  ? 11.399  -0.375  -10.929 1.00 26.44 ? 38  MET A C   1 
ATOM   279  O O   . MET A 1 37  ? 12.198  -1.258  -10.628 1.00 27.16 ? 38  MET A O   1 
ATOM   280  C CB  . MET A 1 37  ? 12.270  1.012   -12.779 1.00 28.63 ? 38  MET A CB  1 
ATOM   281  C CG  . MET A 1 37  ? 12.252  1.371   -14.251 1.00 29.83 ? 38  MET A CG  1 
ATOM   282  S SD  . MET A 1 37  ? 13.531  2.555   -14.721 1.00 28.35 ? 38  MET A SD  1 
ATOM   283  C CE  . MET A 1 37  ? 12.827  4.089   -14.134 1.00 30.57 ? 38  MET A CE  1 
ATOM   284  N N   . ALA A 1 38  ? 10.719  0.299   -10.014 1.00 24.57 ? 39  ALA A N   1 
ATOM   285  C CA  . ALA A 1 38  ? 11.022  0.071   -8.599  1.00 24.35 ? 39  ALA A CA  1 
ATOM   286  C C   . ALA A 1 38  ? 10.721  -1.374  -8.173  1.00 24.75 ? 39  ALA A C   1 
ATOM   287  O O   . ALA A 1 38  ? 9.717   -1.970  -8.589  1.00 24.42 ? 39  ALA A O   1 
ATOM   288  C CB  . ALA A 1 38  ? 10.257  1.042   -7.727  1.00 24.17 ? 39  ALA A CB  1 
ATOM   289  N N   . LYS A 1 39  ? 11.610  -1.919  -7.352  1.00 26.16 ? 40  LYS A N   1 
ATOM   290  C CA  . LYS A 1 39  ? 11.408  -3.174  -6.644  1.00 28.64 ? 40  LYS A CA  1 
ATOM   291  C C   . LYS A 1 39  ? 11.617  -2.857  -5.176  1.00 26.55 ? 40  LYS A C   1 
ATOM   292  O O   . LYS A 1 39  ? 12.711  -3.059  -4.629  1.00 24.73 ? 40  LYS A O   1 
ATOM   293  C CB  . LYS A 1 39  ? 12.388  -4.250  -7.118  1.00 32.49 ? 40  LYS A CB  1 
ATOM   294  C CG  . LYS A 1 39  ? 12.074  -4.833  -8.502  1.00 39.32 ? 40  LYS A CG  1 
ATOM   295  C CD  . LYS A 1 39  ? 11.195  -6.094  -8.432  1.00 43.21 ? 40  LYS A CD  1 
ATOM   296  C CE  . LYS A 1 39  ? 10.619  -6.487  -9.796  1.00 47.29 ? 40  LYS A CE  1 
ATOM   297  N NZ  . LYS A 1 39  ? 9.588   -7.573  -9.696  1.00 49.69 ? 40  LYS A NZ  1 
ATOM   298  N N   . PRO A 1 40  ? 10.572  -2.315  -4.536  1.00 26.06 ? 41  PRO A N   1 
ATOM   299  C CA  . PRO A 1 40  ? 10.746  -1.790  -3.184  1.00 25.44 ? 41  PRO A CA  1 
ATOM   300  C C   . PRO A 1 40  ? 10.655  -2.810  -2.064  1.00 26.38 ? 41  PRO A C   1 
ATOM   301  O O   . PRO A 1 40  ? 10.079  -3.906  -2.224  1.00 25.91 ? 41  PRO A O   1 
ATOM   302  C CB  . PRO A 1 40  ? 9.587   -0.775  -3.057  1.00 25.69 ? 41  PRO A CB  1 
ATOM   303  C CG  . PRO A 1 40  ? 8.537   -1.287  -3.973  1.00 24.54 ? 41  PRO A CG  1 
ATOM   304  C CD  . PRO A 1 40  ? 9.289   -1.885  -5.129  1.00 24.84 ? 41  PRO A CD  1 
ATOM   305  N N   . ASP A 1 41  ? 11.205  -2.412  -0.922  1.00 26.26 ? 42  ASP A N   1 
ATOM   306  C CA  . ASP A 1 41  ? 10.982  -3.108  0.323   1.00 27.36 ? 42  ASP A CA  1 
ATOM   307  C C   . ASP A 1 41  ? 9.844   -2.387  1.063   1.00 25.88 ? 42  ASP A C   1 
ATOM   308  O O   . ASP A 1 41  ? 9.684   -1.166  1.000   1.00 22.48 ? 42  ASP A O   1 
ATOM   309  C CB  . ASP A 1 41  ? 12.248  -3.133  1.174   1.00 28.81 ? 42  ASP A CB  1 
ATOM   310  C CG  . ASP A 1 41  ? 13.430  -3.771  0.447   1.00 33.46 ? 42  ASP A CG  1 
ATOM   311  O OD1 . ASP A 1 41  ? 13.238  -4.822  -0.229  1.00 37.49 ? 42  ASP A OD1 1 
ATOM   312  O OD2 . ASP A 1 41  ? 14.557  -3.216  0.546   1.00 36.85 ? 42  ASP A OD2 1 
ATOM   313  N N   . VAL A 1 42  ? 9.051   -3.163  1.762   1.00 24.39 ? 43  VAL A N   1 
ATOM   314  C CA  . VAL A 1 42  ? 7.936   -2.628  2.484   1.00 25.58 ? 43  VAL A CA  1 
ATOM   315  C C   . VAL A 1 42  ? 8.050   -3.242  3.871   1.00 24.35 ? 43  VAL A C   1 
ATOM   316  O O   . VAL A 1 42  ? 8.080   -4.467  4.006   1.00 26.15 ? 43  VAL A O   1 
ATOM   317  C CB  . VAL A 1 42  ? 6.605   -2.945  1.765   1.00 25.69 ? 43  VAL A CB  1 
ATOM   318  C CG1 . VAL A 1 42  ? 5.397   -2.592  2.619   1.00 29.14 ? 43  VAL A CG1 1 
ATOM   319  C CG2 . VAL A 1 42  ? 6.524   -2.162  0.483   1.00 27.38 ? 43  VAL A CG2 1 
ATOM   320  N N   . TYR A 1 43  ? 8.183   -2.396  4.882   1.00 22.80 ? 44  TYR A N   1 
ATOM   321  C CA  . TYR A 1 43  ? 8.179   -2.861  6.264   1.00 23.50 ? 44  TYR A CA  1 
ATOM   322  C C   . TYR A 1 43  ? 6.843   -2.522  6.882   1.00 23.57 ? 44  TYR A C   1 
ATOM   323  O O   . TYR A 1 43  ? 6.360   -1.377  6.845   1.00 22.58 ? 44  TYR A O   1 
ATOM   324  C CB  . TYR A 1 43  ? 9.281   -2.234  7.120   1.00 25.76 ? 44  TYR A CB  1 
ATOM   325  C CG  . TYR A 1 43  ? 10.701  -2.314  6.579   1.00 27.64 ? 44  TYR A CG  1 
ATOM   326  C CD1 . TYR A 1 43  ? 11.046  -1.655  5.398   1.00 29.82 ? 44  TYR A CD1 1 
ATOM   327  C CD2 . TYR A 1 43  ? 11.714  -2.961  7.285   1.00 29.75 ? 44  TYR A CD2 1 
ATOM   328  C CE1 . TYR A 1 43  ? 12.336  -1.673  4.901   1.00 30.79 ? 44  TYR A CE1 1 
ATOM   329  C CE2 . TYR A 1 43  ? 13.028  -2.978  6.794   1.00 31.73 ? 44  TYR A CE2 1 
ATOM   330  C CZ  . TYR A 1 43  ? 13.319  -2.314  5.592   1.00 32.07 ? 44  TYR A CZ  1 
ATOM   331  O OH  . TYR A 1 43  ? 14.561  -2.292  5.015   1.00 34.17 ? 44  TYR A OH  1 
ATOM   332  N N   . ILE A 1 44  ? 6.211   -3.547  7.411   1.00 25.18 ? 45  ILE A N   1 
ATOM   333  C CA  . ILE A 1 44  ? 5.054   -3.371  8.230   1.00 24.39 ? 45  ILE A CA  1 
ATOM   334  C C   . ILE A 1 44  ? 5.550   -3.689  9.611   1.00 24.85 ? 45  ILE A C   1 
ATOM   335  O O   . ILE A 1 44  ? 5.972   -4.803  9.870   1.00 27.81 ? 45  ILE A O   1 
ATOM   336  C CB  . ILE A 1 44  ? 3.951   -4.288  7.765   1.00 24.70 ? 45  ILE A CB  1 
ATOM   337  C CG1 . ILE A 1 44  ? 3.738   -4.032  6.270   1.00 24.32 ? 45  ILE A CG1 1 
ATOM   338  C CG2 . ILE A 1 44  ? 2.679   -4.062  8.607   1.00 24.96 ? 45  ILE A CG2 1 
ATOM   339  C CD1 . ILE A 1 44  ? 2.756   -4.984  5.630   1.00 25.53 ? 45  ILE A CD1 1 
ATOM   340  N N   . ILE A 1 45  ? 5.569   -2.666  10.456  1.00 26.52 ? 46  ILE A N   1 
ATOM   341  C CA  . ILE A 1 45  ? 6.140   -2.694  11.794  1.00 25.36 ? 46  ILE A CA  1 
ATOM   342  C C   . ILE A 1 45  ? 5.004   -2.358  12.757  1.00 26.73 ? 46  ILE A C   1 
ATOM   343  O O   . ILE A 1 45  ? 4.185   -1.502  12.445  1.00 26.71 ? 46  ILE A O   1 
ATOM   344  C CB  . ILE A 1 45  ? 7.206   -1.592  11.930  1.00 27.59 ? 46  ILE A CB  1 
ATOM   345  C CG1 . ILE A 1 45  ? 8.172   -1.606  10.740  1.00 29.43 ? 46  ILE A CG1 1 
ATOM   346  C CG2 . ILE A 1 45  ? 8.034   -1.755  13.199  1.00 28.84 ? 46  ILE A CG2 1 
ATOM   347  C CD1 . ILE A 1 45  ? 9.205   -0.505  10.839  1.00 30.13 ? 46  ILE A CD1 1 
ATOM   348  N N   . LYS A 1 46  ? 4.948   -3.000  13.920  1.00 26.49 ? 47  LYS A N   1 
ATOM   349  C CA  . LYS A 1 46  ? 4.006   -2.583  14.949  1.00 28.86 ? 47  LYS A CA  1 
ATOM   350  C C   . LYS A 1 46  ? 4.740   -2.421  16.264  1.00 27.70 ? 47  LYS A C   1 
ATOM   351  O O   . LYS A 1 46  ? 5.524   -3.272  16.625  1.00 24.67 ? 47  LYS A O   1 
ATOM   352  C CB  . LYS A 1 46  ? 2.905   -3.624  15.111  1.00 30.99 ? 47  LYS A CB  1 
ATOM   353  C CG  . LYS A 1 46  ? 1.895   -3.349  16.216  1.00 32.03 ? 47  LYS A CG  1 
ATOM   354  C CD  . LYS A 1 46  ? 1.187   -4.640  16.621  1.00 34.30 ? 47  LYS A CD  1 
ATOM   355  C CE  . LYS A 1 46  ? -0.194  -4.383  17.211  1.00 36.88 ? 47  LYS A CE  1 
ATOM   356  N NZ  . LYS A 1 46  ? -0.148  -4.132  18.678  1.00 38.93 ? 47  LYS A NZ  1 
ATOM   357  N N   . ASP A 1 47  ? 4.467   -1.342  16.986  1.00 26.86 ? 48  ASP A N   1 
ATOM   358  C CA  . ASP A 1 47  ? 4.941   -1.221  18.367  1.00 28.74 ? 48  ASP A CA  1 
ATOM   359  C C   . ASP A 1 47  ? 3.849   -0.529  19.200  1.00 26.72 ? 48  ASP A C   1 
ATOM   360  O O   . ASP A 1 47  ? 3.250   0.453   18.781  1.00 24.22 ? 48  ASP A O   1 
ATOM   361  C CB  . ASP A 1 47  ? 6.309   -0.510  18.425  1.00 30.15 ? 48  ASP A CB  1 
ATOM   362  C CG  . ASP A 1 47  ? 7.483   -1.407  17.915  1.00 33.84 ? 48  ASP A CG  1 
ATOM   363  O OD1 . ASP A 1 47  ? 8.060   -2.225  18.698  1.00 32.19 ? 48  ASP A OD1 1 
ATOM   364  O OD2 . ASP A 1 47  ? 7.834   -1.305  16.706  1.00 36.77 ? 48  ASP A OD2 1 
ATOM   365  N N   . GLY A 1 48  ? 3.551   -1.065  20.368  1.00 28.74 ? 49  GLY A N   1 
ATOM   366  C CA  . GLY A 1 48  ? 2.367   -0.596  21.118  1.00 28.89 ? 49  GLY A CA  1 
ATOM   367  C C   . GLY A 1 48  ? 1.196   -0.938  20.238  1.00 28.33 ? 49  GLY A C   1 
ATOM   368  O O   . GLY A 1 48  ? 1.124   -2.058  19.755  1.00 30.48 ? 49  GLY A O   1 
ATOM   369  N N   . ASP A 1 49  ? 0.328   0.026   19.957  1.00 27.36 ? 50  ASP A N   1 
ATOM   370  C CA  . ASP A 1 49  ? -0.742  -0.174  18.975  1.00 28.50 ? 50  ASP A CA  1 
ATOM   371  C C   . ASP A 1 49  ? -0.458  0.501   17.654  1.00 26.35 ? 50  ASP A C   1 
ATOM   372  O O   . ASP A 1 49  ? -1.357  0.581   16.814  1.00 29.32 ? 50  ASP A O   1 
ATOM   373  C CB  . ASP A 1 49  ? -2.059  0.430   19.473  1.00 31.77 ? 50  ASP A CB  1 
ATOM   374  C CG  . ASP A 1 49  ? -2.540  -0.173  20.759  1.00 31.20 ? 50  ASP A CG  1 
ATOM   375  O OD1 . ASP A 1 49  ? -2.379  -1.393  20.954  1.00 36.58 ? 50  ASP A OD1 1 
ATOM   376  O OD2 . ASP A 1 49  ? -3.108  0.598   21.556  1.00 32.50 ? 50  ASP A OD2 1 
ATOM   377  N N   . THR A 1 50  ? 0.738   1.046   17.477  1.00 22.58 ? 51  THR A N   1 
ATOM   378  C CA  . THR A 1 50  ? 1.005   1.898   16.330  1.00 21.72 ? 51  THR A CA  1 
ATOM   379  C C   . THR A 1 50  ? 1.660   1.030   15.280  1.00 21.35 ? 51  THR A C   1 
ATOM   380  O O   . THR A 1 50  ? 2.616   0.328   15.553  1.00 22.97 ? 51  THR A O   1 
ATOM   381  C CB  . THR A 1 50  ? 1.858   3.148   16.700  1.00 20.98 ? 51  THR A CB  1 
ATOM   382  O OG1 . THR A 1 50  ? 1.111   3.972   17.598  1.00 20.91 ? 51  THR A OG1 1 
ATOM   383  C CG2 . THR A 1 50  ? 2.219   4.019   15.500  1.00 19.52 ? 51  THR A CG2 1 
ATOM   384  N N   . ILE A 1 51  ? 1.078   1.043   14.089  1.00 21.33 ? 52  ILE A N   1 
ATOM   385  C CA  . ILE A 1 51  ? 1.570   0.282   12.950  1.00 20.83 ? 52  ILE A CA  1 
ATOM   386  C C   . ILE A 1 51  ? 2.205   1.265   12.003  1.00 19.73 ? 52  ILE A C   1 
ATOM   387  O O   . ILE A 1 51  ? 1.737   2.384   11.874  1.00 17.32 ? 52  ILE A O   1 
ATOM   388  C CB  . ILE A 1 51  ? 0.403   -0.388  12.227  1.00 21.61 ? 52  ILE A CB  1 
ATOM   389  C CG1 . ILE A 1 51  ? -0.151  -1.485  13.113  1.00 23.76 ? 52  ILE A CG1 1 
ATOM   390  C CG2 . ILE A 1 51  ? 0.831   -0.949  10.876  1.00 21.16 ? 52  ILE A CG2 1 
ATOM   391  C CD1 . ILE A 1 51  ? -1.648  -1.429  13.243  1.00 25.24 ? 52  ILE A CD1 1 
ATOM   392  N N   . THR A 1 52  ? 3.262   0.833   11.342  1.00 20.87 ? 53  THR A N   1 
ATOM   393  C CA  . THR A 1 52  ? 3.901   1.632   10.307  1.00 22.56 ? 53  THR A CA  1 
ATOM   394  C C   . THR A 1 52  ? 4.021   0.803   9.045   1.00 22.99 ? 53  THR A C   1 
ATOM   395  O O   . THR A 1 52  ? 4.451   -0.346  9.126   1.00 22.59 ? 53  THR A O   1 
ATOM   396  C CB  . THR A 1 52  ? 5.293   2.048   10.786  1.00 22.68 ? 53  THR A CB  1 
ATOM   397  O OG1 . THR A 1 52  ? 5.139   2.891   11.927  1.00 24.98 ? 53  THR A OG1 1 
ATOM   398  C CG2 . THR A 1 52  ? 6.069   2.809   9.703   1.00 23.36 ? 53  THR A CG2 1 
ATOM   399  N N   . VAL A 1 53  ? 3.652   1.377   7.894   1.00 23.70 ? 54  VAL A N   1 
ATOM   400  C CA  . VAL A 1 53  ? 3.975   0.792   6.578   1.00 23.22 ? 54  VAL A CA  1 
ATOM   401  C C   . VAL A 1 53  ? 5.040   1.673   5.911   1.00 25.19 ? 54  VAL A C   1 
ATOM   402  O O   . VAL A 1 53  ? 4.764   2.770   5.507   1.00 24.79 ? 54  VAL A O   1 
ATOM   403  C CB  . VAL A 1 53  ? 2.730   0.648   5.682   1.00 23.68 ? 54  VAL A CB  1 
ATOM   404  C CG1 . VAL A 1 53  ? 3.060   -0.016  4.352   1.00 22.75 ? 54  VAL A CG1 1 
ATOM   405  C CG2 . VAL A 1 53  ? 1.650   -0.165  6.390   1.00 24.64 ? 54  VAL A CG2 1 
ATOM   406  N N   . LYS A 1 54  ? 6.269   1.172   5.810   1.00 28.73 ? 55  LYS A N   1 
ATOM   407  C CA  . LYS A 1 54  ? 7.424   1.951   5.357   1.00 31.38 ? 55  LYS A CA  1 
ATOM   408  C C   . LYS A 1 54  ? 7.894   1.390   4.002   1.00 28.78 ? 55  LYS A C   1 
ATOM   409  O O   . LYS A 1 54  ? 8.253   0.216   3.912   1.00 27.47 ? 55  LYS A O   1 
ATOM   410  C CB  . LYS A 1 54  ? 8.529   1.829   6.424   1.00 36.73 ? 55  LYS A CB  1 
ATOM   411  C CG  . LYS A 1 54  ? 9.748   2.735   6.266   1.00 44.26 ? 55  LYS A CG  1 
ATOM   412  C CD  . LYS A 1 54  ? 10.746  2.514   7.415   1.00 52.13 ? 55  LYS A CD  1 
ATOM   413  C CE  . LYS A 1 54  ? 11.567  3.768   7.767   1.00 59.76 ? 55  LYS A CE  1 
ATOM   414  N NZ  . LYS A 1 54  ? 12.296  3.691   9.081   1.00 60.34 ? 55  LYS A NZ  1 
ATOM   415  N N   . THR A 1 55  ? 7.837   2.210   2.951   1.00 26.36 ? 56  THR A N   1 
ATOM   416  C CA  . THR A 1 55  ? 8.181   1.783   1.598   1.00 25.77 ? 56  THR A CA  1 
ATOM   417  C C   . THR A 1 55  ? 9.506   2.391   1.167   1.00 27.61 ? 56  THR A C   1 
ATOM   418  O O   . THR A 1 55  ? 9.591   3.609   0.990   1.00 27.74 ? 56  THR A O   1 
ATOM   419  C CB  . THR A 1 55  ? 7.126   2.217   0.555   1.00 25.83 ? 56  THR A CB  1 
ATOM   420  O OG1 . THR A 1 55  ? 5.822   1.743   0.926   1.00 24.85 ? 56  THR A OG1 1 
ATOM   421  C CG2 . THR A 1 55  ? 7.487   1.667   -0.859  1.00 25.89 ? 56  THR A CG2 1 
ATOM   422  N N   . GLU A 1 56  ? 10.502  1.539   0.925   1.00 29.19 ? 57  GLU A N   1 
ATOM   423  C CA  . GLU A 1 56  ? 11.861  1.968   0.549   1.00 32.65 ? 57  GLU A CA  1 
ATOM   424  C C   . GLU A 1 56  ? 12.363  1.483   -0.828  1.00 29.95 ? 57  GLU A C   1 
ATOM   425  O O   . GLU A 1 56  ? 12.243  0.301   -1.164  1.00 27.74 ? 57  GLU A O   1 
ATOM   426  C CB  . GLU A 1 56  ? 12.824  1.516   1.641   1.00 36.50 ? 57  GLU A CB  1 
ATOM   427  C CG  . GLU A 1 56  ? 12.345  2.007   3.000   1.00 43.54 ? 57  GLU A CG  1 
ATOM   428  C CD  . GLU A 1 56  ? 13.464  2.276   3.985   1.00 49.33 ? 57  GLU A CD  1 
ATOM   429  O OE1 . GLU A 1 56  ? 13.367  3.305   4.694   1.00 61.79 ? 57  GLU A OE1 1 
ATOM   430  O OE2 . GLU A 1 56  ? 14.424  1.473   4.058   1.00 51.75 ? 57  GLU A OE2 1 
ATOM   431  N N   . SER A 1 57  ? 12.940  2.402   -1.604  1.00 28.95 ? 58  SER A N   1 
ATOM   432  C CA  . SER A 1 57  ? 13.507  2.092   -2.907  1.00 29.74 ? 58  SER A CA  1 
ATOM   433  C C   . SER A 1 57  ? 14.507  3.164   -3.275  1.00 31.75 ? 58  SER A C   1 
ATOM   434  O O   . SER A 1 57  ? 14.560  4.177   -2.602  1.00 31.90 ? 58  SER A O   1 
ATOM   435  C CB  . SER A 1 57  ? 12.408  2.002   -3.979  1.00 32.52 ? 58  SER A CB  1 
ATOM   436  O OG  . SER A 1 57  ? 11.939  3.262   -4.454  1.00 30.58 ? 58  SER A OG  1 
ATOM   437  N N   . THR A 1 58  ? 15.291  2.925   -4.331  1.00 34.58 ? 59  THR A N   1 
ATOM   438  C CA  . THR A 1 58  ? 16.264  3.898   -4.884  1.00 38.35 ? 59  THR A CA  1 
ATOM   439  C C   . THR A 1 58  ? 15.650  5.198   -5.348  1.00 40.46 ? 59  THR A C   1 
ATOM   440  O O   . THR A 1 58  ? 16.268  6.254   -5.257  1.00 41.85 ? 59  THR A O   1 
ATOM   441  C CB  . THR A 1 58  ? 16.969  3.364   -6.154  1.00 40.88 ? 59  THR A CB  1 
ATOM   442  O OG1 . THR A 1 58  ? 16.050  2.578   -6.927  1.00 39.16 ? 59  THR A OG1 1 
ATOM   443  C CG2 . THR A 1 58  ? 18.157  2.515   -5.791  1.00 43.68 ? 59  THR A CG2 1 
ATOM   444  N N   . PHE A 1 59  ? 14.431  5.094   -5.866  1.00 41.53 ? 60  PHE A N   1 
ATOM   445  C CA  . PHE A 1 59  ? 13.697  6.231   -6.394  1.00 39.72 ? 60  PHE A CA  1 
ATOM   446  C C   . PHE A 1 59  ? 13.073  7.066   -5.299  1.00 41.77 ? 60  PHE A C   1 
ATOM   447  O O   . PHE A 1 59  ? 13.383  8.253   -5.175  1.00 48.37 ? 60  PHE A O   1 
ATOM   448  C CB  . PHE A 1 59  ? 12.632  5.733   -7.364  1.00 36.13 ? 60  PHE A CB  1 
ATOM   449  C CG  . PHE A 1 59  ? 13.198  4.895   -8.472  1.00 33.34 ? 60  PHE A CG  1 
ATOM   450  C CD1 . PHE A 1 59  ? 13.914  5.487   -9.508  1.00 33.03 ? 60  PHE A CD1 1 
ATOM   451  C CD2 . PHE A 1 59  ? 13.052  3.518   -8.464  1.00 32.50 ? 60  PHE A CD2 1 
ATOM   452  C CE1 . PHE A 1 59  ? 14.448  4.721   -10.530 1.00 32.64 ? 60  PHE A CE1 1 
ATOM   453  C CE2 . PHE A 1 59  ? 13.593  2.742   -9.478  1.00 32.26 ? 60  PHE A CE2 1 
ATOM   454  C CZ  . PHE A 1 59  ? 14.286  3.350   -10.526 1.00 32.09 ? 60  PHE A CZ  1 
ATOM   455  N N   . LYS A 1 60  ? 12.223  6.445   -4.492  1.00 45.04 ? 61  LYS A N   1 
ATOM   456  C CA  . LYS A 1 60  ? 11.449  7.166   -3.485  1.00 48.01 ? 61  LYS A CA  1 
ATOM   457  C C   . LYS A 1 60  ? 11.241  6.386   -2.185  1.00 47.15 ? 61  LYS A C   1 
ATOM   458  O O   . LYS A 1 60  ? 11.090  5.170   -2.199  1.00 44.79 ? 61  LYS A O   1 
ATOM   459  C CB  . LYS A 1 60  ? 10.076  7.531   -4.055  1.00 52.52 ? 61  LYS A CB  1 
ATOM   460  C CG  . LYS A 1 60  ? 10.118  8.485   -5.242  1.00 58.44 ? 61  LYS A CG  1 
ATOM   461  C CD  . LYS A 1 60  ? 8.948   9.467   -5.245  1.00 63.13 ? 61  LYS A CD  1 
ATOM   462  C CE  . LYS A 1 60  ? 9.000   10.461  -4.078  1.00 65.21 ? 61  LYS A CE  1 
ATOM   463  N NZ  . LYS A 1 60  ? 8.246   10.033  -2.854  1.00 64.03 ? 61  LYS A NZ  1 
ATOM   464  N N   . THR A 1 61  ? 11.193  7.120   -1.077  1.00 47.22 ? 62  THR A N   1 
ATOM   465  C CA  . THR A 1 61  ? 10.844  6.581   0.229   1.00 49.69 ? 62  THR A CA  1 
ATOM   466  C C   . THR A 1 61  ? 9.568   7.226   0.798   1.00 47.50 ? 62  THR A C   1 
ATOM   467  O O   . THR A 1 61  ? 9.356   8.417   0.679   1.00 52.08 ? 62  THR A O   1 
ATOM   468  C CB  . THR A 1 61  ? 12.017  6.731   1.209   1.00 52.44 ? 62  THR A CB  1 
ATOM   469  O OG1 . THR A 1 61  ? 13.027  5.778   0.863   1.00 56.24 ? 62  THR A OG1 1 
ATOM   470  C CG2 . THR A 1 61  ? 11.584  6.478   2.657   1.00 54.76 ? 62  THR A CG2 1 
ATOM   471  N N   . SER A 1 62  ? 8.732   6.405   1.419   1.00 44.74 ? 63  SER A N   1 
ATOM   472  C CA  . SER A 1 62  ? 7.436   6.807   1.922   1.00 41.51 ? 63  SER A CA  1 
ATOM   473  C C   . SER A 1 62  ? 7.181   6.038   3.193   1.00 36.72 ? 63  SER A C   1 
ATOM   474  O O   . SER A 1 62  ? 7.721   4.974   3.396   1.00 35.94 ? 63  SER A O   1 
ATOM   475  C CB  . SER A 1 62  ? 6.350   6.468   0.902   1.00 47.39 ? 63  SER A CB  1 
ATOM   476  O OG  . SER A 1 62  ? 5.064   6.338   1.508   1.00 53.86 ? 63  SER A OG  1 
ATOM   477  N N   . GLN A 1 63  ? 6.380   6.595   4.069   1.00 34.66 ? 64  GLN A N   1 
ATOM   478  C CA  . GLN A 1 63  ? 6.038   5.911   5.285   1.00 38.65 ? 64  GLN A CA  1 
ATOM   479  C C   . GLN A 1 63  ? 4.752   6.495   5.800   1.00 35.65 ? 64  GLN A C   1 
ATOM   480  O O   . GLN A 1 63  ? 4.523   7.685   5.638   1.00 35.22 ? 64  GLN A O   1 
ATOM   481  C CB  . GLN A 1 63  ? 7.156   6.009   6.341   1.00 43.63 ? 64  GLN A CB  1 
ATOM   482  C CG  . GLN A 1 63  ? 7.767   7.395   6.568   1.00 48.00 ? 64  GLN A CG  1 
ATOM   483  C CD  . GLN A 1 63  ? 8.830   7.811   5.521   1.00 55.16 ? 64  GLN A CD  1 
ATOM   484  O OE1 . GLN A 1 63  ? 8.842   8.963   5.060   1.00 61.74 ? 64  GLN A OE1 1 
ATOM   485  N NE2 . GLN A 1 63  ? 9.730   6.888   5.159   1.00 56.04 ? 64  GLN A NE2 1 
ATOM   486  N N   . PHE A 1 64  ? 3.904   5.649   6.380   1.00 31.97 ? 65  PHE A N   1 
ATOM   487  C CA  . PHE A 1 64  ? 2.749   6.122   7.136   1.00 28.98 ? 65  PHE A CA  1 
ATOM   488  C C   . PHE A 1 64  ? 2.510   5.279   8.368   1.00 26.27 ? 65  PHE A C   1 
ATOM   489  O O   . PHE A 1 64  ? 2.664   4.086   8.335   1.00 24.24 ? 65  PHE A O   1 
ATOM   490  C CB  . PHE A 1 64  ? 1.470   6.227   6.276   1.00 29.23 ? 65  PHE A CB  1 
ATOM   491  C CG  . PHE A 1 64  ? 1.012   4.938   5.638   1.00 26.48 ? 65  PHE A CG  1 
ATOM   492  C CD1 . PHE A 1 64  ? 1.465   4.576   4.384   1.00 25.21 ? 65  PHE A CD1 1 
ATOM   493  C CD2 . PHE A 1 64  ? 0.057   4.153   6.248   1.00 26.14 ? 65  PHE A CD2 1 
ATOM   494  C CE1 . PHE A 1 64  ? 1.031   3.418   3.784   1.00 25.68 ? 65  PHE A CE1 1 
ATOM   495  C CE2 . PHE A 1 64  ? -0.391  2.977   5.660   1.00 25.72 ? 65  PHE A CE2 1 
ATOM   496  C CZ  . PHE A 1 64  ? 0.088   2.615   4.420   1.00 26.31 ? 65  PHE A CZ  1 
ATOM   497  N N   . SER A 1 65  ? 2.159   5.951   9.455   1.00 25.41 ? 66  SER A N   1 
ATOM   498  C CA  . SER A 1 65  ? 1.949   5.343   10.738  1.00 23.76 ? 66  SER A CA  1 
ATOM   499  C C   . SER A 1 65  ? 0.520   5.607   11.164  1.00 23.68 ? 66  SER A C   1 
ATOM   500  O O   . SER A 1 65  ? -0.051  6.655   10.885  1.00 21.59 ? 66  SER A O   1 
ATOM   501  C CB  . SER A 1 65  ? 2.919   5.920   11.775  1.00 24.66 ? 66  SER A CB  1 
ATOM   502  O OG  . SER A 1 65  ? 4.216   5.338   11.685  1.00 26.02 ? 66  SER A OG  1 
ATOM   503  N N   . PHE A 1 66  ? -0.080  4.654   11.855  1.00 23.19 ? 67  PHE A N   1 
ATOM   504  C CA  . PHE A 1 66  ? -1.461  4.827   12.230  1.00 23.52 ? 67  PHE A CA  1 
ATOM   505  C C   . PHE A 1 66  ? -1.841  3.792   13.294  1.00 23.81 ? 67  PHE A C   1 
ATOM   506  O O   . PHE A 1 66  ? -1.110  2.821   13.528  1.00 21.03 ? 67  PHE A O   1 
ATOM   507  C CB  . PHE A 1 66  ? -2.325  4.634   10.972  1.00 24.06 ? 67  PHE A CB  1 
ATOM   508  C CG  . PHE A 1 66  ? -2.139  3.280   10.355  1.00 24.69 ? 67  PHE A CG  1 
ATOM   509  C CD1 . PHE A 1 66  ? -1.131  3.065   9.428   1.00 25.71 ? 67  PHE A CD1 1 
ATOM   510  C CD2 . PHE A 1 66  ? -2.873  2.212   10.800  1.00 23.78 ? 67  PHE A CD2 1 
ATOM   511  C CE1 . PHE A 1 66  ? -0.908  1.821   8.901   1.00 24.98 ? 67  PHE A CE1 1 
ATOM   512  C CE2 . PHE A 1 66  ? -2.660  0.959   10.279  1.00 25.87 ? 67  PHE A CE2 1 
ATOM   513  C CZ  . PHE A 1 66  ? -1.681  0.763   9.323   1.00 25.81 ? 67  PHE A CZ  1 
ATOM   514  N N   . LYS A 1 67  ? -2.996  4.030   13.913  1.00 24.01 ? 68  LYS A N   1 
ATOM   515  C CA  . LYS A 1 67  ? -3.725  3.023   14.679  1.00 24.77 ? 68  LYS A CA  1 
ATOM   516  C C   . LYS A 1 67  ? -4.925  2.454   13.884  1.00 23.25 ? 68  LYS A C   1 
ATOM   517  O O   . LYS A 1 67  ? -5.526  3.144   13.083  1.00 20.94 ? 68  LYS A O   1 
ATOM   518  C CB  . LYS A 1 67  ? -4.192  3.630   16.000  1.00 25.26 ? 68  LYS A CB  1 
ATOM   519  C CG  . LYS A 1 67  ? -3.059  3.727   16.978  1.00 28.99 ? 68  LYS A CG  1 
ATOM   520  C CD  . LYS A 1 67  ? -3.465  4.169   18.370  1.00 31.69 ? 68  LYS A CD  1 
ATOM   521  C CE  . LYS A 1 67  ? -2.193  4.505   19.141  1.00 34.25 ? 68  LYS A CE  1 
ATOM   522  N NZ  . LYS A 1 67  ? -2.452  4.996   20.520  1.00 36.07 ? 68  LYS A NZ  1 
ATOM   523  N N   . LEU A 1 68  ? -5.243  1.188   14.121  1.00 24.22 ? 69  LEU A N   1 
ATOM   524  C CA  . LEU A 1 68  ? -6.343  0.524   13.454  1.00 25.29 ? 69  LEU A CA  1 
ATOM   525  C C   . LEU A 1 68  ? -7.633  1.170   13.877  1.00 26.98 ? 69  LEU A C   1 
ATOM   526  O O   . LEU A 1 68  ? -7.860  1.352   15.074  1.00 30.60 ? 69  LEU A O   1 
ATOM   527  C CB  . LEU A 1 68  ? -6.392  -0.966  13.834  1.00 24.83 ? 69  LEU A CB  1 
ATOM   528  C CG  . LEU A 1 68  ? -5.221  -1.833  13.373  1.00 24.14 ? 69  LEU A CG  1 
ATOM   529  C CD1 . LEU A 1 68  ? -5.407  -3.252  13.870  1.00 24.26 ? 69  LEU A CD1 1 
ATOM   530  C CD2 . LEU A 1 68  ? -5.111  -1.828  11.860  1.00 24.96 ? 69  LEU A CD2 1 
ATOM   531  N N   . GLY A 1 69  ? -8.478  1.514   12.908  1.00 27.93 ? 70  GLY A N   1 
ATOM   532  C CA  . GLY A 1 69  ? -9.779  2.119   13.195  1.00 29.75 ? 70  GLY A CA  1 
ATOM   533  C C   . GLY A 1 69  ? -9.766  3.636   13.371  1.00 31.27 ? 70  GLY A C   1 
ATOM   534  O O   . GLY A 1 69  ? -10.799 4.205   13.656  1.00 32.58 ? 70  GLY A O   1 
ATOM   535  N N   . GLU A 1 70  ? -8.612  4.289   13.198  1.00 31.75 ? 71  GLU A N   1 
ATOM   536  C CA  . GLU A 1 70  ? -8.477  5.737   13.442  1.00 32.78 ? 71  GLU A CA  1 
ATOM   537  C C   . GLU A 1 70  ? -7.953  6.453   12.206  1.00 32.72 ? 71  GLU A C   1 
ATOM   538  O O   . GLU A 1 70  ? -6.829  6.184   11.744  1.00 29.64 ? 71  GLU A O   1 
ATOM   539  C CB  . GLU A 1 70  ? -7.525  6.020   14.601  1.00 32.83 ? 71  GLU A CB  1 
ATOM   540  C CG  . GLU A 1 70  ? -8.117  5.676   15.945  1.00 36.71 ? 71  GLU A CG  1 
ATOM   541  C CD  . GLU A 1 70  ? -7.229  6.085   17.121  1.00 39.63 ? 71  GLU A CD  1 
ATOM   542  O OE1 . GLU A 1 70  ? -7.184  5.312   18.109  1.00 43.85 ? 71  GLU A OE1 1 
ATOM   543  O OE2 . GLU A 1 70  ? -6.587  7.170   17.072  1.00 39.20 ? 71  GLU A OE2 1 
ATOM   544  N N   . LYS A 1 71  ? -8.760  7.384   11.712  1.00 32.73 ? 72  LYS A N   1 
ATOM   545  C CA  . LYS A 1 71  ? -8.472  8.106   10.489  1.00 36.91 ? 72  LYS A CA  1 
ATOM   546  C C   . LYS A 1 71  ? -7.240  8.989   10.623  1.00 33.51 ? 72  LYS A C   1 
ATOM   547  O O   . LYS A 1 71  ? -6.910  9.459   11.718  1.00 32.81 ? 72  LYS A O   1 
ATOM   548  C CB  . LYS A 1 71  ? -9.674  8.958   10.087  1.00 41.97 ? 72  LYS A CB  1 
ATOM   549  C CG  . LYS A 1 71  ? -9.770  9.201   8.592   1.00 48.15 ? 72  LYS A CG  1 
ATOM   550  C CD  . LYS A 1 71  ? -11.137 9.756   8.203   1.00 52.78 ? 72  LYS A CD  1 
ATOM   551  C CE  . LYS A 1 71  ? -11.529 9.296   6.811   1.00 56.12 ? 72  LYS A CE  1 
ATOM   552  N NZ  . LYS A 1 71  ? -12.897 9.734   6.445   1.00 59.15 ? 72  LYS A NZ  1 
ATOM   553  N N   . PHE A 1 72  ? -6.560  9.219   9.508   1.00 30.86 ? 73  PHE A N   1 
ATOM   554  C CA  . PHE A 1 72  ? -5.309  9.975   9.536   1.00 31.24 ? 73  PHE A CA  1 
ATOM   555  C C   . PHE A 1 72  ? -4.965  10.540  8.162   1.00 32.93 ? 73  PHE A C   1 
ATOM   556  O O   . PHE A 1 72  ? -5.331  9.949   7.141   1.00 33.86 ? 73  PHE A O   1 
ATOM   557  C CB  . PHE A 1 72  ? -4.166  9.086   10.087  1.00 29.30 ? 73  PHE A CB  1 
ATOM   558  C CG  . PHE A 1 72  ? -3.765  7.955   9.166   1.00 26.42 ? 73  PHE A CG  1 
ATOM   559  C CD1 . PHE A 1 72  ? -4.445  6.740   9.187   1.00 25.25 ? 73  PHE A CD1 1 
ATOM   560  C CD2 . PHE A 1 72  ? -2.704  8.113   8.285   1.00 24.66 ? 73  PHE A CD2 1 
ATOM   561  C CE1 . PHE A 1 72  ? -4.098  5.716   8.335   1.00 24.42 ? 73  PHE A CE1 1 
ATOM   562  C CE2 . PHE A 1 72  ? -2.339  7.094   7.446   1.00 24.15 ? 73  PHE A CE2 1 
ATOM   563  C CZ  . PHE A 1 72  ? -3.044  5.889   7.461   1.00 25.74 ? 73  PHE A CZ  1 
ATOM   564  N N   . GLU A 1 73  ? -4.297  11.696  8.123   1.00 36.70 ? 74  GLU A N   1 
ATOM   565  C CA  . GLU A 1 73  ? -3.804  12.203  6.838   1.00 41.38 ? 74  GLU A CA  1 
ATOM   566  C C   . GLU A 1 73  ? -2.453  11.562  6.480   1.00 38.17 ? 74  GLU A C   1 
ATOM   567  O O   . GLU A 1 73  ? -1.510  11.580  7.274   1.00 38.93 ? 74  GLU A O   1 
ATOM   568  C CB  . GLU A 1 73  ? -3.747  13.746  6.725   1.00 46.89 ? 74  GLU A CB  1 
ATOM   569  C CG  . GLU A 1 73  ? -3.274  14.199  5.321   1.00 52.70 ? 74  GLU A CG  1 
ATOM   570  C CD  . GLU A 1 73  ? -3.912  15.489  4.785   1.00 61.83 ? 74  GLU A CD  1 
ATOM   571  O OE1 . GLU A 1 73  ? -4.890  15.378  4.002   1.00 71.96 ? 74  GLU A OE1 1 
ATOM   572  O OE2 . GLU A 1 73  ? -3.431  16.609  5.109   1.00 59.94 ? 74  GLU A OE2 1 
ATOM   573  N N   . GLU A 1 74  ? -2.416  11.011  5.265   1.00 33.44 ? 75  GLU A N   1 
ATOM   574  C CA  . GLU A 1 74  ? -1.294  10.317  4.674   1.00 31.35 ? 75  GLU A CA  1 
ATOM   575  C C   . GLU A 1 74  ? -0.725  11.139  3.504   1.00 31.78 ? 75  GLU A C   1 
ATOM   576  O O   . GLU A 1 74  ? -1.475  11.750  2.702   1.00 28.89 ? 75  GLU A O   1 
ATOM   577  C CB  . GLU A 1 74  ? -1.774  8.946   4.183   1.00 31.56 ? 75  GLU A CB  1 
ATOM   578  C CG  . GLU A 1 74  ? -0.788  8.164   3.342   1.00 33.50 ? 75  GLU A CG  1 
ATOM   579  C CD  . GLU A 1 74  ? -1.343  6.843   2.812   1.00 36.10 ? 75  GLU A CD  1 
ATOM   580  O OE1 . GLU A 1 74  ? -2.540  6.531   3.033   1.00 35.88 ? 75  GLU A OE1 1 
ATOM   581  O OE2 . GLU A 1 74  ? -0.574  6.107   2.148   1.00 37.30 ? 75  GLU A OE2 1 
ATOM   582  N N   . ASN A 1 75  ? 0.603   11.186  3.442   1.00 32.15 ? 76  ASN A N   1 
ATOM   583  C CA  . ASN A 1 75  ? 1.321   11.665  2.274   1.00 35.07 ? 76  ASN A CA  1 
ATOM   584  C C   . ASN A 1 75  ? 1.688   10.407  1.501   1.00 34.88 ? 76  ASN A C   1 
ATOM   585  O O   . ASN A 1 75  ? 2.429   9.568   2.006   1.00 35.61 ? 76  ASN A O   1 
ATOM   586  C CB  . ASN A 1 75  ? 2.594   12.399  2.685   1.00 41.46 ? 76  ASN A CB  1 
ATOM   587  C CG  . ASN A 1 75  ? 2.329   13.747  3.370   1.00 46.43 ? 76  ASN A CG  1 
ATOM   588  O OD1 . ASN A 1 75  ? 1.633   13.849  4.390   1.00 55.17 ? 76  ASN A OD1 1 
ATOM   589  N ND2 . ASN A 1 75  ? 2.933   14.789  2.827   1.00 49.79 ? 76  ASN A ND2 1 
ATOM   590  N N   . THR A 1 76  ? 1.141   10.238  0.304   1.00 34.02 ? 77  THR A N   1 
ATOM   591  C CA  . THR A 1 76  ? 1.326   8.995   -0.443  1.00 32.12 ? 77  THR A CA  1 
ATOM   592  C C   . THR A 1 76  ? 2.618   9.023   -1.277  1.00 35.14 ? 77  THR A C   1 
ATOM   593  O O   . THR A 1 76  ? 3.173   10.106  -1.523  1.00 34.59 ? 77  THR A O   1 
ATOM   594  C CB  . THR A 1 76  ? 0.159   8.761   -1.402  1.00 31.05 ? 77  THR A CB  1 
ATOM   595  O OG1 . THR A 1 76  ? 0.253   9.697   -2.488  1.00 29.54 ? 77  THR A OG1 1 
ATOM   596  C CG2 . THR A 1 76  ? -1.212  8.895   -0.656  1.00 31.16 ? 77  THR A CG2 1 
ATOM   597  N N   . LEU A 1 77  ? 3.063   7.841   -1.735  1.00 33.61 ? 78  LEU A N   1 
ATOM   598  C CA  . LEU A 1 77  ? 4.247   7.716   -2.608  1.00 34.50 ? 78  LEU A CA  1 
ATOM   599  C C   . LEU A 1 77  ? 4.272   8.695   -3.773  1.00 32.56 ? 78  LEU A C   1 
ATOM   600  O O   . LEU A 1 77  ? 5.331   9.214   -4.124  1.00 29.66 ? 78  LEU A O   1 
ATOM   601  C CB  . LEU A 1 77  ? 4.359   6.299   -3.181  1.00 37.14 ? 78  LEU A CB  1 
ATOM   602  C CG  . LEU A 1 77  ? 5.141   5.259   -2.378  1.00 38.60 ? 78  LEU A CG  1 
ATOM   603  C CD1 . LEU A 1 77  ? 4.841   3.897   -2.966  1.00 39.51 ? 78  LEU A CD1 1 
ATOM   604  C CD2 . LEU A 1 77  ? 6.636   5.547   -2.416  1.00 39.24 ? 78  LEU A CD2 1 
ATOM   605  N N   . ASP A 1 78  ? 3.112   8.944   -4.377  1.00 32.18 ? 79  ASP A N   1 
ATOM   606  C CA  . ASP A 1 78  ? 3.047   9.889   -5.502  1.00 32.98 ? 79  ASP A CA  1 
ATOM   607  C C   . ASP A 1 78  ? 2.751   11.348  -5.101  1.00 34.44 ? 79  ASP A C   1 
ATOM   608  O O   . ASP A 1 78  ? 2.466   12.196  -5.970  1.00 36.72 ? 79  ASP A O   1 
ATOM   609  C CB  . ASP A 1 78  ? 2.085   9.399   -6.586  1.00 32.06 ? 79  ASP A CB  1 
ATOM   610  C CG  . ASP A 1 78  ? 0.679   9.154   -6.073  1.00 31.98 ? 79  ASP A CG  1 
ATOM   611  O OD1 . ASP A 1 78  ? 0.536   8.515   -5.000  1.00 28.05 ? 79  ASP A OD1 1 
ATOM   612  O OD2 . ASP A 1 78  ? -0.269  9.599   -6.771  1.00 30.11 ? 79  ASP A OD2 1 
ATOM   613  N N   . GLY A 1 79  ? 2.863   11.652  -3.806  1.00 33.77 ? 80  GLY A N   1 
ATOM   614  C CA  . GLY A 1 79  ? 2.627   13.005  -3.305  1.00 34.42 ? 80  GLY A CA  1 
ATOM   615  C C   . GLY A 1 79  ? 1.156   13.417  -3.193  1.00 33.65 ? 80  GLY A C   1 
ATOM   616  O O   . GLY A 1 79  ? 0.829   14.601  -3.298  1.00 35.55 ? 80  GLY A O   1 
ATOM   617  N N   . ARG A 1 80  ? 0.256   12.460  -2.983  1.00 33.19 ? 81  ARG A N   1 
ATOM   618  C CA  . ARG A 1 80  ? -1.099  12.816  -2.611  1.00 32.76 ? 81  ARG A CA  1 
ATOM   619  C C   . ARG A 1 80  ? -1.125  13.015  -1.093  1.00 34.50 ? 81  ARG A C   1 
ATOM   620  O O   . ARG A 1 80  ? -0.274  12.490  -0.375  1.00 34.04 ? 81  ARG A O   1 
ATOM   621  C CB  . ARG A 1 80  ? -2.099  11.761  -3.037  1.00 31.50 ? 81  ARG A CB  1 
ATOM   622  C CG  . ARG A 1 80  ? -2.475  11.819  -4.506  1.00 30.66 ? 81  ARG A CG  1 
ATOM   623  C CD  . ARG A 1 80  ? -3.266  10.581  -4.921  1.00 29.94 ? 81  ARG A CD  1 
ATOM   624  N NE  . ARG A 1 80  ? -2.500  9.336   -4.734  1.00 29.39 ? 81  ARG A NE  1 
ATOM   625  C CZ  . ARG A 1 80  ? -2.883  8.268   -4.034  1.00 26.85 ? 81  ARG A CZ  1 
ATOM   626  N NH1 . ARG A 1 80  ? -4.079  8.198   -3.467  1.00 26.82 ? 81  ARG A NH1 1 
ATOM   627  N NH2 . ARG A 1 80  ? -2.062  7.226   -3.947  1.00 25.41 ? 81  ARG A NH2 1 
ATOM   628  N N   . LYS A 1 81  ? -2.074  13.818  -0.627  1.00 34.30 ? 82  LYS A N   1 
ATOM   629  C CA  . LYS A 1 81  ? -2.324  13.970  0.798   1.00 35.82 ? 82  LYS A CA  1 
ATOM   630  C C   . LYS A 1 81  ? -3.778  13.559  1.000   1.00 32.17 ? 82  LYS A C   1 
ATOM   631  O O   . LYS A 1 81  ? -4.690  14.259  0.582   1.00 28.72 ? 82  LYS A O   1 
ATOM   632  C CB  . LYS A 1 81  ? -2.064  15.403  1.266   1.00 38.62 ? 82  LYS A CB  1 
ATOM   633  C CG  . LYS A 1 81  ? -0.859  16.061  0.605   1.00 42.42 ? 82  LYS A CG  1 
ATOM   634  C CD  . LYS A 1 81  ? 0.447   15.695  1.277   1.00 46.35 ? 82  LYS A CD  1 
ATOM   635  C CE  . LYS A 1 81  ? 1.653   16.078  0.407   1.00 48.78 ? 82  LYS A CE  1 
ATOM   636  N NZ  . LYS A 1 81  ? 2.289   14.928  -0.317  1.00 49.84 ? 82  LYS A NZ  1 
ATOM   637  N N   . THR A 1 82  ? -3.979  12.394  1.601   1.00 30.05 ? 83  THR A N   1 
ATOM   638  C CA  . THR A 1 82  ? -5.300  11.777  1.656   1.00 29.34 ? 83  THR A CA  1 
ATOM   639  C C   . THR A 1 82  ? -5.792  11.602  3.082   1.00 29.51 ? 83  THR A C   1 
ATOM   640  O O   . THR A 1 82  ? -4.994  11.544  4.003   1.00 33.29 ? 83  THR A O   1 
ATOM   641  C CB  . THR A 1 82  ? -5.240  10.373  1.035   1.00 28.21 ? 83  THR A CB  1 
ATOM   642  O OG1 . THR A 1 82  ? -4.458  9.518   1.871   1.00 24.69 ? 83  THR A OG1 1 
ATOM   643  C CG2 . THR A 1 82  ? -4.613  10.434  -0.336  1.00 28.30 ? 83  THR A CG2 1 
ATOM   644  N N   . GLN A 1 83  ? -7.095  11.488  3.269   1.00 30.00 ? 84  GLN A N   1 
ATOM   645  C CA  . GLN A 1 83  ? -7.626  11.036  4.562   1.00 33.04 ? 84  GLN A CA  1 
ATOM   646  C C   . GLN A 1 83  ? -7.773  9.526   4.450   1.00 29.06 ? 84  GLN A C   1 
ATOM   647  O O   . GLN A 1 83  ? -8.510  9.038   3.571   1.00 25.97 ? 84  GLN A O   1 
ATOM   648  C CB  . GLN A 1 83  ? -8.974  11.678  4.881   1.00 39.35 ? 84  GLN A CB  1 
ATOM   649  C CG  . GLN A 1 83  ? -8.963  13.205  4.944   1.00 45.39 ? 84  GLN A CG  1 
ATOM   650  C CD  . GLN A 1 83  ? -8.003  13.750  5.993   1.00 51.23 ? 84  GLN A CD  1 
ATOM   651  O OE1 . GLN A 1 83  ? -7.094  14.526  5.673   1.00 56.71 ? 84  GLN A OE1 1 
ATOM   652  N NE2 . GLN A 1 83  ? -8.183  13.323  7.251   1.00 55.65 ? 84  GLN A NE2 1 
ATOM   653  N N   . THR A 1 84  ? -7.069  8.793   5.317   1.00 25.50 ? 85  THR A N   1 
ATOM   654  C CA  . THR A 1 84  ? -6.965  7.350   5.176   1.00 23.80 ? 85  THR A CA  1 
ATOM   655  C C   . THR A 1 84  ? -7.579  6.629   6.360   1.00 22.15 ? 85  THR A C   1 
ATOM   656  O O   . THR A 1 84  ? -7.472  7.095   7.467   1.00 23.36 ? 85  THR A O   1 
ATOM   657  C CB  . THR A 1 84  ? -5.512  6.920   4.980   1.00 22.71 ? 85  THR A CB  1 
ATOM   658  O OG1 . THR A 1 84  ? -5.005  7.549   3.821   1.00 20.12 ? 85  THR A OG1 1 
ATOM   659  C CG2 . THR A 1 84  ? -5.404  5.426   4.780   1.00 23.13 ? 85  THR A CG2 1 
ATOM   660  N N   . LEU A 1 85  ? -8.256  5.521   6.112   0.57 20.39 ? 86  LEU A N   1 
ATOM   661  C CA  . LEU A 1 85  ? -8.675  4.661   7.190   0.57 20.74 ? 86  LEU A CA  1 
ATOM   662  C C   . LEU A 1 85  ? -8.194  3.267   6.880   0.57 19.84 ? 86  LEU A C   1 
ATOM   663  O O   . LEU A 1 85  ? -8.316  2.788   5.750   0.57 17.60 ? 86  LEU A O   1 
ATOM   664  C CB  . LEU A 1 85  ? -10.189 4.678   7.378   1.00 22.54 ? 86  LEU A CB  1 
ATOM   665  C CG  . LEU A 1 85  ? -10.748 3.902   8.594   1.00 23.57 ? 86  LEU A CG  1 
ATOM   666  C CD1 . LEU A 1 85  ? -10.303 4.512   9.908   1.00 23.94 ? 86  LEU A CD1 1 
ATOM   667  C CD2 . LEU A 1 85  ? -12.271 3.864   8.542   1.00 25.10 ? 86  LEU A CD2 1 
ATOM   668  N N   . VAL A 1 86  ? -7.624  2.641   7.899   1.00 19.89 ? 87  VAL A N   1 
ATOM   669  C CA  . VAL A 1 86  ? -7.111  1.289   7.803   1.00 21.80 ? 87  VAL A CA  1 
ATOM   670  C C   . VAL A 1 86  ? -7.789  0.418   8.839   1.00 23.56 ? 87  VAL A C   1 
ATOM   671  O O   . VAL A 1 86  ? -7.840  0.772   10.027  1.00 23.97 ? 87  VAL A O   1 
ATOM   672  C CB  . VAL A 1 86  ? -5.580  1.208   7.992   1.00 22.61 ? 87  VAL A CB  1 
ATOM   673  C CG1 . VAL A 1 86  ? -5.103  -0.217  7.748   1.00 22.64 ? 87  VAL A CG1 1 
ATOM   674  C CG2 . VAL A 1 86  ? -4.875  2.153   7.026   1.00 22.42 ? 87  VAL A CG2 1 
ATOM   675  N N   . SER A 1 87  ? -8.266  -0.733  8.370   1.00 25.71 ? 88  SER A N   1 
ATOM   676  C CA  . SER A 1 87  ? -9.084  -1.673  9.145   1.00 27.24 ? 88  SER A CA  1 
ATOM   677  C C   . SER A 1 87  ? -8.674  -3.127  8.817   1.00 28.39 ? 88  SER A C   1 
ATOM   678  O O   . SER A 1 87  ? -8.048  -3.384  7.780   1.00 23.89 ? 88  SER A O   1 
ATOM   679  C CB  . SER A 1 87  ? -10.592 -1.453  8.840   1.00 29.63 ? 88  SER A CB  1 
ATOM   680  O OG  . SER A 1 87  ? -10.891 -1.369  7.426   1.00 31.44 ? 88  SER A OG  1 
ATOM   681  N N   . LEU A 1 88  ? -8.984  -4.050  9.733   1.00 29.89 ? 89  LEU A N   1 
ATOM   682  C CA  . LEU A 1 88  ? -8.873  -5.485  9.473   1.00 33.26 ? 89  LEU A CA  1 
ATOM   683  C C   . LEU A 1 88  ? -10.262 -6.105  9.339   1.00 33.90 ? 89  LEU A C   1 
ATOM   684  O O   . LEU A 1 88  ? -11.070 -6.003  10.267  1.00 36.15 ? 89  LEU A O   1 
ATOM   685  C CB  . LEU A 1 88  ? -8.130  -6.187  10.626  1.00 34.28 ? 89  LEU A CB  1 
ATOM   686  C CG  . LEU A 1 88  ? -6.606  -6.123  10.597  1.00 34.24 ? 89  LEU A CG  1 
ATOM   687  C CD1 . LEU A 1 88  ? -6.011  -6.399  11.972  1.00 35.77 ? 89  LEU A CD1 1 
ATOM   688  C CD2 . LEU A 1 88  ? -6.057  -7.105  9.572   1.00 36.47 ? 89  LEU A CD2 1 
ATOM   689  N N   . LYS A 1 89  ? -10.544 -6.752  8.208   1.00 36.57 ? 90  LYS A N   1 
ATOM   690  C CA  . LYS A 1 89  ? -11.774 -7.559  8.086   1.00 38.54 ? 90  LYS A CA  1 
ATOM   691  C C   . LYS A 1 89  ? -11.659 -8.882  8.851   1.00 37.20 ? 90  LYS A C   1 
ATOM   692  O O   . LYS A 1 89  ? -10.560 -9.288  9.187   1.00 32.55 ? 90  LYS A O   1 
ATOM   693  C CB  . LYS A 1 89  ? -12.045 -7.919  6.648   1.00 39.62 ? 90  LYS A CB  1 
ATOM   694  C CG  . LYS A 1 89  ? -12.154 -6.791  5.658   1.00 43.13 ? 90  LYS A CG  1 
ATOM   695  C CD  . LYS A 1 89  ? -12.893 -7.333  4.430   1.00 50.30 ? 90  LYS A CD  1 
ATOM   696  C CE  . LYS A 1 89  ? -12.221 -6.977  3.111   1.00 55.92 ? 90  LYS A CE  1 
ATOM   697  N NZ  . LYS A 1 89  ? -11.854 -8.179  2.303   1.00 58.22 ? 90  LYS A NZ  1 
ATOM   698  N N   . ASP A 1 90  ? -12.794 -9.556  9.085   1.00 40.02 ? 91  ASP A N   1 
ATOM   699  C CA  . ASP A 1 90  ? -12.848 -10.937 9.631   1.00 43.94 ? 91  ASP A CA  1 
ATOM   700  C C   . ASP A 1 90  ? -11.983 -11.951 8.861   1.00 47.64 ? 91  ASP A C   1 
ATOM   701  O O   . ASP A 1 90  ? -11.518 -12.930 9.446   1.00 46.51 ? 91  ASP A O   1 
ATOM   702  C CB  . ASP A 1 90  ? -14.297 -11.460 9.622   1.00 49.27 ? 91  ASP A CB  1 
ATOM   703  C CG  . ASP A 1 90  ? -15.088 -11.026 10.844  1.00 53.76 ? 91  ASP A CG  1 
ATOM   704  O OD1 . ASP A 1 90  ? -15.133 -9.817  11.144  1.00 57.52 ? 91  ASP A OD1 1 
ATOM   705  O OD2 . ASP A 1 90  ? -15.676 -11.901 11.504  1.00 56.75 ? 91  ASP A OD2 1 
ATOM   706  N N   . ASP A 1 91  ? -11.843 -11.719 7.548   1.00 51.34 ? 92  ASP A N   1 
ATOM   707  C CA  . ASP A 1 91  ? -10.965 -12.461 6.595   1.00 56.25 ? 92  ASP A CA  1 
ATOM   708  C C   . ASP A 1 91  ? -9.654  -13.107 7.077   1.00 56.36 ? 92  ASP A C   1 
ATOM   709  O O   . ASP A 1 91  ? -9.410  -14.266 6.756   1.00 64.90 ? 92  ASP A O   1 
ATOM   710  C CB  . ASP A 1 91  ? -10.616 -11.558 5.397   1.00 57.46 ? 92  ASP A CB  1 
ATOM   711  C CG  . ASP A 1 91  ? -11.532 -11.759 4.217   1.00 65.19 ? 92  ASP A CG  1 
ATOM   712  O OD1 . ASP A 1 91  ? -12.428 -12.628 4.284   1.00 73.41 ? 92  ASP A OD1 1 
ATOM   713  O OD2 . ASP A 1 91  ? -11.348 -11.044 3.204   1.00 69.44 ? 92  ASP A OD2 1 
ATOM   714  N N   . GLY A 1 92  ? -8.756  -12.389 7.746   1.00 54.94 ? 93  GLY A N   1 
ATOM   715  C CA  . GLY A 1 92  ? -8.782  -10.955 7.905   1.00 50.28 ? 93  GLY A CA  1 
ATOM   716  C C   . GLY A 1 92  ? -7.722  -10.288 7.047   1.00 45.62 ? 93  GLY A C   1 
ATOM   717  O O   . GLY A 1 92  ? -6.535  -10.370 7.327   1.00 43.89 ? 93  GLY A O   1 
ATOM   718  N N   . SER A 1 93  ? -8.179  -9.619  5.999   1.00 43.87 ? 94  SER A N   1 
ATOM   719  C CA  . SER A 1 93  ? -7.341  -8.806  5.174   1.00 43.69 ? 94  SER A CA  1 
ATOM   720  C C   . SER A 1 93  ? -7.317  -7.387  5.749   1.00 39.93 ? 94  SER A C   1 
ATOM   721  O O   . SER A 1 93  ? -8.191  -6.983  6.517   1.00 40.82 ? 94  SER A O   1 
ATOM   722  C CB  . SER A 1 93  ? -7.838  -8.805  3.719   1.00 45.64 ? 94  SER A CB  1 
ATOM   723  O OG  . SER A 1 93  ? -9.245  -8.882  3.630   1.00 44.78 ? 94  SER A OG  1 
ATOM   724  N N   . LEU A 1 94  ? -6.286  -6.665  5.362   1.00 32.34 ? 95  LEU A N   1 
ATOM   725  C CA  . LEU A 1 94  ? -6.050  -5.331  5.800   1.00 32.76 ? 95  LEU A CA  1 
ATOM   726  C C   . LEU A 1 94  ? -6.529  -4.368  4.714   1.00 31.78 ? 95  LEU A C   1 
ATOM   727  O O   . LEU A 1 94  ? -6.033  -4.417  3.580   1.00 35.51 ? 95  LEU A O   1 
ATOM   728  C CB  . LEU A 1 94  ? -4.555  -5.155  6.001   1.00 31.86 ? 95  LEU A CB  1 
ATOM   729  C CG  . LEU A 1 94  ? -4.169  -3.995  6.892   1.00 34.25 ? 95  LEU A CG  1 
ATOM   730  C CD1 . LEU A 1 94  ? -4.572  -4.268  8.341   1.00 34.23 ? 95  LEU A CD1 1 
ATOM   731  C CD2 . LEU A 1 94  ? -2.667  -3.821  6.769   1.00 36.58 ? 95  LEU A CD2 1 
ATOM   732  N N   . ILE A 1 95  ? -7.459  -3.487  5.061   1.00 28.24 ? 96  ILE A N   1 
ATOM   733  C CA  . ILE A 1 95  ? -8.031  -2.545  4.102   1.00 28.73 ? 96  ILE A CA  1 
ATOM   734  C C   . ILE A 1 95  ? -7.591  -1.139  4.430   1.00 26.83 ? 96  ILE A C   1 
ATOM   735  O O   . ILE A 1 95  ? -7.626  -0.699  5.572   1.00 24.57 ? 96  ILE A O   1 
ATOM   736  C CB  . ILE A 1 95  ? -9.582  -2.567  4.078   1.00 32.00 ? 96  ILE A CB  1 
ATOM   737  C CG1 . ILE A 1 95  ? -10.112 -3.962  4.399   1.00 33.48 ? 96  ILE A CG1 1 
ATOM   738  C CG2 . ILE A 1 95  ? -10.094 -2.138  2.709   1.00 33.92 ? 96  ILE A CG2 1 
ATOM   739  C CD1 . ILE A 1 95  ? -9.548  -5.044  3.498   1.00 35.93 ? 96  ILE A CD1 1 
ATOM   740  N N   . GLN A 1 96  ? -7.158  -0.455  3.397   1.00 27.03 ? 97  GLN A N   1 
ATOM   741  C CA  . GLN A 1 96  ? -6.697  0.886   3.484   1.00 28.03 ? 97  GLN A CA  1 
ATOM   742  C C   . GLN A 1 96  ? -7.548  1.664   2.502   1.00 29.05 ? 97  GLN A C   1 
ATOM   743  O O   . GLN A 1 96  ? -7.461  1.434   1.304   1.00 30.52 ? 97  GLN A O   1 
ATOM   744  C CB  . GLN A 1 96  ? -5.230  0.925   3.092   1.00 27.23 ? 97  GLN A CB  1 
ATOM   745  C CG  . GLN A 1 96  ? -4.692  2.328   2.925   1.00 28.63 ? 97  GLN A CG  1 
ATOM   746  C CD  . GLN A 1 96  ? -3.258  2.366   2.438   1.00 26.77 ? 97  GLN A CD  1 
ATOM   747  O OE1 . GLN A 1 96  ? -2.661  1.342   2.110   1.00 29.23 ? 97  GLN A OE1 1 
ATOM   748  N NE2 . GLN A 1 96  ? -2.697  3.558   2.397   1.00 26.24 ? 97  GLN A NE2 1 
ATOM   749  N N   . GLU A 1 97  ? -8.381  2.564   3.014   1.00 31.20 ? 98  GLU A N   1 
ATOM   750  C CA  . GLU A 1 97  ? -9.256  3.380   2.198   0.58 30.66 ? 98  GLU A CA  1 
ATOM   751  C C   . GLU A 1 97  ? -8.660  4.785   2.212   1.00 27.65 ? 98  GLU A C   1 
ATOM   752  O O   . GLU A 1 97  ? -8.327  5.296   3.264   1.00 24.44 ? 98  GLU A O   1 
ATOM   753  C CB  . GLU A 1 97  ? -10.684 3.316   2.762   1.00 34.93 ? 98  GLU A CB  1 
ATOM   754  C CG  . GLU A 1 97  ? -11.124 1.867   3.083   1.00 41.85 ? 98  GLU A CG  1 
ATOM   755  C CD  . GLU A 1 97  ? -12.569 1.691   3.617   1.00 46.57 ? 98  GLU A CD  1 
ATOM   756  O OE1 . GLU A 1 97  ? -12.866 2.115   4.758   1.00 47.76 ? 98  GLU A OE1 1 
ATOM   757  O OE2 . GLU A 1 97  ? -13.404 1.064   2.917   1.00 49.21 ? 98  GLU A OE2 1 
ATOM   758  N N   . GLN A 1 98  ? -8.463  5.355   1.023   1.00 28.62 ? 99  GLN A N   1 
ATOM   759  C CA  . GLN A 1 98  ? -7.881  6.688   0.818   1.00 30.37 ? 99  GLN A CA  1 
ATOM   760  C C   . GLN A 1 98  ? -8.854  7.587   0.066   1.00 31.23 ? 99  GLN A C   1 
ATOM   761  O O   . GLN A 1 98  ? -9.440  7.155   -0.925  1.00 32.92 ? 99  GLN A O   1 
ATOM   762  C CB  . GLN A 1 98  ? -6.634  6.614   -0.053  1.00 31.32 ? 99  GLN A CB  1 
ATOM   763  C CG  . GLN A 1 98  ? -5.335  6.168   0.603   1.00 31.98 ? 99  GLN A CG  1 
ATOM   764  C CD  . GLN A 1 98  ? -4.167  6.155   -0.398  1.00 31.44 ? 99  GLN A CD  1 
ATOM   765  O OE1 . GLN A 1 98  ? -4.358  6.276   -1.621  1.00 30.28 ? 99  GLN A OE1 1 
ATOM   766  N NE2 . GLN A 1 98  ? -2.958  6.004   0.117   1.00 31.31 ? 99  GLN A NE2 1 
ATOM   767  N N   . GLU A 1 99  ? -8.974  8.836   0.512   1.00 29.64 ? 100 GLU A N   1 
ATOM   768  C CA  . GLU A 1 99  ? -9.929  9.805   -0.029  1.00 31.76 ? 100 GLU A CA  1 
ATOM   769  C C   . GLU A 1 99  ? -9.258  11.154  -0.184  1.00 28.75 ? 100 GLU A C   1 
ATOM   770  O O   . GLU A 1 99  ? -8.570  11.617  0.714   1.00 26.20 ? 100 GLU A O   1 
ATOM   771  C CB  . GLU A 1 99  ? -11.133 9.976   0.917   1.00 34.76 ? 100 GLU A CB  1 
ATOM   772  C CG  . GLU A 1 99  ? -12.012 8.735   1.080   1.00 35.39 ? 100 GLU A CG  1 
ATOM   773  C CD  . GLU A 1 99  ? -13.382 9.081   1.631   1.00 39.18 ? 100 GLU A CD  1 
ATOM   774  O OE1 . GLU A 1 99  ? -14.097 9.879   0.981   1.00 40.76 ? 100 GLU A OE1 1 
ATOM   775  O OE2 . GLU A 1 99  ? -13.740 8.572   2.713   1.00 41.43 ? 100 GLU A OE2 1 
ATOM   776  N N   . TRP A 1 100 ? -9.457  11.783  -1.325  1.00 29.98 ? 101 TRP A N   1 
ATOM   777  C CA  . TRP A 1 100 ? -8.792  13.036  -1.615  1.00 31.90 ? 101 TRP A CA  1 
ATOM   778  C C   . TRP A 1 100 ? -9.426  13.683  -2.816  1.00 37.27 ? 101 TRP A C   1 
ATOM   779  O O   . TRP A 1 100 ? -9.708  13.007  -3.815  1.00 36.46 ? 101 TRP A O   1 
ATOM   780  C CB  . TRP A 1 100 ? -7.307  12.824  -1.892  1.00 30.11 ? 101 TRP A CB  1 
ATOM   781  C CG  . TRP A 1 100 ? -6.994  12.284  -3.226  1.00 30.57 ? 101 TRP A CG  1 
ATOM   782  C CD1 . TRP A 1 100 ? -6.464  12.971  -4.278  1.00 32.27 ? 101 TRP A CD1 1 
ATOM   783  C CD2 . TRP A 1 100 ? -7.166  10.929  -3.675  1.00 32.07 ? 101 TRP A CD2 1 
ATOM   784  N NE1 . TRP A 1 100 ? -6.303  12.135  -5.365  1.00 32.50 ? 101 TRP A NE1 1 
ATOM   785  C CE2 . TRP A 1 100 ? -6.720  10.875  -5.024  1.00 33.44 ? 101 TRP A CE2 1 
ATOM   786  C CE3 . TRP A 1 100 ? -7.643  9.759   -3.075  1.00 31.17 ? 101 TRP A CE3 1 
ATOM   787  C CZ2 . TRP A 1 100 ? -6.746  9.681   -5.786  1.00 33.22 ? 101 TRP A CZ2 1 
ATOM   788  C CZ3 . TRP A 1 100 ? -7.669  8.582   -3.825  1.00 32.39 ? 101 TRP A CZ3 1 
ATOM   789  C CH2 . TRP A 1 100 ? -7.222  8.554   -5.171  1.00 32.68 ? 101 TRP A CH2 1 
ATOM   790  N N   . ASP A 1 101 ? -9.671  14.992  -2.722  1.00 43.59 ? 102 ASP A N   1 
ATOM   791  C CA  . ASP A 1 101 ? -10.037 15.762  -3.902  1.00 47.42 ? 102 ASP A CA  1 
ATOM   792  C C   . ASP A 1 101 ? -11.364 15.251  -4.452  1.00 43.62 ? 102 ASP A C   1 
ATOM   793  O O   . ASP A 1 101 ? -11.582 15.294  -5.652  1.00 43.67 ? 102 ASP A O   1 
ATOM   794  C CB  . ASP A 1 101 ? -8.921  15.580  -4.951  1.00 51.58 ? 102 ASP A CB  1 
ATOM   795  C CG  . ASP A 1 101 ? -8.670  16.813  -5.776  1.00 54.35 ? 102 ASP A CG  1 
ATOM   796  O OD1 . ASP A 1 101 ? -9.595  17.281  -6.469  1.00 52.21 ? 102 ASP A OD1 1 
ATOM   797  O OD2 . ASP A 1 101 ? -7.514  17.293  -5.728  1.00 59.31 ? 102 ASP A OD2 1 
ATOM   798  N N   . GLY A 1 102 ? -12.231 14.731  -3.575  1.00 43.88 ? 103 GLY A N   1 
ATOM   799  C CA  . GLY A 1 102 ? -13.453 14.023  -4.007  1.00 45.41 ? 103 GLY A CA  1 
ATOM   800  C C   . GLY A 1 102 ? -13.268 12.669  -4.713  1.00 46.30 ? 103 GLY A C   1 
ATOM   801  O O   . GLY A 1 102 ? -14.223 12.150  -5.293  1.00 46.54 ? 103 GLY A O   1 
ATOM   802  N N   . LYS A 1 103 ? -12.058 12.096  -4.648  1.00 45.53 ? 104 LYS A N   1 
ATOM   803  C CA  . LYS A 1 103 ? -11.737 10.773  -5.210  1.00 42.24 ? 104 LYS A CA  1 
ATOM   804  C C   . LYS A 1 103 ? -11.503 9.742   -4.093  1.00 38.92 ? 104 LYS A C   1 
ATOM   805  O O   . LYS A 1 103 ? -11.430 10.093  -2.914  1.00 36.55 ? 104 LYS A O   1 
ATOM   806  C CB  . LYS A 1 103 ? -10.499 10.854  -6.120  1.00 42.81 ? 104 LYS A CB  1 
ATOM   807  C CG  . LYS A 1 103 ? -10.660 11.777  -7.317  1.00 44.12 ? 104 LYS A CG  1 
ATOM   808  C CD  . LYS A 1 103 ? -9.321  12.207  -7.901  1.00 46.27 ? 104 LYS A CD  1 
ATOM   809  C CE  . LYS A 1 103 ? -9.482  12.853  -9.284  1.00 51.72 ? 104 LYS A CE  1 
ATOM   810  N NZ  . LYS A 1 103 ? -8.193  13.004  -10.043 1.00 53.35 ? 104 LYS A NZ  1 
ATOM   811  N N   . LYS A 1 104 ? -11.374 8.480   -4.509  1.00 39.63 ? 105 LYS A N   1 
ATOM   812  C CA  . LYS A 1 104 ? -11.348 7.306   -3.648  0.44 38.25 ? 105 LYS A CA  1 
ATOM   813  C C   . LYS A 1 104 ? -10.585 6.158   -4.281  1.00 32.89 ? 105 LYS A C   1 
ATOM   814  O O   . LYS A 1 104 ? -10.808 5.839   -5.447  1.00 32.91 ? 105 LYS A O   1 
ATOM   815  C CB  . LYS A 1 104 ? -12.759 6.794   -3.479  1.00 44.46 ? 105 LYS A CB  1 
ATOM   816  C CG  . LYS A 1 104 ? -13.612 7.581   -2.516  1.00 51.98 ? 105 LYS A CG  1 
ATOM   817  C CD  . LYS A 1 104 ? -14.649 6.688   -1.857  1.00 57.56 ? 105 LYS A CD  1 
ATOM   818  C CE  . LYS A 1 104 ? -14.098 5.994   -0.616  1.00 60.24 ? 105 LYS A CE  1 
ATOM   819  N NZ  . LYS A 1 104 ? -12.818 5.268   -0.846  1.00 63.95 ? 105 LYS A NZ  1 
ATOM   820  N N   . THR A 1 105 ? -9.725  5.500   -3.510  1.00 29.70 ? 106 THR A N   1 
ATOM   821  C CA  . THR A 1 105 ? -9.013  4.298   -3.967  0.68 28.13 ? 106 THR A CA  1 
ATOM   822  C C   . THR A 1 105 ? -8.933  3.389   -2.782  1.00 27.35 ? 106 THR A C   1 
ATOM   823  O O   . THR A 1 105 ? -8.894  3.841   -1.641  1.00 27.40 ? 106 THR A O   1 
ATOM   824  C CB  . THR A 1 105 ? -7.567  4.574   -4.502  1.00 28.56 ? 106 THR A CB  1 
ATOM   825  O OG1 . THR A 1 105 ? -7.009  3.388   -5.119  1.00 29.42 ? 106 THR A OG1 1 
ATOM   826  C CG2 . THR A 1 105 ? -6.638  5.027   -3.388  1.00 28.53 ? 106 THR A CG2 1 
ATOM   827  N N   . ILE A 1 106 ? -8.906  2.100   -3.048  1.00 27.91 ? 107 ILE A N   1 
ATOM   828  C CA  . ILE A 1 106 ? -8.951  1.097   -2.002  1.00 28.67 ? 107 ILE A CA  1 
ATOM   829  C C   . ILE A 1 106 ? -7.819  0.141   -2.301  1.00 26.71 ? 107 ILE A C   1 
ATOM   830  O O   . ILE A 1 106 ? -7.719  -0.369  -3.405  1.00 26.89 ? 107 ILE A O   1 
ATOM   831  C CB  . ILE A 1 106 ? -10.274 0.295   -2.027  1.00 32.14 ? 107 ILE A CB  1 
ATOM   832  C CG1 . ILE A 1 106 ? -11.488 1.219   -2.109  1.00 37.80 ? 107 ILE A CG1 1 
ATOM   833  C CG2 . ILE A 1 106 ? -10.378 -0.634  -0.824  1.00 33.43 ? 107 ILE A CG2 1 
ATOM   834  C CD1 . ILE A 1 106 ? -11.675 2.147   -0.921  1.00 42.12 ? 107 ILE A CD1 1 
ATOM   835  N N   . ILE A 1 107 ? -6.993  -0.103  -1.295  1.00 28.26 ? 108 ILE A N   1 
ATOM   836  C CA  . ILE A 1 107 ? -5.845  -0.996  -1.353  1.00 27.60 ? 108 ILE A CA  1 
ATOM   837  C C   . ILE A 1 107 ? -6.084  -2.086  -0.315  1.00 26.04 ? 108 ILE A C   1 
ATOM   838  O O   . ILE A 1 107 ? -6.200  -1.779  0.863   1.00 24.88 ? 108 ILE A O   1 
ATOM   839  C CB  . ILE A 1 107 ? -4.569  -0.216  -0.969  1.00 29.72 ? 108 ILE A CB  1 
ATOM   840  C CG1 . ILE A 1 107 ? -4.370  0.962   -1.925  1.00 32.25 ? 108 ILE A CG1 1 
ATOM   841  C CG2 . ILE A 1 107 ? -3.339  -1.113  -0.939  1.00 29.85 ? 108 ILE A CG2 1 
ATOM   842  C CD1 . ILE A 1 107 ? -3.482  2.048   -1.350  1.00 34.25 ? 108 ILE A CD1 1 
ATOM   843  N N   . THR A 1 108 ? -6.176  -3.347  -0.738  1.00 26.00 ? 109 THR A N   1 
ATOM   844  C CA  . THR A 1 108 ? -6.268  -4.467  0.224   1.00 27.04 ? 109 THR A CA  1 
ATOM   845  C C   . THR A 1 108 ? -4.920  -5.189  0.307   1.00 24.76 ? 109 THR A C   1 
ATOM   846  O O   . THR A 1 108 ? -4.163  -5.213  -0.655  1.00 25.57 ? 109 THR A O   1 
ATOM   847  C CB  . THR A 1 108 ? -7.423  -5.476  -0.086  1.00 27.63 ? 109 THR A CB  1 
ATOM   848  O OG1 . THR A 1 108 ? -7.151  -6.228  -1.273  1.00 30.43 ? 109 THR A OG1 1 
ATOM   849  C CG2 . THR A 1 108 ? -8.776  -4.778  -0.243  1.00 27.00 ? 109 THR A CG2 1 
ATOM   850  N N   . ARG A 1 109 ? -4.608  -5.732  1.466   1.00 23.55 ? 110 ARG A N   1 
ATOM   851  C CA  . ARG A 1 109 ? -3.396  -6.535  1.621   1.00 25.34 ? 110 ARG A CA  1 
ATOM   852  C C   . ARG A 1 109 ? -3.784  -7.804  2.323   1.00 26.76 ? 110 ARG A C   1 
ATOM   853  O O   . ARG A 1 109 ? -4.413  -7.740  3.353   1.00 28.39 ? 110 ARG A O   1 
ATOM   854  C CB  . ARG A 1 109 ? -2.343  -5.803  2.435   1.00 23.73 ? 110 ARG A CB  1 
ATOM   855  C CG  . ARG A 1 109 ? -1.902  -4.503  1.798   1.00 24.23 ? 110 ARG A CG  1 
ATOM   856  C CD  . ARG A 1 109 ? -0.753  -3.862  2.559   1.00 25.19 ? 110 ARG A CD  1 
ATOM   857  N NE  . ARG A 1 109 ? -0.134  -2.806  1.762   1.00 26.12 ? 110 ARG A NE  1 
ATOM   858  C CZ  . ARG A 1 109 ? -0.529  -1.532  1.739   1.00 27.19 ? 110 ARG A CZ  1 
ATOM   859  N NH1 . ARG A 1 109 ? -1.554  -1.123  2.491   1.00 26.67 ? 110 ARG A NH1 1 
ATOM   860  N NH2 . ARG A 1 109 ? 0.107   -0.652  0.956   1.00 26.26 ? 110 ARG A NH2 1 
ATOM   861  N N   . LYS A 1 110 ? -3.478  -8.955  1.745   1.00 29.01 ? 111 LYS A N   1 
ATOM   862  C CA  . LYS A 1 110 ? -3.712  -10.202 2.449   1.00 31.56 ? 111 LYS A CA  1 
ATOM   863  C C   . LYS A 1 110 ? -2.525  -11.097 2.314   1.00 29.57 ? 111 LYS A C   1 
ATOM   864  O O   . LYS A 1 110 ? -1.599  -10.824 1.556   1.00 28.59 ? 111 LYS A O   1 
ATOM   865  C CB  . LYS A 1 110 ? -4.988  -10.893 1.976   1.00 34.78 ? 111 LYS A CB  1 
ATOM   866  C CG  . LYS A 1 110 ? -5.048  -11.196 0.499   1.00 40.26 ? 111 LYS A CG  1 
ATOM   867  C CD  . LYS A 1 110 ? -6.491  -11.391 0.016   1.00 45.36 ? 111 LYS A CD  1 
ATOM   868  C CE  . LYS A 1 110 ? -7.384  -10.196 0.352   1.00 50.51 ? 111 LYS A CE  1 
ATOM   869  N NZ  . LYS A 1 110 ? -8.529  -9.986  -0.591  1.00 55.38 ? 111 LYS A NZ  1 
ATOM   870  N N   . LEU A 1 111 ? -2.548  -12.157 3.099   1.00 28.15 ? 112 LEU A N   1 
ATOM   871  C CA  . LEU A 1 111 ? -1.517  -13.152 3.055   1.00 28.85 ? 112 LEU A CA  1 
ATOM   872  C C   . LEU A 1 111 ? -2.052  -14.364 2.368   1.00 28.64 ? 112 LEU A C   1 
ATOM   873  O O   . LEU A 1 111 ? -2.990  -14.991 2.860   1.00 31.17 ? 112 LEU A O   1 
ATOM   874  C CB  . LEU A 1 111 ? -1.091  -13.512 4.471   1.00 30.45 ? 112 LEU A CB  1 
ATOM   875  C CG  . LEU A 1 111 ? -0.161  -12.445 4.992   1.00 32.63 ? 112 LEU A CG  1 
ATOM   876  C CD1 . LEU A 1 111 ? -0.312  -12.313 6.489   1.00 36.77 ? 112 LEU A CD1 1 
ATOM   877  C CD2 . LEU A 1 111 ? 1.265   -12.786 4.610   1.00 33.77 ? 112 LEU A CD2 1 
ATOM   878  N N   . VAL A 1 112 ? -1.452  -14.697 1.235   1.00 28.14 ? 113 VAL A N   1 
ATOM   879  C CA  . VAL A 1 112 ? -1.792  -15.910 0.518   1.00 27.05 ? 113 VAL A CA  1 
ATOM   880  C C   . VAL A 1 112 ? -0.529  -16.707 0.302   1.00 26.83 ? 113 VAL A C   1 
ATOM   881  O O   . VAL A 1 112 ? 0.382   -16.223 -0.386  1.00 27.66 ? 113 VAL A O   1 
ATOM   882  C CB  . VAL A 1 112 ? -2.417  -15.561 -0.842  1.00 27.96 ? 113 VAL A CB  1 
ATOM   883  C CG1 . VAL A 1 112 ? -2.653  -16.815 -1.685  1.00 28.13 ? 113 VAL A CG1 1 
ATOM   884  C CG2 . VAL A 1 112 ? -3.716  -14.812 -0.603  1.00 27.96 ? 113 VAL A CG2 1 
ATOM   885  N N   . ASP A 1 113 ? -0.494  -17.926 0.850   1.00 25.08 ? 114 ASP A N   1 
ATOM   886  C CA  . ASP A 1 113 ? 0.678   -18.819 0.765   1.00 24.91 ? 114 ASP A CA  1 
ATOM   887  C C   . ASP A 1 113 ? 1.972   -18.092 1.205   1.00 24.44 ? 114 ASP A C   1 
ATOM   888  O O   . ASP A 1 113 ? 2.999   -18.105 0.507   1.00 24.51 ? 114 ASP A O   1 
ATOM   889  C CB  . ASP A 1 113 ? 0.797   -19.371 -0.665  1.00 23.29 ? 114 ASP A CB  1 
ATOM   890  C CG  . ASP A 1 113 ? 1.651   -20.612 -0.763  0.49 21.84 ? 114 ASP A CG  1 
ATOM   891  O OD1 . ASP A 1 113 ? 1.826   -21.363 0.218   0.52 21.88 ? 114 ASP A OD1 1 
ATOM   892  O OD2 . ASP A 1 113 ? 2.122   -20.855 -1.872  0.76 21.16 ? 114 ASP A OD2 1 
ATOM   893  N N   . GLY A 1 114 ? 1.905   -17.441 2.362   1.00 26.15 ? 115 GLY A N   1 
ATOM   894  C CA  . GLY A 1 114 ? 3.063   -16.737 2.934   1.00 28.09 ? 115 GLY A CA  1 
ATOM   895  C C   . GLY A 1 114 ? 3.512   -15.457 2.237   1.00 28.87 ? 115 GLY A C   1 
ATOM   896  O O   . GLY A 1 114 ? 4.532   -14.875 2.617   1.00 32.72 ? 115 GLY A O   1 
ATOM   897  N N   . GLN A 1 115 ? 2.750   -15.002 1.238   1.00 27.78 ? 116 GLN A N   1 
ATOM   898  C CA  . GLN A 1 115 ? 3.107   -13.823 0.453   1.00 25.97 ? 116 GLN A CA  1 
ATOM   899  C C   . GLN A 1 115 ? 2.107   -12.702 0.704   1.00 26.20 ? 116 GLN A C   1 
ATOM   900  O O   . GLN A 1 115 ? 0.893   -12.961 0.876   1.00 29.75 ? 116 GLN A O   1 
ATOM   901  C CB  . GLN A 1 115 ? 3.183   -14.183 -1.044  1.00 25.47 ? 116 GLN A CB  1 
ATOM   902  C CG  . GLN A 1 115 ? 4.050   -15.400 -1.309  1.00 24.94 ? 116 GLN A CG  1 
ATOM   903  C CD  . GLN A 1 115 ? 4.385   -15.618 -2.769  1.00 25.86 ? 116 GLN A CD  1 
ATOM   904  O OE1 . GLN A 1 115 ? 3.513   -15.620 -3.648  1.00 24.35 ? 116 GLN A OE1 1 
ATOM   905  N NE2 . GLN A 1 115 ? 5.669   -15.821 -3.036  1.00 26.34 ? 116 GLN A NE2 1 
ATOM   906  N N   . LEU A 1 116 ? 2.618   -11.472 0.739   1.00 23.47 ? 117 LEU A N   1 
ATOM   907  C CA  . LEU A 1 116 ? 1.788   -10.294 0.860   1.00 23.04 ? 117 LEU A CA  1 
ATOM   908  C C   . LEU A 1 116 ? 1.253   -9.922  -0.501  1.00 22.35 ? 117 LEU A C   1 
ATOM   909  O O   . LEU A 1 116 ? 1.996   -9.495  -1.400  1.00 21.99 ? 117 LEU A O   1 
ATOM   910  C CB  . LEU A 1 116 ? 2.571   -9.118  1.434   1.00 23.32 ? 117 LEU A CB  1 
ATOM   911  C CG  . LEU A 1 116 ? 1.751   -7.880  1.787   1.00 24.08 ? 117 LEU A CG  1 
ATOM   912  C CD1 . LEU A 1 116 ? 0.785   -8.221  2.921   1.00 22.77 ? 117 LEU A CD1 1 
ATOM   913  C CD2 . LEU A 1 116 ? 2.655   -6.663  2.131   1.00 23.01 ? 117 LEU A CD2 1 
ATOM   914  N N   . VAL A 1 117 ? -0.052  -10.097 -0.647  1.00 20.26 ? 118 VAL A N   1 
ATOM   915  C CA  . VAL A 1 117 ? -0.721  -9.822  -1.881  1.00 20.46 ? 118 VAL A CA  1 
ATOM   916  C C   . VAL A 1 117 ? -1.503  -8.520  -1.724  1.00 21.42 ? 118 VAL A C   1 
ATOM   917  O O   . VAL A 1 117 ? -2.449  -8.455  -0.923  1.00 20.29 ? 118 VAL A O   1 
ATOM   918  C CB  . VAL A 1 117 ? -1.667  -10.973 -2.240  1.00 20.16 ? 118 VAL A CB  1 
ATOM   919  C CG1 . VAL A 1 117 ? -2.453  -10.650 -3.494  1.00 20.42 ? 118 VAL A CG1 1 
ATOM   920  C CG2 . VAL A 1 117 ? -0.861  -12.246 -2.415  1.00 20.45 ? 118 VAL A CG2 1 
ATOM   921  N N   . VAL A 1 118 ? -1.090  -7.499  -2.492  1.00 21.81 ? 119 VAL A N   1 
ATOM   922  C CA  . VAL A 1 118 ? -1.665  -6.165  -2.436  1.00 23.51 ? 119 VAL A CA  1 
ATOM   923  C C   . VAL A 1 118 ? -2.449  -5.884  -3.712  1.00 24.04 ? 119 VAL A C   1 
ATOM   924  O O   . VAL A 1 118 ? -1.916  -5.942  -4.815  1.00 24.76 ? 119 VAL A O   1 
ATOM   925  C CB  . VAL A 1 118 ? -0.569  -5.096  -2.258  1.00 25.04 ? 119 VAL A CB  1 
ATOM   926  C CG1 . VAL A 1 118 ? -1.177  -3.726  -1.980  1.00 25.11 ? 119 VAL A CG1 1 
ATOM   927  C CG2 . VAL A 1 118 ? 0.373   -5.488  -1.128  1.00 25.50 ? 119 VAL A CG2 1 
ATOM   928  N N   . GLU A 1 119 ? -3.723  -5.566  -3.542  1.00 24.43 ? 120 GLU A N   1 
ATOM   929  C CA  . GLU A 1 119 ? -4.645  -5.349  -4.648  1.00 23.68 ? 120 GLU A CA  1 
ATOM   930  C C   . GLU A 1 119 ? -5.182  -3.957  -4.494  1.00 23.18 ? 120 GLU A C   1 
ATOM   931  O O   . GLU A 1 119 ? -5.705  -3.630  -3.444  1.00 25.74 ? 120 GLU A O   1 
ATOM   932  C CB  . GLU A 1 119 ? -5.777  -6.380  -4.552  1.00 24.31 ? 120 GLU A CB  1 
ATOM   933  C CG  . GLU A 1 119 ? -5.285  -7.814  -4.770  1.00 25.74 ? 120 GLU A CG  1 
ATOM   934  C CD  . GLU A 1 119 ? -6.355  -8.862  -4.497  1.00 27.48 ? 120 GLU A CD  1 
ATOM   935  O OE1 . GLU A 1 119 ? -6.492  -9.309  -3.334  1.00 27.91 ? 120 GLU A OE1 1 
ATOM   936  O OE2 . GLU A 1 119 ? -7.042  -9.278  -5.464  1.00 28.87 ? 120 GLU A OE2 1 
ATOM   937  N N   . CYS A 1 120 ? -5.047  -3.126  -5.517  1.00 23.46 ? 121 CYS A N   1 
ATOM   938  C CA  . CYS A 1 120 ? -5.500  -1.749  -5.474  0.51 20.77 ? 121 CYS A CA  1 
ATOM   939  C C   . CYS A 1 120 ? -6.570  -1.539  -6.539  1.00 23.45 ? 121 CYS A C   1 
ATOM   940  O O   . CYS A 1 120 ? -6.457  -2.063  -7.667  1.00 23.57 ? 121 CYS A O   1 
ATOM   941  C CB  . CYS A 1 120 ? -4.332  -0.828  -5.733  0.51 19.31 ? 121 CYS A CB  1 
ATOM   942  S SG  . CYS A 1 120 ? -2.800  -1.278  -4.889  0.51 17.01 ? 121 CYS A SG  1 
ATOM   943  N N   . ASP A 1 121 ? -7.633  -0.822  -6.171  1.00 25.02 ? 122 ASP A N   1 
ATOM   944  C CA  . ASP A 1 121 ? -8.684  -0.416  -7.100  1.00 25.18 ? 122 ASP A CA  1 
ATOM   945  C C   . ASP A 1 121 ? -8.855  1.098   -7.080  1.00 25.24 ? 122 ASP A C   1 
ATOM   946  O O   . ASP A 1 121 ? -8.905  1.720   -6.009  1.00 24.49 ? 122 ASP A O   1 
ATOM   947  C CB  . ASP A 1 121 ? -10.007 -1.051  -6.719  1.00 25.70 ? 122 ASP A CB  1 
ATOM   948  C CG  . ASP A 1 121 ? -11.145 -0.649  -7.654  1.00 28.04 ? 122 ASP A CG  1 
ATOM   949  O OD1 . ASP A 1 121 ? -11.407 0.574   -7.796  1.00 29.39 ? 122 ASP A OD1 1 
ATOM   950  O OD2 . ASP A 1 121 ? -11.799 -1.566  -8.230  1.00 28.73 ? 122 ASP A OD2 1 
ATOM   951  N N   . MET A 1 122 ? -8.981  1.653   -8.277  1.00 26.53 ? 123 MET A N   1 
ATOM   952  C CA  . MET A 1 122 ? -9.245  3.060   -8.507  1.00 30.76 ? 123 MET A CA  1 
ATOM   953  C C   . MET A 1 122 ? -10.140 3.126   -9.740  1.00 29.79 ? 123 MET A C   1 
ATOM   954  O O   . MET A 1 122 ? -9.676  2.869   -10.842 1.00 30.38 ? 123 MET A O   1 
ATOM   955  C CB  . MET A 1 122 ? -7.897  3.767   -8.755  1.00 33.78 ? 123 MET A CB  1 
ATOM   956  C CG  . MET A 1 122 ? -7.929  5.214   -9.212  1.00 35.11 ? 123 MET A CG  1 
ATOM   957  S SD  . MET A 1 122 ? -8.675  6.373   -8.091  1.00 42.46 ? 123 MET A SD  1 
ATOM   958  C CE  . MET A 1 122 ? -8.014  7.880   -8.756  1.00 38.71 ? 123 MET A CE  1 
ATOM   959  N N   . ASN A 1 123 ? -11.414 3.458   -9.549  1.00 29.98 ? 124 ASN A N   1 
ATOM   960  C CA  . ASN A 1 123 ? -12.399 3.521   -10.627 1.00 29.23 ? 124 ASN A CA  1 
ATOM   961  C C   . ASN A 1 123 ? -12.512 2.194   -11.406 1.00 29.52 ? 124 ASN A C   1 
ATOM   962  O O   . ASN A 1 123 ? -12.639 2.206   -12.629 1.00 28.73 ? 124 ASN A O   1 
ATOM   963  C CB  . ASN A 1 123 ? -12.058 4.657   -11.619 1.00 32.73 ? 124 ASN A CB  1 
ATOM   964  C CG  . ASN A 1 123 ? -12.122 6.040   -10.992 1.00 33.61 ? 124 ASN A CG  1 
ATOM   965  O OD1 . ASN A 1 123 ? -12.852 6.271   -10.044 1.00 35.53 ? 124 ASN A OD1 1 
ATOM   966  N ND2 . ASN A 1 123 ? -11.355 6.971   -11.541 1.00 35.78 ? 124 ASN A ND2 1 
ATOM   967  N N   . GLY A 1 124 ? -12.445 1.048   -10.723 1.00 28.63 ? 125 GLY A N   1 
ATOM   968  C CA  . GLY A 1 124 ? -12.461 -0.221  -11.438 1.00 27.51 ? 125 GLY A CA  1 
ATOM   969  C C   . GLY A 1 124 ? -11.168 -0.551  -12.184 1.00 27.20 ? 125 GLY A C   1 
ATOM   970  O O   . GLY A 1 124 ? -11.016 -1.650  -12.718 1.00 26.98 ? 125 GLY A O   1 
ATOM   971  N N   . ILE A 1 125 ? -10.215 0.379   -12.218 1.00 26.93 ? 126 ILE A N   1 
ATOM   972  C CA  . ILE A 1 125 ? -8.862  0.037   -12.653 1.00 27.67 ? 126 ILE A CA  1 
ATOM   973  C C   . ILE A 1 125 ? -8.127  -0.719  -11.561 1.00 27.67 ? 126 ILE A C   1 
ATOM   974  O O   . ILE A 1 125 ? -7.881  -0.187  -10.482 1.00 25.43 ? 126 ILE A O   1 
ATOM   975  C CB  . ILE A 1 125 ? -8.052  1.263   -13.062 1.00 28.48 ? 126 ILE A CB  1 
ATOM   976  C CG1 . ILE A 1 125 ? -8.767  1.992   -14.222 1.00 32.05 ? 126 ILE A CG1 1 
ATOM   977  C CG2 . ILE A 1 125 ? -6.631  0.863   -13.421 1.00 28.02 ? 126 ILE A CG2 1 
ATOM   978  C CD1 . ILE A 1 125 ? -9.246  1.080   -15.359 1.00 32.48 ? 126 ILE A CD1 1 
ATOM   979  N N   . LYS A 1 126 ? -7.765  -1.965  -11.877 1.00 28.52 ? 127 LYS A N   1 
ATOM   980  C CA  . LYS A 1 126 ? -7.150  -2.848  -10.915 1.00 28.51 ? 127 LYS A CA  1 
ATOM   981  C C   . LYS A 1 126 ? -5.677  -3.112  -11.127 1.00 28.27 ? 127 LYS A C   1 
ATOM   982  O O   . LYS A 1 126 ? -5.208  -3.217  -12.244 1.00 30.06 ? 127 LYS A O   1 
ATOM   983  C CB  . LYS A 1 126 ? -7.936  -4.144  -10.863 1.00 27.86 ? 127 LYS A CB  1 
ATOM   984  C CG  . LYS A 1 126 ? -9.176  -3.902  -10.059 1.00 28.21 ? 127 LYS A CG  1 
ATOM   985  C CD  . LYS A 1 126 ? -10.182 -4.985  -10.228 1.00 29.28 ? 127 LYS A CD  1 
ATOM   986  C CE  . LYS A 1 126 ? -11.463 -4.576  -9.555  1.00 29.28 ? 127 LYS A CE  1 
ATOM   987  N NZ  . LYS A 1 126 ? -11.271 -3.969  -8.209  1.00 30.06 ? 127 LYS A NZ  1 
ATOM   988  N N   . CYS A 1 127 ? -4.965  -3.229  -10.012 1.00 29.19 ? 128 CYS A N   1 
ATOM   989  C CA  . CYS A 1 127 ? -3.563  -3.596  -10.007 0.60 26.21 ? 128 CYS A CA  1 
ATOM   990  C C   . CYS A 1 127 ? -3.334  -4.552  -8.844  1.00 25.13 ? 128 CYS A C   1 
ATOM   991  O O   . CYS A 1 127 ? -4.054  -4.517  -7.836  1.00 27.34 ? 128 CYS A O   1 
ATOM   992  C CB  . CYS A 1 127 ? -2.739  -2.320  -9.919  0.60 25.97 ? 128 CYS A CB  1 
ATOM   993  S SG  . CYS A 1 127 ? -1.440  -2.276  -8.691  0.60 28.68 ? 128 CYS A SG  1 
ATOM   994  N N   . VAL A 1 128 ? -2.368  -5.449  -8.996  1.00 25.56 ? 129 VAL A N   1 
ATOM   995  C CA  . VAL A 1 128 ? -1.994  -6.406  -7.933  1.00 24.24 ? 129 VAL A CA  1 
ATOM   996  C C   . VAL A 1 128 ? -0.471  -6.548  -7.870  1.00 24.04 ? 129 VAL A C   1 
ATOM   997  O O   . VAL A 1 128 ? 0.194   -6.725  -8.906  1.00 26.59 ? 129 VAL A O   1 
ATOM   998  C CB  . VAL A 1 128 ? -2.652  -7.794  -8.120  1.00 23.23 ? 129 VAL A CB  1 
ATOM   999  C CG1 . VAL A 1 128 ? -2.423  -8.350  -9.517  1.00 24.38 ? 129 VAL A CG1 1 
ATOM   1000 C CG2 . VAL A 1 128 ? -2.141  -8.789  -7.105  1.00 23.57 ? 129 VAL A CG2 1 
ATOM   1001 N N   . ARG A 1 129 ? 0.063   -6.453  -6.655  1.00 21.94 ? 130 ARG A N   1 
ATOM   1002 C CA  . ARG A 1 129 ? 1.498   -6.573  -6.406  1.00 22.65 ? 130 ARG A CA  1 
ATOM   1003 C C   . ARG A 1 129 ? 1.709   -7.600  -5.297  1.00 23.63 ? 130 ARG A C   1 
ATOM   1004 O O   . ARG A 1 129 ? 0.916   -7.650  -4.349  1.00 23.73 ? 130 ARG A O   1 
ATOM   1005 C CB  . ARG A 1 129 ? 2.063   -5.211  -5.985  1.00 22.32 ? 130 ARG A CB  1 
ATOM   1006 C CG  . ARG A 1 129 ? 2.211   -4.234  -7.151  1.00 21.77 ? 130 ARG A CG  1 
ATOM   1007 C CD  . ARG A 1 129 ? 2.137   -2.785  -6.724  1.00 21.48 ? 130 ARG A CD  1 
ATOM   1008 N NE  . ARG A 1 129 ? 3.380   -2.280  -6.142  1.00 23.51 ? 130 ARG A NE  1 
ATOM   1009 C CZ  . ARG A 1 129 ? 4.548   -2.105  -6.785  1.00 22.87 ? 130 ARG A CZ  1 
ATOM   1010 N NH1 . ARG A 1 129 ? 4.695   -2.412  -8.084  1.00 20.79 ? 130 ARG A NH1 1 
ATOM   1011 N NH2 . ARG A 1 129 ? 5.595   -1.616  -6.098  1.00 22.68 ? 130 ARG A NH2 1 
ATOM   1012 N N   . VAL A 1 130 ? 2.749   -8.429  -5.426  1.00 22.12 ? 131 VAL A N   1 
ATOM   1013 C CA  . VAL A 1 130 ? 2.996   -9.500  -4.496  0.45 21.43 ? 131 VAL A CA  1 
ATOM   1014 C C   . VAL A 1 130 ? 4.406   -9.348  -3.943  1.00 21.87 ? 131 VAL A C   1 
ATOM   1015 O O   . VAL A 1 130 ? 5.345   -9.122  -4.702  1.00 22.49 ? 131 VAL A O   1 
ATOM   1016 C CB  . VAL A 1 130 ? 2.834   -10.848 -5.199  1.00 21.35 ? 131 VAL A CB  1 
ATOM   1017 C CG1 . VAL A 1 130 ? 3.033   -12.014 -4.244  1.00 21.21 ? 131 VAL A CG1 1 
ATOM   1018 C CG2 . VAL A 1 130 ? 1.447   -10.949 -5.810  1.00 23.04 ? 131 VAL A CG2 1 
ATOM   1019 N N   . TYR A 1 131 ? 4.532   -9.441  -2.621  1.00 21.14 ? 132 TYR A N   1 
ATOM   1020 C CA  . TYR A 1 131 ? 5.802   -9.364  -1.952  1.00 21.42 ? 132 TYR A CA  1 
ATOM   1021 C C   . TYR A 1 131 ? 6.127   -10.674 -1.238  1.00 21.37 ? 132 TYR A C   1 
ATOM   1022 O O   . TYR A 1 131 ? 5.249   -11.411 -0.792  1.00 21.07 ? 132 TYR A O   1 
ATOM   1023 C CB  . TYR A 1 131 ? 5.816   -8.250  -0.921  1.00 20.79 ? 132 TYR A CB  1 
ATOM   1024 C CG  . TYR A 1 131 ? 5.529   -6.860  -1.449  1.00 20.38 ? 132 TYR A CG  1 
ATOM   1025 C CD1 . TYR A 1 131 ? 4.255   -6.509  -1.890  1.00 19.72 ? 132 TYR A CD1 1 
ATOM   1026 C CD2 . TYR A 1 131 ? 6.532   -5.873  -1.450  1.00 19.36 ? 132 TYR A CD2 1 
ATOM   1027 C CE1 . TYR A 1 131 ? 3.976   -5.221  -2.341  1.00 19.21 ? 132 TYR A CE1 1 
ATOM   1028 C CE2 . TYR A 1 131 ? 6.277   -4.607  -1.910  1.00 19.93 ? 132 TYR A CE2 1 
ATOM   1029 C CZ  . TYR A 1 131 ? 5.000   -4.278  -2.369  1.00 20.63 ? 132 TYR A CZ  1 
ATOM   1030 O OH  . TYR A 1 131 ? 4.744   -2.983  -2.826  1.00 21.95 ? 132 TYR A OH  1 
ATOM   1031 N N   . GLN A 1 132 ? 7.418   -10.925 -1.128  1.00 22.01 ? 133 GLN A N   1 
ATOM   1032 C CA  . GLN A 1 132 ? 7.954   -12.100 -0.469  1.00 25.24 ? 133 GLN A CA  1 
ATOM   1033 C C   . GLN A 1 132 ? 8.623   -11.628 0.810   1.00 26.04 ? 133 GLN A C   1 
ATOM   1034 O O   . GLN A 1 132 ? 9.274   -10.584 0.816   1.00 24.19 ? 133 GLN A O   1 
ATOM   1035 C CB  . GLN A 1 132 ? 8.990   -12.750 -1.388  1.00 27.06 ? 133 GLN A CB  1 
ATOM   1036 C CG  . GLN A 1 132 ? 9.575   -14.059 -0.884  1.00 29.39 ? 133 GLN A CG  1 
ATOM   1037 C CD  . GLN A 1 132 ? 8.715   -15.258 -1.247  1.00 30.88 ? 133 GLN A CD  1 
ATOM   1038 O OE1 . GLN A 1 132 ? 7.591   -15.420 -0.761  1.00 30.01 ? 133 GLN A OE1 1 
ATOM   1039 N NE2 . GLN A 1 132 ? 9.248   -16.112 -2.101  1.00 32.55 ? 133 GLN A NE2 1 
ATOM   1040 N N   . LYS A 1 133 ? 8.463   -12.380 1.894   1.00 29.39 ? 134 LYS A N   1 
ATOM   1041 C CA  . LYS A 1 133 ? 9.232   -12.106 3.105   1.00 34.69 ? 134 LYS A CA  1 
ATOM   1042 C C   . LYS A 1 133 ? 10.688  -12.015 2.715   1.00 35.63 ? 134 LYS A C   1 
ATOM   1043 O O   . LYS A 1 133 ? 11.164  -12.831 1.910   1.00 39.01 ? 134 LYS A O   1 
ATOM   1044 C CB  . LYS A 1 133 ? 9.079   -13.226 4.147   1.00 38.48 ? 134 LYS A CB  1 
ATOM   1045 C CG  . LYS A 1 133 ? 7.655   -13.507 4.594   1.00 42.07 ? 134 LYS A CG  1 
ATOM   1046 C CD  . LYS A 1 133 ? 7.527   -13.674 6.107   1.00 46.59 ? 134 LYS A CD  1 
ATOM   1047 C CE  . LYS A 1 133 ? 7.158   -12.362 6.792   1.00 47.82 ? 134 LYS A CE  1 
ATOM   1048 N NZ  . LYS A 1 133 ? 7.946   -11.187 6.306   1.00 51.43 ? 134 LYS A NZ  1 
ATOM   1049 N N   . ALA A 1 134 ? 11.401  -11.040 3.267   1.00 37.02 ? 135 ALA A N   1 
ATOM   1050 C CA  . ALA A 1 134 ? 12.831  -10.893 2.970   1.00 40.30 ? 135 ALA A CA  1 
ATOM   1051 C C   . ALA A 1 134 ? 13.658  -12.097 3.440   1.00 40.97 ? 135 ALA A C   1 
ATOM   1052 O O   . ALA A 1 134 ? 13.272  -12.782 4.402   1.00 44.07 ? 135 ALA A O   1 
ATOM   1053 C CB  . ALA A 1 134 ? 13.364  -9.623  3.595   1.00 43.15 ? 135 ALA A CB  1 
HETATM 1054 C C1  . PAM B 2 .   ? 1.108   0.771   -3.185  1.00 62.47 ? 201 PAM A C1  1 
HETATM 1055 O O1  . PAM B 2 .   ? 0.406   -0.175  -2.753  1.00 64.17 ? 201 PAM A O1  1 
HETATM 1056 O O2  . PAM B 2 .   ? 2.357   0.700   -3.319  1.00 67.14 ? 201 PAM A O2  1 
HETATM 1057 C C2  . PAM B 2 .   ? 0.396   2.054   -3.563  1.00 57.16 ? 201 PAM A C2  1 
HETATM 1058 C C3  . PAM B 2 .   ? 1.320   3.069   -4.249  1.00 52.49 ? 201 PAM A C3  1 
HETATM 1059 C C4  . PAM B 2 .   ? 0.689   3.630   -5.522  1.00 48.27 ? 201 PAM A C4  1 
HETATM 1060 C C5  . PAM B 2 .   ? 0.968   5.112   -5.664  1.00 48.92 ? 201 PAM A C5  1 
HETATM 1061 C C6  . PAM B 2 .   ? 2.454   5.421   -5.804  1.00 47.21 ? 201 PAM A C6  1 
HETATM 1062 C C7  . PAM B 2 .   ? 2.890   5.504   -7.252  1.00 44.32 ? 201 PAM A C7  1 
HETATM 1063 C C8  . PAM B 2 .   ? 4.400   5.395   -7.277  1.00 44.71 ? 201 PAM A C8  1 
HETATM 1064 C C9  . PAM B 2 .   ? 4.958   6.407   -8.213  1.00 45.41 ? 201 PAM A C9  1 
HETATM 1065 C C10 . PAM B 2 .   ? 6.191   6.878   -8.088  1.00 47.09 ? 201 PAM A C10 1 
HETATM 1066 C C11 . PAM B 2 .   ? 7.176   6.497   -7.030  1.00 48.93 ? 201 PAM A C11 1 
HETATM 1067 C C12 . PAM B 2 .   ? 7.903   5.265   -7.530  1.00 48.97 ? 201 PAM A C12 1 
HETATM 1068 C C13 . PAM B 2 .   ? 8.875   4.776   -6.480  1.00 46.95 ? 201 PAM A C13 1 
HETATM 1069 C C14 . PAM B 2 .   ? 8.120   4.011   -5.409  1.00 47.19 ? 201 PAM A C14 1 
HETATM 1070 C C15 . PAM B 2 .   ? 7.963   2.540   -5.773  1.00 47.55 ? 201 PAM A C15 1 
HETATM 1071 C C16 . PAM B 2 .   ? 6.621   1.985   -5.310  1.00 49.15 ? 201 PAM A C16 1 
HETATM 1072 O O   . HOH C 3 .   ? -4.219  -0.443  23.387  1.00 38.40 ? 301 HOH A O   1 
HETATM 1073 O O   . HOH C 3 .   ? -16.026 -14.011 12.701  1.00 28.96 ? 302 HOH A O   1 
HETATM 1074 O O   . HOH C 3 .   ? -5.411  -8.125  -1.436  1.00 22.49 ? 303 HOH A O   1 
HETATM 1075 O O   . HOH C 3 .   ? -12.993 -3.152  -12.096 1.00 23.17 ? 304 HOH A O   1 
HETATM 1076 O O   . HOH C 3 .   ? 1.048   6.521   17.979  1.00 20.62 ? 305 HOH A O   1 
HETATM 1077 O O   . HOH C 3 .   ? 0.652   -16.073 -2.948  1.00 24.41 ? 306 HOH A O   1 
HETATM 1078 O O   . HOH C 3 .   ? 4.158   0.927   -0.894  1.00 30.85 ? 307 HOH A O   1 
HETATM 1079 O O   . HOH C 3 .   ? 4.601   3.132   2.755   1.00 27.47 ? 308 HOH A O   1 
HETATM 1080 O O   . HOH C 3 .   ? 7.006   -14.916 1.725   1.00 20.71 ? 309 HOH A O   1 
HETATM 1081 O O   . HOH C 3 .   ? 3.439   -22.522 -3.387  1.00 20.13 ? 310 HOH A O   1 
HETATM 1082 O O   . HOH C 3 .   ? 7.587   0.883   15.295  1.00 30.05 ? 311 HOH A O   1 
HETATM 1083 O O   . HOH C 3 .   ? -1.404  11.580  -8.572  1.00 35.07 ? 312 HOH A O   1 
HETATM 1084 O O   . HOH C 3 .   ? 2.315   -2.003  -2.617  1.00 33.67 ? 313 HOH A O   1 
HETATM 1085 O O   . HOH C 3 .   ? -0.127  14.741  -11.344 1.00 33.68 ? 314 HOH A O   1 
HETATM 1086 O O   . HOH C 3 .   ? -8.397  -2.927  -14.256 1.00 23.07 ? 315 HOH A O   1 
HETATM 1087 O O   . HOH C 3 .   ? -7.338  2.726   17.552  1.00 32.03 ? 316 HOH A O   1 
HETATM 1088 O O   . HOH C 3 .   ? -4.473  6.405   12.946  1.00 25.84 ? 317 HOH A O   1 
HETATM 1089 O O   . HOH C 3 .   ? -2.796  4.656   -3.773  1.00 25.22 ? 318 HOH A O   1 
HETATM 1090 O O   . HOH C 3 .   ? 2.046   6.674   2.104   1.00 34.96 ? 319 HOH A O   1 
HETATM 1091 O O   . HOH C 3 .   ? 1.330   -9.151  -9.130  1.00 33.84 ? 320 HOH A O   1 
HETATM 1092 O O   . HOH C 3 .   ? 7.210   -1.066  -8.207  1.00 23.12 ? 321 HOH A O   1 
HETATM 1093 O O   . HOH C 3 .   ? -8.655  -2.849  -3.912  1.00 37.49 ? 322 HOH A O   1 
HETATM 1094 O O   . HOH C 3 .   ? -3.735  -0.554  16.223  1.00 31.21 ? 323 HOH A O   1 
HETATM 1095 O O   . HOH C 3 .   ? 10.428  -3.414  19.355  1.00 33.12 ? 324 HOH A O   1 
HETATM 1096 O O   . HOH C 3 .   ? 5.151   1.277   14.136  1.00 19.79 ? 325 HOH A O   1 
HETATM 1097 O O   . HOH C 3 .   ? -6.529  3.771   10.435  1.00 23.80 ? 326 HOH A O   1 
HETATM 1098 O O   . HOH C 3 .   ? -10.773 7.659   4.427   1.00 29.60 ? 327 HOH A O   1 
HETATM 1099 O O   . HOH C 3 .   ? -14.676 11.268  7.960   1.00 29.57 ? 328 HOH A O   1 
HETATM 1100 O O   . HOH C 3 .   ? -4.695  6.717   20.350  1.00 35.58 ? 329 HOH A O   1 
HETATM 1101 O O   . HOH C 3 .   ? 5.029   9.611   3.169   1.00 27.02 ? 330 HOH A O   1 
HETATM 1102 O O   . HOH C 3 .   ? -4.162  -2.301  3.115   1.00 40.09 ? 331 HOH A O   1 
HETATM 1103 O O   . HOH C 3 .   ? -12.230 14.264  -0.697  1.00 33.65 ? 332 HOH A O   1 
HETATM 1104 O O   . HOH C 3 .   ? 12.063  -12.931 7.054   1.00 33.12 ? 333 HOH A O   1 
HETATM 1105 O O   . HOH C 3 .   ? 3.959   12.951  -11.208 1.00 21.50 ? 334 HOH A O   1 
HETATM 1106 O O   . HOH C 3 .   ? -11.950 2.164   -5.407  1.00 31.21 ? 335 HOH A O   1 
HETATM 1107 O O   . HOH C 3 .   ? 13.078  -12.681 -0.311  1.00 23.56 ? 336 HOH A O   1 
HETATM 1108 O O   . HOH C 3 .   ? 2.447   -3.112  0.360   1.00 33.87 ? 337 HOH A O   1 
HETATM 1109 O O   . HOH C 3 .   ? -14.155 -10.619 5.644   1.00 41.23 ? 338 HOH A O   1 
HETATM 1110 O O   . HOH C 3 .   ? 1.883   10.268  5.980   1.00 29.59 ? 339 HOH A O   1 
HETATM 1111 O O   . HOH C 3 .   ? -13.329 11.760  -1.227  1.00 35.86 ? 340 HOH A O   1 
HETATM 1112 O O   . HOH C 3 .   ? 5.473   6.633   9.269   1.00 37.93 ? 341 HOH A O   1 
HETATM 1113 O O   . HOH C 3 .   ? -0.150  -17.760 4.549   1.00 23.15 ? 342 HOH A O   1 
HETATM 1114 O O   . HOH C 3 .   ? 5.720   -8.795  -12.509 1.00 30.19 ? 343 HOH A O   1 
HETATM 1115 O O   . HOH C 3 .   ? -0.989  7.502   19.580  1.00 23.05 ? 344 HOH A O   1 
HETATM 1116 O O   . HOH C 3 .   ? 13.616  10.313  -7.424  1.00 48.62 ? 345 HOH A O   1 
HETATM 1117 O O   . HOH C 3 .   ? 16.851  2.105   5.810   1.00 48.86 ? 346 HOH A O   1 
HETATM 1118 O O   . HOH C 3 .   ? 12.086  10.093  -1.078  1.00 38.51 ? 347 HOH A O   1 
HETATM 1119 O O   . HOH C 3 .   ? 3.072   -3.545  -13.201 1.00 25.49 ? 348 HOH A O   1 
HETATM 1120 O O   . HOH C 3 .   ? -4.929  -12.214 5.192   1.00 34.17 ? 349 HOH A O   1 
HETATM 1121 O O   . HOH C 3 .   ? -6.548  8.739   -15.766 1.00 21.14 ? 350 HOH A O   1 
HETATM 1122 O O   . HOH C 3 .   ? -5.473  12.987  -8.330  1.00 39.73 ? 351 HOH A O   1 
HETATM 1123 O O   . HOH C 3 .   ? 3.912   -4.333  20.624  1.00 25.84 ? 352 HOH A O   1 
HETATM 1124 O O   . HOH C 3 .   ? -16.416 7.446   0.690   1.00 61.72 ? 353 HOH A O   1 
HETATM 1125 O O   . HOH C 3 .   ? -3.388  15.988  -2.929  1.00 20.68 ? 354 HOH A O   1 
HETATM 1126 O O   . HOH C 3 .   ? -0.071  -1.897  -16.381 1.00 17.89 ? 355 HOH A O   1 
HETATM 1127 O O   . HOH C 3 .   ? 4.834   -9.141  17.352  1.00 37.30 ? 356 HOH A O   1 
# 
